data_6KAB
#
_entry.id   6KAB
#
_cell.length_a   71.045
_cell.length_b   90.008
_cell.length_c   100.619
_cell.angle_alpha   76.430
_cell.angle_beta   72.920
_cell.angle_gamma   79.760
#
_symmetry.space_group_name_H-M   'P 1'
#
loop_
_entity.id
_entity.type
_entity.pdbx_description
1 polymer 'Lysine--tRNA ligase'
2 non-polymer (3~{S})-3-(cyclohexylmethyl)-6,8-bis(oxidanyl)-3,4-dihydroisochromen-1-one
3 non-polymer LYSINE
4 water water
#
_entity_poly.entity_id   1
_entity_poly.type   'polypeptide(L)'
_entity_poly.pdbx_seq_one_letter_code
;MEVDPRLYFENRSKFIQDQKDKGINPYPHKFERTISIPEFIEKYKDLGNGEHLEDTILNITGRIMRVSASGQKLRFFDLV
GDGEKIQVLANYSFHNHEKGNFAECYDKIRRGDIVGIVGFPGKSKKGELSIFPKETILLSACLHMLPMKYGLKDTEIRYR
QRYLDLLINESSRHTFVTRTKIINFLRNFLNERGFFEVETPMMNLIAGGANARPFITHHNDLDLDLYLRIATELPLKMLI
VGGIDKVYEIGKVFRNEGIDNTHNPEFTSCEFYWAYADYNDLIKWSEDFFSQLVYHLFGTYKISYNKDGPENQPIEIDFT
PPYPKVSIVEEIEKVTNTILEQPFDSNETIEKMINIIKEHKIELPNPPTAAKLLDQLASHFIENKYNDKPFFIVEHPQIM
SPLAKYHRTKPGLTERLEMFICGKEVLNAYTELNDPFKQKECFKLQQKDREKGDTEAAQLDSAFCTSLEYGLPPTGGLGL
GIDRITMFLTNKNSIKDVILFPTMRPANGGHHHHHH
;
_entity_poly.pdbx_strand_id   A,B,C,D
#
# COMPACT_ATOMS: atom_id res chain seq x y z
N VAL A 3 23.54 -1.73 52.70
CA VAL A 3 24.71 -0.86 52.75
C VAL A 3 25.93 -1.57 52.17
N ASP A 4 26.01 -2.88 52.38
CA ASP A 4 27.20 -3.66 52.04
C ASP A 4 26.85 -4.74 51.01
N PRO A 5 27.05 -4.48 49.72
CA PRO A 5 26.76 -5.53 48.73
C PRO A 5 27.68 -6.73 48.83
N ARG A 6 28.97 -6.50 49.11
CA ARG A 6 29.91 -7.62 49.20
C ARG A 6 29.46 -8.63 50.25
N LEU A 7 29.00 -8.15 51.41
CA LEU A 7 28.50 -9.05 52.44
C LEU A 7 27.18 -9.67 52.04
N TYR A 8 26.29 -8.89 51.41
CA TYR A 8 25.01 -9.42 50.96
C TYR A 8 25.20 -10.58 50.00
N PHE A 9 26.15 -10.46 49.07
CA PHE A 9 26.41 -11.56 48.14
C PHE A 9 27.07 -12.74 48.83
N GLU A 10 27.96 -12.48 49.80
CA GLU A 10 28.59 -13.57 50.54
C GLU A 10 27.58 -14.32 51.39
N ASN A 11 26.59 -13.62 51.94
CA ASN A 11 25.55 -14.29 52.73
C ASN A 11 24.66 -15.15 51.84
N ARG A 12 24.24 -14.62 50.69
CA ARG A 12 23.38 -15.39 49.80
C ARG A 12 24.08 -16.60 49.21
N SER A 13 25.41 -16.51 49.04
CA SER A 13 26.17 -17.68 48.63
C SER A 13 26.11 -18.78 49.69
N LYS A 14 26.18 -18.39 50.97
CA LYS A 14 26.04 -19.37 52.04
C LYS A 14 24.62 -19.93 52.09
N PHE A 15 23.62 -19.09 51.82
CA PHE A 15 22.24 -19.56 51.77
C PHE A 15 22.09 -20.70 50.77
N ILE A 16 22.65 -20.54 49.58
CA ILE A 16 22.55 -21.57 48.55
C ILE A 16 23.25 -22.84 49.01
N GLN A 17 24.44 -22.72 49.61
CA GLN A 17 25.16 -23.90 50.09
C GLN A 17 24.47 -24.49 51.32
N ASP A 18 23.92 -23.63 52.19
CA ASP A 18 23.18 -24.14 53.34
C ASP A 18 21.96 -24.93 52.93
N GLN A 19 21.40 -24.61 51.75
CA GLN A 19 20.29 -25.40 51.22
C GLN A 19 20.75 -26.79 50.81
N LYS A 20 21.86 -26.87 50.05
CA LYS A 20 22.34 -28.16 49.58
C LYS A 20 22.71 -29.08 50.73
N ASP A 21 23.38 -28.53 51.75
CA ASP A 21 23.71 -29.34 52.93
C ASP A 21 22.45 -29.86 53.61
N LYS A 22 21.46 -28.97 53.81
CA LYS A 22 20.20 -29.37 54.45
C LYS A 22 19.16 -29.78 53.42
N GLY A 23 19.56 -30.68 52.51
CA GLY A 23 18.63 -31.33 51.60
C GLY A 23 18.29 -30.62 50.30
N ILE A 24 17.76 -29.40 50.40
CA ILE A 24 17.06 -28.78 49.27
C ILE A 24 18.01 -28.49 48.11
N ASN A 25 17.47 -28.55 46.90
CA ASN A 25 18.17 -28.15 45.69
C ASN A 25 17.66 -26.77 45.27
N PRO A 26 18.49 -25.72 45.32
CA PRO A 26 17.98 -24.38 45.04
C PRO A 26 17.78 -24.09 43.56
N TYR A 27 18.32 -24.90 42.66
CA TYR A 27 18.18 -24.73 41.22
C TYR A 27 17.53 -25.98 40.64
N PRO A 28 16.22 -26.14 40.82
CA PRO A 28 15.54 -27.31 40.24
C PRO A 28 15.54 -27.26 38.72
N HIS A 29 15.35 -28.43 38.12
CA HIS A 29 15.50 -28.57 36.68
C HIS A 29 14.29 -28.04 35.92
N LYS A 30 13.09 -28.47 36.33
CA LYS A 30 11.88 -28.16 35.56
C LYS A 30 10.77 -27.70 36.49
N PHE A 31 10.09 -26.63 36.10
CA PHE A 31 8.83 -26.20 36.70
C PHE A 31 7.86 -26.00 35.54
N GLU A 32 6.95 -26.95 35.36
CA GLU A 32 6.04 -26.91 34.22
C GLU A 32 5.06 -25.76 34.39
N ARG A 33 5.29 -24.68 33.65
CA ARG A 33 4.44 -23.51 33.74
C ARG A 33 3.14 -23.75 32.99
N THR A 34 2.06 -23.17 33.52
CA THR A 34 0.72 -23.29 32.97
C THR A 34 0.24 -22.05 32.24
N ILE A 35 0.62 -20.87 32.73
CA ILE A 35 0.20 -19.60 32.15
C ILE A 35 1.37 -18.63 32.18
N SER A 36 1.38 -17.69 31.25
CA SER A 36 2.32 -16.58 31.32
C SER A 36 1.64 -15.38 31.98
N ILE A 37 2.47 -14.49 32.53
CA ILE A 37 1.92 -13.31 33.20
C ILE A 37 1.11 -12.44 32.25
N PRO A 38 1.53 -12.17 31.01
CA PRO A 38 0.63 -11.45 30.09
C PRO A 38 -0.68 -12.19 29.82
N GLU A 39 -0.63 -13.50 29.52
CA GLU A 39 -1.86 -14.28 29.40
C GLU A 39 -2.68 -14.21 30.67
N PHE A 40 -2.02 -14.18 31.84
CA PHE A 40 -2.73 -14.09 33.10
C PHE A 40 -3.49 -12.78 33.22
N ILE A 41 -2.81 -11.65 32.96
CA ILE A 41 -3.46 -10.35 33.06
C ILE A 41 -4.64 -10.27 32.11
N GLU A 42 -4.47 -10.76 30.87
CA GLU A 42 -5.58 -10.76 29.92
C GLU A 42 -6.73 -11.63 30.41
N LYS A 43 -6.42 -12.82 30.95
CA LYS A 43 -7.46 -13.78 31.29
C LYS A 43 -8.27 -13.34 32.50
N TYR A 44 -7.70 -12.51 33.39
CA TYR A 44 -8.38 -12.21 34.65
C TYR A 44 -8.34 -10.73 35.03
N LYS A 45 -8.05 -9.83 34.09
CA LYS A 45 -8.14 -8.41 34.40
C LYS A 45 -9.59 -7.97 34.55
N ASP A 46 -10.45 -8.44 33.65
CA ASP A 46 -11.89 -8.15 33.74
C ASP A 46 -12.45 -8.99 34.88
N LEU A 47 -12.18 -8.52 36.10
CA LEU A 47 -12.54 -9.23 37.32
C LEU A 47 -12.95 -8.20 38.36
N GLY A 48 -13.91 -8.58 39.21
CA GLY A 48 -14.41 -7.67 40.20
C GLY A 48 -13.46 -7.47 41.36
N ASN A 49 -13.68 -6.38 42.09
CA ASN A 49 -12.90 -6.11 43.30
C ASN A 49 -13.12 -7.20 44.33
N GLY A 50 -12.02 -7.65 44.94
CA GLY A 50 -12.08 -8.68 45.95
C GLY A 50 -12.48 -10.05 45.46
N GLU A 51 -12.73 -10.21 44.16
CA GLU A 51 -13.22 -11.46 43.61
C GLU A 51 -12.09 -12.48 43.53
N HIS A 52 -12.34 -13.67 44.10
CA HIS A 52 -11.41 -14.78 44.05
C HIS A 52 -12.04 -15.92 43.25
N LEU A 53 -11.18 -16.81 42.74
CA LEU A 53 -11.60 -18.00 42.01
C LEU A 53 -10.80 -19.20 42.51
N GLU A 54 -10.86 -19.43 43.81
CA GLU A 54 -9.99 -20.36 44.55
C GLU A 54 -10.14 -21.80 44.07
N ASP A 55 -10.95 -22.03 43.03
CA ASP A 55 -11.09 -23.34 42.41
C ASP A 55 -10.28 -23.52 41.13
N THR A 56 -9.68 -22.46 40.60
CA THR A 56 -8.82 -22.56 39.42
C THR A 56 -7.38 -22.36 39.87
N ILE A 57 -6.62 -23.46 39.92
CA ILE A 57 -5.24 -23.46 40.39
C ILE A 57 -4.32 -23.40 39.17
N LEU A 58 -3.34 -22.50 39.20
CA LEU A 58 -2.49 -22.23 38.05
C LEU A 58 -1.02 -22.28 38.44
N ASN A 59 -0.18 -22.65 37.47
CA ASN A 59 1.27 -22.65 37.63
C ASN A 59 1.83 -21.47 36.84
N ILE A 60 2.45 -20.52 37.56
CA ILE A 60 2.97 -19.31 36.94
C ILE A 60 4.36 -19.04 37.49
N THR A 61 5.24 -18.53 36.63
CA THR A 61 6.61 -18.20 37.01
C THR A 61 6.85 -16.70 36.86
N GLY A 62 7.99 -16.26 37.38
CA GLY A 62 8.35 -14.86 37.30
C GLY A 62 9.48 -14.56 38.25
N ARG A 63 9.84 -13.27 38.29
CA ARG A 63 10.92 -12.79 39.13
C ARG A 63 10.37 -11.77 40.11
N ILE A 64 10.72 -11.94 41.39
CA ILE A 64 10.33 -10.98 42.43
C ILE A 64 11.12 -9.70 42.27
N MET A 65 10.43 -8.56 42.25
CA MET A 65 11.08 -7.24 42.18
C MET A 65 10.61 -6.25 43.23
N ARG A 66 9.57 -6.55 44.01
CA ARG A 66 9.21 -5.73 45.15
C ARG A 66 8.83 -6.66 46.29
N VAL A 67 9.38 -6.39 47.47
CA VAL A 67 9.13 -7.21 48.65
C VAL A 67 8.57 -6.31 49.74
N SER A 68 7.44 -6.72 50.31
CA SER A 68 6.88 -6.08 51.49
C SER A 68 5.98 -7.08 52.18
N ALA A 69 5.59 -6.75 53.42
CA ALA A 69 4.72 -7.62 54.19
C ALA A 69 3.84 -6.77 55.09
N SER A 70 2.62 -7.25 55.31
CA SER A 70 1.67 -6.63 56.23
C SER A 70 1.55 -7.44 57.51
N GLY A 71 2.67 -8.01 57.95
CA GLY A 71 2.70 -8.89 59.10
C GLY A 71 3.23 -10.26 58.72
N GLN A 72 3.33 -11.10 59.75
CA GLN A 72 3.88 -12.45 59.55
C GLN A 72 3.00 -13.32 58.67
N LYS A 73 1.73 -12.97 58.47
CA LYS A 73 0.79 -13.86 57.80
C LYS A 73 0.33 -13.36 56.44
N LEU A 74 0.67 -12.13 56.05
CA LEU A 74 0.34 -11.60 54.73
C LEU A 74 1.60 -11.01 54.11
N ARG A 75 2.06 -11.61 53.02
CA ARG A 75 3.24 -11.14 52.30
C ARG A 75 2.84 -10.60 50.93
N PHE A 76 3.48 -9.51 50.52
CA PHE A 76 3.18 -8.86 49.24
C PHE A 76 4.43 -8.84 48.38
N PHE A 77 4.27 -9.20 47.11
CA PHE A 77 5.38 -9.16 46.16
C PHE A 77 4.92 -8.59 44.83
N ASP A 78 5.88 -8.21 44.01
CA ASP A 78 5.64 -7.85 42.61
C ASP A 78 6.35 -8.87 41.73
N LEU A 79 5.57 -9.61 40.94
CA LEU A 79 6.12 -10.60 40.03
C LEU A 79 6.08 -10.06 38.61
N VAL A 80 7.25 -10.04 37.95
CA VAL A 80 7.38 -9.50 36.60
C VAL A 80 7.70 -10.63 35.64
N GLY A 81 7.28 -10.46 34.39
CA GLY A 81 7.54 -11.42 33.35
C GLY A 81 7.07 -10.92 32.00
N ASP A 82 7.94 -11.03 30.99
CA ASP A 82 7.62 -10.61 29.62
C ASP A 82 7.14 -9.16 29.56
N GLY A 83 7.83 -8.30 30.32
CA GLY A 83 7.53 -6.87 30.31
C GLY A 83 6.33 -6.45 31.10
N GLU A 84 5.61 -7.37 31.73
CA GLU A 84 4.39 -7.07 32.48
C GLU A 84 4.56 -7.52 33.93
N LYS A 85 3.54 -7.27 34.74
CA LYS A 85 3.68 -7.42 36.18
C LYS A 85 2.32 -7.69 36.83
N ILE A 86 2.33 -8.56 37.84
CA ILE A 86 1.22 -8.73 38.77
C ILE A 86 1.78 -8.69 40.18
N GLN A 87 0.89 -8.43 41.14
CA GLN A 87 1.25 -8.51 42.56
C GLN A 87 1.03 -9.92 43.07
N VAL A 88 1.91 -10.38 43.95
CA VAL A 88 1.75 -11.65 44.65
C VAL A 88 1.21 -11.36 46.03
N LEU A 89 0.04 -11.92 46.35
CA LEU A 89 -0.60 -11.77 47.65
C LEU A 89 -0.58 -13.12 48.34
N ALA A 90 0.41 -13.32 49.21
CA ALA A 90 0.58 -14.57 49.95
C ALA A 90 -0.16 -14.46 51.28
N ASN A 91 -1.33 -15.08 51.36
CA ASN A 91 -2.11 -15.12 52.58
C ASN A 91 -1.89 -16.45 53.29
N TYR A 92 -1.66 -16.39 54.60
CA TYR A 92 -1.39 -17.60 55.38
C TYR A 92 -2.55 -18.58 55.34
N SER A 93 -3.77 -18.08 55.14
CA SER A 93 -4.93 -18.97 55.13
C SER A 93 -4.91 -19.93 53.95
N PHE A 94 -4.26 -19.55 52.85
CA PHE A 94 -4.27 -20.32 51.63
C PHE A 94 -3.00 -21.15 51.43
N HIS A 95 -2.07 -21.08 52.37
CA HIS A 95 -0.82 -21.83 52.25
C HIS A 95 -1.07 -23.32 52.39
N ASN A 96 -0.58 -24.09 51.43
CA ASN A 96 -0.62 -25.55 51.52
C ASN A 96 0.39 -25.98 52.58
N HIS A 97 -0.09 -26.20 53.80
CA HIS A 97 0.79 -26.48 54.93
C HIS A 97 1.43 -27.86 54.83
N GLU A 98 0.92 -28.74 53.96
CA GLU A 98 1.56 -30.02 53.75
C GLU A 98 2.93 -29.87 53.13
N LYS A 99 3.15 -28.79 52.38
CA LYS A 99 4.40 -28.58 51.66
C LYS A 99 5.47 -27.87 52.49
N GLY A 100 5.09 -27.18 53.56
CA GLY A 100 6.08 -26.55 54.41
C GLY A 100 5.50 -25.37 55.17
N ASN A 101 6.30 -24.89 56.12
CA ASN A 101 5.90 -23.79 56.98
C ASN A 101 5.82 -22.49 56.19
N PHE A 102 4.80 -21.68 56.50
CA PHE A 102 4.52 -20.48 55.72
C PHE A 102 5.63 -19.46 55.82
N ALA A 103 6.05 -19.12 57.05
CA ALA A 103 7.06 -18.09 57.23
C ALA A 103 8.43 -18.57 56.75
N GLU A 104 8.80 -19.81 57.09
CA GLU A 104 10.07 -20.34 56.64
C GLU A 104 10.19 -20.31 55.12
N CYS A 105 9.09 -20.48 54.41
CA CYS A 105 9.11 -20.42 52.95
C CYS A 105 9.35 -19.00 52.45
N TYR A 106 8.58 -18.04 52.96
CA TYR A 106 8.59 -16.68 52.41
C TYR A 106 9.63 -15.77 53.06
N ASP A 107 10.14 -16.12 54.24
CA ASP A 107 11.23 -15.33 54.81
C ASP A 107 12.50 -15.42 53.99
N LYS A 108 12.64 -16.47 53.16
CA LYS A 108 13.84 -16.64 52.36
C LYS A 108 13.81 -15.81 51.09
N ILE A 109 12.62 -15.47 50.60
CA ILE A 109 12.50 -14.74 49.34
C ILE A 109 13.22 -13.40 49.45
N ARG A 110 14.02 -13.10 48.44
CA ARG A 110 14.69 -11.81 48.32
C ARG A 110 14.27 -11.16 47.00
N ARG A 111 14.56 -9.86 46.89
CA ARG A 111 14.32 -9.16 45.63
C ARG A 111 15.25 -9.72 44.56
N GLY A 112 14.67 -10.02 43.40
CA GLY A 112 15.39 -10.62 42.30
C GLY A 112 15.21 -12.13 42.18
N ASP A 113 14.59 -12.77 43.16
CA ASP A 113 14.43 -14.22 43.13
C ASP A 113 13.46 -14.65 42.04
N ILE A 114 13.83 -15.69 41.31
CA ILE A 114 12.95 -16.29 40.31
C ILE A 114 12.19 -17.43 40.97
N VAL A 115 10.87 -17.38 40.88
CA VAL A 115 9.98 -18.22 41.68
C VAL A 115 9.04 -18.97 40.75
N GLY A 116 8.62 -20.15 41.21
CA GLY A 116 7.47 -20.84 40.66
C GLY A 116 6.36 -20.86 41.70
N ILE A 117 5.15 -20.49 41.27
CA ILE A 117 4.02 -20.30 42.19
C ILE A 117 2.85 -21.18 41.76
N VAL A 118 2.33 -21.96 42.71
CA VAL A 118 1.06 -22.66 42.57
C VAL A 118 0.01 -21.87 43.36
N GLY A 119 -1.01 -21.38 42.67
CA GLY A 119 -2.01 -20.58 43.35
C GLY A 119 -3.21 -20.31 42.46
N PHE A 120 -4.03 -19.35 42.90
CA PHE A 120 -5.27 -19.03 42.22
C PHE A 120 -5.37 -17.53 41.96
N PRO A 121 -6.12 -17.13 40.94
CA PRO A 121 -6.18 -15.71 40.56
C PRO A 121 -7.29 -14.94 41.26
N GLY A 122 -7.07 -13.64 41.38
CA GLY A 122 -8.07 -12.79 41.99
C GLY A 122 -7.58 -11.36 42.11
N LYS A 123 -8.48 -10.50 42.55
CA LYS A 123 -8.21 -9.09 42.81
C LYS A 123 -8.20 -8.83 44.31
N SER A 124 -7.41 -7.85 44.72
CA SER A 124 -7.33 -7.47 46.12
C SER A 124 -8.59 -6.71 46.53
N LYS A 125 -8.60 -6.23 47.77
CA LYS A 125 -9.65 -5.32 48.20
C LYS A 125 -9.60 -4.02 47.41
N LYS A 126 -8.41 -3.43 47.28
CA LYS A 126 -8.22 -2.21 46.51
C LYS A 126 -8.40 -2.43 45.02
N GLY A 127 -8.47 -3.67 44.56
CA GLY A 127 -8.61 -3.97 43.15
C GLY A 127 -7.33 -4.36 42.43
N GLU A 128 -6.24 -4.56 43.16
CA GLU A 128 -4.99 -4.97 42.52
C GLU A 128 -5.07 -6.43 42.11
N LEU A 129 -4.91 -6.69 40.82
CA LEU A 129 -4.95 -8.05 40.29
C LEU A 129 -3.75 -8.84 40.83
N SER A 130 -4.02 -9.94 41.51
CA SER A 130 -2.99 -10.66 42.24
C SER A 130 -3.06 -12.16 41.97
N ILE A 131 -1.91 -12.81 42.09
CA ILE A 131 -1.84 -14.26 42.20
C ILE A 131 -1.80 -14.62 43.68
N PHE A 132 -2.58 -15.62 44.07
CA PHE A 132 -2.66 -16.03 45.46
C PHE A 132 -2.03 -17.39 45.63
N PRO A 133 -0.75 -17.46 46.00
CA PRO A 133 -0.04 -18.75 46.00
C PRO A 133 -0.59 -19.71 47.05
N LYS A 134 -0.59 -20.99 46.69
CA LYS A 134 -0.72 -22.07 47.67
C LYS A 134 0.64 -22.66 48.03
N GLU A 135 1.60 -22.60 47.11
CA GLU A 135 2.98 -22.91 47.41
C GLU A 135 3.87 -22.13 46.45
N THR A 136 5.04 -21.74 46.97
CA THR A 136 6.03 -20.92 46.27
C THR A 136 7.39 -21.60 46.42
N ILE A 137 8.01 -21.98 45.31
CA ILE A 137 9.30 -22.66 45.33
C ILE A 137 10.31 -21.81 44.56
N LEU A 138 11.48 -21.62 45.15
CA LEU A 138 12.58 -20.88 44.53
C LEU A 138 13.15 -21.68 43.36
N LEU A 139 13.20 -21.06 42.19
CA LEU A 139 13.77 -21.69 40.99
C LEU A 139 15.20 -21.24 40.73
N SER A 140 15.50 -19.95 40.92
CA SER A 140 16.82 -19.41 40.65
C SER A 140 16.99 -18.15 41.50
N ALA A 141 17.84 -18.23 42.52
CA ALA A 141 18.01 -17.13 43.45
C ALA A 141 18.84 -16.01 42.82
N CYS A 142 18.63 -14.80 43.31
CA CYS A 142 19.43 -13.64 42.94
C CYS A 142 20.37 -13.34 44.09
N LEU A 143 21.67 -13.54 43.86
CA LEU A 143 22.66 -13.44 44.92
C LEU A 143 23.10 -12.01 45.21
N HIS A 144 22.94 -11.09 44.26
CA HIS A 144 23.36 -9.71 44.43
C HIS A 144 22.17 -8.81 44.73
N MET A 145 22.49 -7.60 45.19
CA MET A 145 21.47 -6.56 45.33
C MET A 145 21.24 -5.92 43.98
N LEU A 146 19.98 -5.82 43.59
CA LEU A 146 19.66 -5.15 42.34
C LEU A 146 19.91 -3.66 42.48
N PRO A 147 20.38 -3.00 41.42
CA PRO A 147 20.56 -1.55 41.49
C PRO A 147 19.22 -0.84 41.54
N MET A 148 19.27 0.43 41.92
CA MET A 148 18.12 1.31 41.78
C MET A 148 18.13 1.94 40.39
N LYS A 149 16.95 2.40 39.97
CA LYS A 149 16.85 3.12 38.70
C LYS A 149 17.83 4.28 38.65
N TYR A 150 18.05 4.92 39.79
CA TYR A 150 19.02 6.00 39.88
C TYR A 150 20.43 5.50 39.59
N GLY A 151 20.75 4.27 40.02
CA GLY A 151 22.09 3.74 39.88
C GLY A 151 22.54 3.54 38.44
N LEU A 152 21.60 3.46 37.50
CA LEU A 152 21.91 3.22 36.10
C LEU A 152 21.71 4.45 35.22
N LYS A 153 21.22 5.56 35.76
CA LYS A 153 20.73 6.67 34.95
C LYS A 153 21.76 7.19 33.96
N ASP A 154 22.85 7.75 34.45
CA ASP A 154 23.94 8.22 33.61
C ASP A 154 25.22 7.42 33.86
N THR A 155 25.05 6.12 34.08
CA THR A 155 26.16 5.20 34.31
C THR A 155 26.24 4.21 33.15
N GLU A 156 27.41 3.57 33.02
CA GLU A 156 27.67 2.62 31.95
C GLU A 156 27.24 1.20 32.31
N ILE A 157 26.49 1.01 33.40
CA ILE A 157 26.06 -0.33 33.75
C ILE A 157 25.00 -0.83 32.79
N ARG A 158 24.25 0.09 32.16
CA ARG A 158 23.32 -0.31 31.10
C ARG A 158 24.03 -1.08 30.00
N TYR A 159 25.28 -0.70 29.70
CA TYR A 159 26.04 -1.27 28.61
C TYR A 159 26.82 -2.50 29.03
N ARG A 160 27.58 -2.41 30.12
CA ARG A 160 28.37 -3.53 30.58
C ARG A 160 27.53 -4.64 31.20
N GLN A 161 26.32 -4.31 31.67
CA GLN A 161 25.46 -5.26 32.39
C GLN A 161 24.02 -5.15 31.90
N ARG A 162 23.83 -5.24 30.58
CA ARG A 162 22.52 -5.01 29.96
C ARG A 162 21.37 -5.71 30.69
N TYR A 163 21.62 -6.86 31.33
CA TYR A 163 20.54 -7.58 31.97
C TYR A 163 19.92 -6.78 33.12
N LEU A 164 20.74 -6.02 33.84
CA LEU A 164 20.20 -5.11 34.85
C LEU A 164 19.32 -4.05 34.19
N ASP A 165 19.78 -3.50 33.07
CA ASP A 165 19.01 -2.48 32.36
C ASP A 165 17.70 -3.03 31.85
N LEU A 166 17.68 -4.31 31.44
CA LEU A 166 16.47 -4.89 30.86
C LEU A 166 15.39 -5.13 31.90
N LEU A 167 15.78 -5.42 33.14
CA LEU A 167 14.80 -5.64 34.21
C LEU A 167 14.35 -4.36 34.87
N ILE A 168 15.28 -3.43 35.10
CA ILE A 168 14.99 -2.26 35.93
C ILE A 168 14.23 -1.20 35.15
N ASN A 169 14.69 -0.90 33.93
CA ASN A 169 14.13 0.19 33.13
C ASN A 169 13.13 -0.36 32.13
N GLU A 170 11.88 0.07 32.24
CA GLU A 170 10.86 -0.32 31.26
C GLU A 170 11.20 0.22 29.87
N SER A 171 11.88 1.37 29.80
CA SER A 171 12.20 1.97 28.52
C SER A 171 13.16 1.12 27.70
N SER A 172 13.95 0.26 28.34
CA SER A 172 14.97 -0.50 27.62
C SER A 172 14.35 -1.64 26.82
N ARG A 173 13.49 -2.44 27.45
CA ARG A 173 12.78 -3.47 26.69
C ARG A 173 12.03 -2.85 25.52
N HIS A 174 11.37 -1.73 25.76
CA HIS A 174 10.64 -1.02 24.69
C HIS A 174 11.57 -0.69 23.53
N THR A 175 12.80 -0.27 23.83
CA THR A 175 13.72 0.15 22.78
C THR A 175 14.05 -0.99 21.83
N PHE A 176 14.47 -2.13 22.38
CA PHE A 176 14.89 -3.25 21.55
C PHE A 176 13.71 -4.01 20.95
N VAL A 177 12.52 -3.95 21.57
CA VAL A 177 11.34 -4.46 20.88
C VAL A 177 11.06 -3.63 19.64
N THR A 178 11.20 -2.30 19.75
CA THR A 178 11.06 -1.45 18.57
C THR A 178 12.13 -1.77 17.53
N ARG A 179 13.34 -2.11 17.99
CA ARG A 179 14.46 -2.34 17.06
C ARG A 179 14.15 -3.49 16.11
N THR A 180 13.74 -4.63 16.65
CA THR A 180 13.43 -5.76 15.79
C THR A 180 12.13 -5.57 15.02
N LYS A 181 11.27 -4.65 15.47
CA LYS A 181 10.14 -4.26 14.64
C LYS A 181 10.60 -3.46 13.43
N ILE A 182 11.63 -2.64 13.60
CA ILE A 182 12.23 -1.94 12.47
C ILE A 182 12.76 -2.94 11.46
N ILE A 183 13.46 -3.98 11.94
CA ILE A 183 14.02 -4.97 11.04
C ILE A 183 12.94 -5.85 10.45
N ASN A 184 11.95 -6.24 11.27
CA ASN A 184 10.84 -7.04 10.77
C ASN A 184 10.11 -6.30 9.66
N PHE A 185 9.95 -4.98 9.80
CA PHE A 185 9.31 -4.20 8.74
C PHE A 185 10.12 -4.25 7.45
N LEU A 186 11.44 -4.05 7.56
CA LEU A 186 12.28 -3.94 6.38
C LEU A 186 12.40 -5.27 5.65
N ARG A 187 12.48 -6.37 6.41
CA ARG A 187 12.60 -7.69 5.77
C ARG A 187 11.37 -8.00 4.93
N ASN A 188 10.19 -7.69 5.45
CA ASN A 188 8.95 -7.94 4.71
C ASN A 188 8.71 -6.88 3.65
N PHE A 189 9.04 -5.61 3.94
CA PHE A 189 8.97 -4.55 2.93
C PHE A 189 9.71 -4.97 1.67
N LEU A 190 10.86 -5.63 1.82
CA LEU A 190 11.60 -6.10 0.66
C LEU A 190 11.04 -7.42 0.15
N ASN A 191 10.60 -8.31 1.04
CA ASN A 191 10.03 -9.58 0.61
C ASN A 191 8.77 -9.36 -0.22
N GLU A 192 7.87 -8.52 0.27
CA GLU A 192 6.62 -8.25 -0.44
C GLU A 192 6.87 -7.60 -1.80
N ARG A 193 8.05 -7.05 -2.02
CA ARG A 193 8.42 -6.45 -3.30
C ARG A 193 9.31 -7.35 -4.14
N GLY A 194 9.38 -8.64 -3.80
CA GLY A 194 10.09 -9.59 -4.64
C GLY A 194 11.58 -9.65 -4.45
N PHE A 195 12.10 -9.12 -3.35
CA PHE A 195 13.54 -9.16 -3.08
C PHE A 195 13.93 -10.49 -2.44
N PHE A 196 15.21 -10.82 -2.54
CA PHE A 196 15.73 -12.14 -2.17
C PHE A 196 16.85 -11.98 -1.14
N GLU A 197 16.56 -12.36 0.10
CA GLU A 197 17.55 -12.26 1.16
C GLU A 197 18.65 -13.31 0.98
N VAL A 198 19.90 -12.89 1.15
CA VAL A 198 21.06 -13.76 0.98
C VAL A 198 22.06 -13.49 2.10
N GLU A 199 23.21 -14.16 2.02
CA GLU A 199 24.29 -14.01 2.99
C GLU A 199 25.61 -14.00 2.23
N THR A 200 26.35 -12.89 2.34
CA THR A 200 27.68 -12.78 1.76
C THR A 200 28.73 -12.83 2.87
N PRO A 201 29.95 -13.29 2.58
CA PRO A 201 30.91 -13.52 3.67
C PRO A 201 31.30 -12.25 4.39
N MET A 202 31.61 -12.39 5.68
CA MET A 202 32.16 -11.31 6.46
C MET A 202 33.69 -11.32 6.52
N MET A 203 34.31 -12.47 6.29
CA MET A 203 35.76 -12.57 6.13
C MET A 203 36.10 -12.55 4.65
N ASN A 204 37.02 -11.68 4.26
CA ASN A 204 37.32 -11.47 2.84
C ASN A 204 38.81 -11.27 2.63
N LEU A 205 39.27 -11.59 1.42
CA LEU A 205 40.65 -11.31 1.04
C LEU A 205 40.89 -9.81 0.89
N ILE A 206 39.87 -9.06 0.49
CA ILE A 206 39.93 -7.62 0.37
C ILE A 206 38.62 -7.04 0.87
N ALA A 207 38.71 -5.96 1.66
CA ALA A 207 37.54 -5.29 2.23
C ALA A 207 37.22 -4.07 1.37
N GLY A 208 36.23 -4.21 0.48
CA GLY A 208 35.78 -3.13 -0.35
C GLY A 208 34.33 -2.78 -0.06
N GLY A 209 33.85 -1.76 -0.79
CA GLY A 209 32.48 -1.31 -0.69
C GLY A 209 32.28 -0.02 0.06
N ALA A 210 33.32 0.51 0.70
CA ALA A 210 33.20 1.75 1.45
C ALA A 210 34.59 2.33 1.63
N ASN A 211 34.65 3.52 2.25
CA ASN A 211 35.90 4.19 2.55
C ASN A 211 36.12 4.11 4.06
N ALA A 212 36.76 3.03 4.51
CA ALA A 212 36.98 2.84 5.93
C ALA A 212 38.07 1.80 6.15
N ARG A 213 38.80 1.95 7.25
CA ARG A 213 39.86 1.02 7.62
C ARG A 213 39.25 -0.27 8.16
N PRO A 214 39.69 -1.44 7.67
CA PRO A 214 39.07 -2.71 8.11
C PRO A 214 39.79 -3.41 9.25
N PHE A 215 39.13 -4.42 9.81
CA PHE A 215 39.77 -5.38 10.71
C PHE A 215 40.46 -6.47 9.88
N ILE A 216 41.48 -7.08 10.47
CA ILE A 216 42.19 -8.18 9.83
C ILE A 216 42.28 -9.34 10.81
N THR A 217 42.04 -10.55 10.30
CA THR A 217 42.15 -11.76 11.10
C THR A 217 43.11 -12.73 10.43
N HIS A 218 43.20 -13.96 10.92
CA HIS A 218 44.04 -14.96 10.29
C HIS A 218 43.44 -16.35 10.49
N HIS A 219 43.33 -17.09 9.38
CA HIS A 219 42.97 -18.50 9.43
C HIS A 219 44.25 -19.32 9.53
N ASN A 220 44.35 -20.15 10.57
CA ASN A 220 45.59 -20.87 10.82
C ASN A 220 45.83 -21.95 9.76
N ASP A 221 44.83 -22.80 9.51
CA ASP A 221 45.04 -23.96 8.65
C ASP A 221 45.28 -23.55 7.20
N LEU A 222 44.65 -22.47 6.74
CA LEU A 222 44.92 -21.96 5.40
C LEU A 222 46.17 -21.09 5.37
N ASP A 223 46.63 -20.59 6.52
CA ASP A 223 47.72 -19.64 6.60
C ASP A 223 47.45 -18.44 5.70
N LEU A 224 46.32 -17.80 5.96
CA LEU A 224 45.74 -16.82 5.07
C LEU A 224 45.16 -15.66 5.87
N ASP A 225 45.44 -14.43 5.42
CA ASP A 225 44.94 -13.25 6.09
C ASP A 225 43.61 -12.83 5.47
N LEU A 226 42.57 -12.74 6.28
CA LEU A 226 41.24 -12.34 5.85
C LEU A 226 40.83 -11.06 6.54
N TYR A 227 40.12 -10.20 5.83
CA TYR A 227 39.62 -8.95 6.37
C TYR A 227 38.12 -9.04 6.65
N LEU A 228 37.69 -8.44 7.75
CA LEU A 228 36.27 -8.34 8.03
C LEU A 228 35.62 -7.34 7.09
N ARG A 229 34.42 -7.67 6.61
CA ARG A 229 33.76 -6.83 5.62
C ARG A 229 33.41 -5.46 6.22
N ILE A 230 33.77 -4.40 5.47
CA ILE A 230 33.34 -3.06 5.83
C ILE A 230 31.99 -2.71 5.22
N ALA A 231 31.52 -3.50 4.26
CA ALA A 231 30.26 -3.32 3.55
C ALA A 231 29.97 -4.59 2.78
N THR A 232 28.72 -4.72 2.36
CA THR A 232 28.28 -5.87 1.57
C THR A 232 28.11 -5.53 0.10
N GLU A 233 28.62 -4.37 -0.33
CA GLU A 233 28.28 -3.81 -1.62
C GLU A 233 28.71 -4.71 -2.77
N LEU A 234 29.97 -5.20 -2.73
CA LEU A 234 30.52 -5.84 -3.92
C LEU A 234 29.92 -7.22 -4.19
N PRO A 235 29.99 -8.19 -3.27
CA PRO A 235 29.41 -9.52 -3.59
C PRO A 235 27.92 -9.48 -3.84
N LEU A 236 27.22 -8.46 -3.36
CA LEU A 236 25.82 -8.30 -3.70
C LEU A 236 25.65 -7.84 -5.14
N LYS A 237 26.55 -6.96 -5.61
CA LYS A 237 26.53 -6.59 -7.02
C LYS A 237 27.02 -7.73 -7.91
N MET A 238 27.93 -8.57 -7.39
CA MET A 238 28.30 -9.79 -8.11
C MET A 238 27.10 -10.72 -8.25
N LEU A 239 26.15 -10.66 -7.32
CA LEU A 239 24.98 -11.53 -7.39
C LEU A 239 23.96 -11.01 -8.39
N ILE A 240 23.88 -9.70 -8.61
CA ILE A 240 23.02 -9.18 -9.67
C ILE A 240 23.49 -9.70 -11.02
N VAL A 241 24.81 -9.73 -11.22
CA VAL A 241 25.37 -10.41 -12.39
C VAL A 241 24.88 -11.84 -12.45
N GLY A 242 24.82 -12.51 -11.30
CA GLY A 242 24.38 -13.90 -11.22
C GLY A 242 22.94 -14.13 -11.61
N GLY A 243 22.16 -13.07 -11.84
CA GLY A 243 20.78 -13.20 -12.26
C GLY A 243 19.77 -12.87 -11.19
N ILE A 244 20.16 -12.81 -9.92
CA ILE A 244 19.22 -12.44 -8.87
C ILE A 244 19.03 -10.94 -8.94
N ASP A 245 18.01 -10.51 -9.68
CA ASP A 245 17.81 -9.10 -9.97
C ASP A 245 17.28 -8.31 -8.78
N LYS A 246 16.79 -8.99 -7.74
CA LYS A 246 16.26 -8.36 -6.54
C LYS A 246 16.94 -9.05 -5.36
N VAL A 247 17.95 -8.41 -4.78
CA VAL A 247 18.83 -9.06 -3.82
C VAL A 247 19.18 -8.08 -2.70
N TYR A 248 19.36 -8.61 -1.49
CA TYR A 248 19.69 -7.77 -0.34
C TYR A 248 20.27 -8.61 0.79
N GLU A 249 20.80 -7.91 1.79
CA GLU A 249 21.44 -8.54 2.94
C GLU A 249 21.24 -7.66 4.17
N ILE A 250 20.90 -8.29 5.30
CA ILE A 250 20.75 -7.61 6.58
C ILE A 250 21.76 -8.24 7.52
N GLY A 251 22.78 -7.48 7.92
CA GLY A 251 23.81 -8.09 8.74
C GLY A 251 24.83 -7.09 9.25
N LYS A 252 25.76 -7.62 10.03
CA LYS A 252 26.80 -6.83 10.68
C LYS A 252 27.93 -6.52 9.73
N VAL A 253 28.44 -5.30 9.82
CA VAL A 253 29.67 -4.90 9.13
C VAL A 253 30.60 -4.30 10.17
N PHE A 254 31.89 -4.31 9.87
CA PHE A 254 32.92 -3.96 10.82
C PHE A 254 33.82 -2.89 10.22
N ARG A 255 34.04 -1.82 10.98
CA ARG A 255 34.94 -0.74 10.58
C ARG A 255 35.82 -0.37 11.77
N ASN A 256 37.12 -0.42 11.58
CA ASN A 256 38.10 -0.14 12.64
C ASN A 256 38.44 1.35 12.57
N GLU A 257 37.62 2.16 13.23
CA GLU A 257 37.84 3.60 13.30
C GLU A 257 37.32 4.08 14.65
N GLY A 258 37.10 5.40 14.78
CA GLY A 258 36.74 5.97 16.06
C GLY A 258 35.38 5.52 16.54
N ILE A 259 35.24 5.51 17.87
CA ILE A 259 33.97 5.19 18.54
C ILE A 259 33.42 6.49 19.11
N ASP A 260 32.12 6.70 18.90
CA ASP A 260 31.41 7.82 19.53
C ASP A 260 29.92 7.48 19.57
N ASN A 261 29.10 8.50 19.82
CA ASN A 261 27.67 8.31 19.97
C ASN A 261 26.98 7.86 18.68
N THR A 262 27.68 7.89 17.54
CA THR A 262 27.11 7.47 16.27
C THR A 262 27.90 6.36 15.60
N HIS A 263 29.00 5.91 16.20
CA HIS A 263 29.87 4.90 15.59
C HIS A 263 30.22 3.83 16.61
N ASN A 264 29.66 2.64 16.41
CA ASN A 264 30.06 1.43 17.10
C ASN A 264 30.86 0.55 16.14
N PRO A 265 31.95 -0.06 16.59
CA PRO A 265 32.82 -0.82 15.67
C PRO A 265 32.09 -1.84 14.81
N GLU A 266 31.11 -2.53 15.37
CA GLU A 266 30.24 -3.42 14.59
C GLU A 266 28.83 -2.89 14.64
N PHE A 267 28.24 -2.67 13.46
CA PHE A 267 26.88 -2.17 13.35
C PHE A 267 26.16 -2.91 12.24
N THR A 268 24.83 -2.93 12.34
CA THR A 268 23.99 -3.61 11.36
C THR A 268 23.68 -2.68 10.21
N SER A 269 23.91 -3.16 8.99
CA SER A 269 23.53 -2.45 7.79
C SER A 269 22.57 -3.32 6.98
N CYS A 270 21.78 -2.67 6.14
CA CYS A 270 20.98 -3.35 5.14
C CYS A 270 21.28 -2.72 3.79
N GLU A 271 21.53 -3.55 2.79
CA GLU A 271 21.83 -3.07 1.45
C GLU A 271 21.07 -3.94 0.45
N PHE A 272 20.26 -3.30 -0.38
CA PHE A 272 19.53 -4.01 -1.43
C PHE A 272 19.95 -3.49 -2.79
N TYR A 273 19.93 -4.38 -3.78
CA TYR A 273 20.34 -4.05 -5.14
C TYR A 273 19.22 -4.40 -6.09
N TRP A 274 18.88 -3.45 -6.97
CA TRP A 274 17.64 -3.45 -7.72
C TRP A 274 17.98 -3.32 -9.20
N ALA A 275 17.88 -4.41 -9.94
CA ALA A 275 18.20 -4.37 -11.36
C ALA A 275 17.21 -3.47 -12.10
N TYR A 276 17.76 -2.66 -13.02
CA TYR A 276 16.95 -1.80 -13.90
C TYR A 276 16.21 -0.73 -13.09
N ALA A 277 16.89 -0.22 -12.08
CA ALA A 277 16.44 0.93 -11.30
C ALA A 277 17.61 1.91 -11.19
N ASP A 278 17.28 3.17 -10.90
CA ASP A 278 18.28 4.22 -10.92
C ASP A 278 18.14 5.14 -9.71
N TYR A 279 18.84 6.29 -9.76
CA TYR A 279 18.79 7.26 -8.67
C TYR A 279 17.37 7.64 -8.30
N ASN A 280 16.53 7.89 -9.31
CA ASN A 280 15.17 8.35 -9.05
C ASN A 280 14.36 7.29 -8.31
N ASP A 281 14.46 6.03 -8.75
CA ASP A 281 13.78 4.95 -8.04
C ASP A 281 14.26 4.86 -6.61
N LEU A 282 15.56 5.04 -6.37
CA LEU A 282 16.09 4.98 -5.02
C LEU A 282 15.65 6.16 -4.19
N ILE A 283 15.43 7.33 -4.81
CA ILE A 283 14.85 8.45 -4.08
C ILE A 283 13.43 8.14 -3.69
N LYS A 284 12.63 7.63 -4.63
CA LYS A 284 11.24 7.31 -4.32
C LYS A 284 11.16 6.17 -3.31
N TRP A 285 12.04 5.18 -3.43
CA TRP A 285 12.05 4.08 -2.46
C TRP A 285 12.31 4.59 -1.04
N SER A 286 13.26 5.51 -0.90
CA SER A 286 13.63 6.00 0.42
C SER A 286 12.48 6.80 1.05
N GLU A 287 11.75 7.56 0.24
CA GLU A 287 10.60 8.29 0.77
C GLU A 287 9.45 7.35 1.09
N ASP A 288 9.20 6.36 0.21
CA ASP A 288 8.15 5.37 0.46
C ASP A 288 8.41 4.64 1.76
N PHE A 289 9.61 4.10 1.92
CA PHE A 289 9.90 3.19 3.03
C PHE A 289 9.89 3.92 4.37
N PHE A 290 10.59 5.06 4.44
CA PHE A 290 10.70 5.77 5.71
C PHE A 290 9.36 6.32 6.17
N SER A 291 8.58 6.87 5.24
CA SER A 291 7.25 7.36 5.59
C SER A 291 6.37 6.24 6.13
N GLN A 292 6.49 5.04 5.55
CA GLN A 292 5.69 3.91 6.00
C GLN A 292 6.29 3.25 7.23
N LEU A 293 7.62 3.22 7.34
CA LEU A 293 8.24 2.71 8.56
C LEU A 293 7.80 3.49 9.78
N VAL A 294 7.76 4.82 9.67
CA VAL A 294 7.42 5.65 10.83
C VAL A 294 5.93 5.55 11.15
N TYR A 295 5.08 5.54 10.12
CA TYR A 295 3.65 5.36 10.39
C TYR A 295 3.34 3.97 10.92
N HIS A 296 4.11 2.96 10.52
CA HIS A 296 3.87 1.61 11.00
C HIS A 296 4.06 1.50 12.50
N LEU A 297 4.99 2.27 13.06
CA LEU A 297 5.28 2.20 14.49
C LEU A 297 4.45 3.18 15.32
N PHE A 298 4.12 4.34 14.76
CA PHE A 298 3.54 5.43 15.53
C PHE A 298 2.16 5.87 15.09
N GLY A 299 1.68 5.43 13.93
CA GLY A 299 0.43 5.96 13.43
C GLY A 299 0.48 7.42 13.07
N THR A 300 1.68 7.96 12.88
CA THR A 300 1.86 9.37 12.52
C THR A 300 3.11 9.49 11.67
N TYR A 301 3.24 10.64 11.00
CA TYR A 301 4.45 10.94 10.26
C TYR A 301 5.39 11.86 11.02
N LYS A 302 4.88 12.58 12.00
CA LYS A 302 5.69 13.48 12.83
C LYS A 302 5.97 12.80 14.16
N ILE A 303 7.25 12.58 14.46
CA ILE A 303 7.70 12.10 15.75
C ILE A 303 8.57 13.18 16.38
N SER A 304 8.67 13.14 17.70
CA SER A 304 9.50 14.09 18.43
C SER A 304 10.79 13.41 18.85
N TYR A 305 11.89 14.14 18.76
CA TYR A 305 13.22 13.60 19.05
C TYR A 305 13.99 14.62 19.89
N ASN A 306 14.53 14.15 21.02
CA ASN A 306 15.33 14.99 21.90
C ASN A 306 16.73 15.11 21.29
N LYS A 307 16.85 16.07 20.36
CA LYS A 307 18.11 16.23 19.63
C LYS A 307 19.25 16.67 20.57
N ASP A 308 18.94 17.51 21.55
CA ASP A 308 19.95 18.08 22.43
C ASP A 308 20.03 17.37 23.78
N GLY A 309 19.71 16.08 23.82
CA GLY A 309 19.75 15.34 25.06
C GLY A 309 18.39 15.28 25.73
N PRO A 310 18.31 14.54 26.84
CA PRO A 310 17.01 14.36 27.50
C PRO A 310 16.55 15.58 28.28
N GLU A 311 17.50 16.34 28.83
CA GLU A 311 17.14 17.49 29.65
C GLU A 311 16.54 18.62 28.81
N ASN A 312 17.11 18.88 27.63
CA ASN A 312 16.64 19.97 26.80
C ASN A 312 15.39 19.54 26.02
N GLN A 313 14.70 20.54 25.48
CA GLN A 313 13.42 20.31 24.81
C GLN A 313 13.64 19.63 23.46
N PRO A 314 12.68 18.81 23.02
CA PRO A 314 12.84 18.08 21.77
C PRO A 314 12.41 18.87 20.55
N ILE A 315 12.99 18.49 19.41
CA ILE A 315 12.52 18.94 18.11
C ILE A 315 11.51 17.92 17.59
N GLU A 316 10.73 18.33 16.60
CA GLU A 316 9.78 17.44 15.93
C GLU A 316 10.28 17.13 14.53
N ILE A 317 10.31 15.83 14.20
CA ILE A 317 10.79 15.35 12.91
C ILE A 317 9.59 14.90 12.09
N ASP A 318 9.39 15.52 10.93
CA ASP A 318 8.28 15.20 10.03
C ASP A 318 8.81 14.35 8.89
N PHE A 319 8.40 13.09 8.85
CA PHE A 319 8.83 12.14 7.84
C PHE A 319 7.92 12.10 6.62
N THR A 320 7.07 13.11 6.44
CA THR A 320 6.10 13.09 5.35
C THR A 320 6.79 13.36 4.02
N PRO A 321 6.58 12.54 3.00
CA PRO A 321 7.25 12.76 1.72
C PRO A 321 6.58 13.87 0.93
N PRO A 322 7.30 14.52 0.01
CA PRO A 322 8.70 14.24 -0.32
C PRO A 322 9.68 15.01 0.55
N TYR A 323 10.93 14.58 0.55
CA TYR A 323 11.96 15.21 1.37
C TYR A 323 12.77 16.18 0.51
N PRO A 324 13.32 17.24 1.12
CA PRO A 324 14.15 18.18 0.35
C PRO A 324 15.38 17.50 -0.22
N LYS A 325 15.71 17.86 -1.45
CA LYS A 325 16.91 17.40 -2.13
C LYS A 325 17.88 18.56 -2.29
N VAL A 326 19.11 18.39 -1.84
CA VAL A 326 20.11 19.45 -1.83
C VAL A 326 21.36 18.93 -2.52
N SER A 327 21.69 19.51 -3.67
CA SER A 327 22.90 19.12 -4.39
C SER A 327 24.13 19.61 -3.64
N ILE A 328 25.07 18.71 -3.41
CA ILE A 328 26.15 18.98 -2.45
C ILE A 328 27.07 20.09 -2.96
N VAL A 329 27.42 20.08 -4.24
CA VAL A 329 28.40 21.02 -4.75
C VAL A 329 27.80 22.42 -4.87
N GLU A 330 26.57 22.52 -5.38
CA GLU A 330 25.97 23.82 -5.63
C GLU A 330 25.50 24.48 -4.33
N GLU A 331 25.15 23.69 -3.32
CA GLU A 331 24.76 24.28 -2.04
C GLU A 331 25.98 24.76 -1.27
N ILE A 332 27.06 23.97 -1.25
CA ILE A 332 28.33 24.45 -0.74
C ILE A 332 28.74 25.72 -1.48
N GLU A 333 28.51 25.74 -2.80
CA GLU A 333 28.74 26.95 -3.58
C GLU A 333 27.97 28.14 -3.01
N LYS A 334 26.67 27.95 -2.77
CA LYS A 334 25.82 29.07 -2.38
C LYS A 334 26.17 29.56 -0.98
N VAL A 335 26.34 28.64 -0.03
CA VAL A 335 26.61 29.04 1.35
C VAL A 335 27.96 29.74 1.47
N THR A 336 28.94 29.34 0.65
CA THR A 336 30.27 29.94 0.70
C THR A 336 30.48 31.03 -0.34
N ASN A 337 29.53 31.23 -1.25
CA ASN A 337 29.65 32.21 -2.34
C ASN A 337 30.97 32.04 -3.10
N THR A 338 31.19 30.82 -3.59
CA THR A 338 32.36 30.54 -4.41
C THR A 338 31.92 29.63 -5.55
N ILE A 339 32.84 29.34 -6.45
CA ILE A 339 32.67 28.35 -7.50
C ILE A 339 33.78 27.32 -7.33
N LEU A 340 33.40 26.04 -7.20
CA LEU A 340 34.38 24.96 -7.12
C LEU A 340 34.62 24.47 -8.54
N GLU A 341 35.62 25.05 -9.20
CA GLU A 341 35.92 24.71 -10.58
C GLU A 341 36.42 23.27 -10.67
N GLN A 342 36.06 22.62 -11.72
CA GLN A 342 36.52 21.26 -11.94
C GLN A 342 37.81 21.26 -12.75
N PRO A 343 38.69 20.26 -12.56
CA PRO A 343 38.55 19.09 -11.68
C PRO A 343 38.59 19.43 -10.19
N PHE A 344 37.68 18.83 -9.43
CA PHE A 344 37.61 19.09 -8.00
C PHE A 344 38.88 18.67 -7.26
N ASP A 345 39.64 17.74 -7.83
CA ASP A 345 40.87 17.26 -7.20
C ASP A 345 42.11 18.00 -7.68
N SER A 346 41.94 19.08 -8.43
CA SER A 346 43.08 19.87 -8.88
C SER A 346 43.68 20.66 -7.73
N ASN A 347 44.92 21.13 -7.95
CA ASN A 347 45.58 21.95 -6.93
C ASN A 347 44.82 23.24 -6.68
N GLU A 348 44.19 23.81 -7.71
CA GLU A 348 43.43 25.04 -7.54
C GLU A 348 42.19 24.82 -6.68
N THR A 349 41.40 23.80 -7.01
CA THR A 349 40.17 23.54 -6.28
C THR A 349 40.45 23.02 -4.88
N ILE A 350 41.57 22.31 -4.68
CA ILE A 350 41.90 21.81 -3.35
C ILE A 350 42.38 22.95 -2.46
N GLU A 351 43.29 23.78 -2.96
CA GLU A 351 43.72 24.96 -2.21
C GLU A 351 42.55 25.87 -1.91
N LYS A 352 41.64 26.03 -2.88
CA LYS A 352 40.43 26.81 -2.63
C LYS A 352 39.71 26.31 -1.39
N MET A 353 39.34 25.03 -1.40
CA MET A 353 38.57 24.46 -0.30
C MET A 353 39.36 24.47 1.00
N ILE A 354 40.68 24.30 0.93
CA ILE A 354 41.52 24.45 2.12
C ILE A 354 41.33 25.84 2.70
N ASN A 355 41.29 26.87 1.85
CA ASN A 355 41.20 28.24 2.34
C ASN A 355 39.84 28.55 2.96
N ILE A 356 38.74 27.99 2.42
CA ILE A 356 37.43 28.23 3.02
C ILE A 356 37.26 27.39 4.29
N ILE A 357 37.91 26.22 4.38
CA ILE A 357 37.99 25.53 5.66
C ILE A 357 38.83 26.33 6.65
N LYS A 358 39.89 26.97 6.16
CA LYS A 358 40.74 27.76 7.04
C LYS A 358 40.09 29.09 7.42
N GLU A 359 39.30 29.68 6.52
CA GLU A 359 38.66 30.95 6.82
C GLU A 359 37.60 30.79 7.91
N HIS A 360 36.86 29.68 7.88
CA HIS A 360 35.84 29.39 8.89
C HIS A 360 36.40 28.63 10.08
N LYS A 361 37.73 28.48 10.15
CA LYS A 361 38.41 27.84 11.28
C LYS A 361 37.91 26.41 11.53
N ILE A 362 37.40 25.76 10.49
CA ILE A 362 36.95 24.39 10.62
C ILE A 362 38.15 23.44 10.56
N GLU A 363 37.94 22.23 11.08
CA GLU A 363 39.02 21.25 11.16
C GLU A 363 39.57 20.93 9.78
N LEU A 364 40.89 20.90 9.68
CA LEU A 364 41.54 20.47 8.44
C LEU A 364 41.68 18.96 8.45
N PRO A 365 41.11 18.24 7.48
CA PRO A 365 41.25 16.78 7.46
C PRO A 365 42.63 16.35 7.03
N ASN A 366 43.09 15.25 7.62
CA ASN A 366 44.41 14.69 7.32
C ASN A 366 44.24 13.26 6.81
N PRO A 367 44.69 12.94 5.58
CA PRO A 367 45.30 13.90 4.65
C PRO A 367 44.25 14.81 4.02
N PRO A 368 44.65 16.00 3.58
CA PRO A 368 43.74 16.91 2.87
C PRO A 368 43.43 16.43 1.45
N THR A 369 42.95 15.19 1.34
CA THR A 369 42.47 14.72 0.07
C THR A 369 41.27 15.55 -0.36
N ALA A 370 41.00 15.54 -1.67
CA ALA A 370 39.95 16.40 -2.20
C ALA A 370 38.58 15.98 -1.70
N ALA A 371 38.36 14.68 -1.52
CA ALA A 371 37.07 14.20 -1.06
C ALA A 371 36.84 14.56 0.41
N LYS A 372 37.86 14.41 1.26
CA LYS A 372 37.73 14.77 2.66
C LYS A 372 37.49 16.27 2.83
N LEU A 373 38.14 17.09 1.99
CA LEU A 373 37.84 18.51 1.99
C LEU A 373 36.38 18.75 1.68
N LEU A 374 35.90 18.19 0.56
CA LEU A 374 34.49 18.29 0.22
C LEU A 374 33.60 17.68 1.31
N ASP A 375 34.05 16.57 1.89
CA ASP A 375 33.23 15.89 2.90
C ASP A 375 33.09 16.74 4.16
N GLN A 376 34.20 17.31 4.63
CA GLN A 376 34.13 18.21 5.77
C GLN A 376 33.38 19.49 5.43
N LEU A 377 33.52 19.96 4.18
CA LEU A 377 32.75 21.12 3.75
C LEU A 377 31.26 20.84 3.80
N ALA A 378 30.84 19.70 3.24
CA ALA A 378 29.44 19.31 3.29
C ALA A 378 29.01 19.04 4.73
N SER A 379 29.89 18.45 5.54
CA SER A 379 29.56 18.19 6.93
C SER A 379 29.35 19.48 7.71
N HIS A 380 30.18 20.48 7.45
CA HIS A 380 30.12 21.73 8.19
C HIS A 380 29.16 22.76 7.60
N PHE A 381 28.55 22.49 6.44
CA PHE A 381 27.78 23.54 5.81
C PHE A 381 26.39 23.13 5.31
N ILE A 382 26.19 21.85 4.99
CA ILE A 382 24.92 21.45 4.41
C ILE A 382 24.27 20.29 5.16
N GLU A 383 25.03 19.62 6.03
CA GLU A 383 24.52 18.39 6.63
C GLU A 383 23.48 18.66 7.71
N ASN A 384 23.59 19.78 8.43
CA ASN A 384 22.58 20.18 9.40
C ASN A 384 21.65 21.26 8.85
N LYS A 385 21.44 21.27 7.54
CA LYS A 385 20.56 22.27 6.93
C LYS A 385 19.12 22.10 7.38
N TYR A 386 18.69 20.86 7.58
CA TYR A 386 17.31 20.56 7.98
C TYR A 386 17.33 19.59 9.14
N ASN A 387 16.72 19.99 10.25
CA ASN A 387 16.33 19.06 11.32
C ASN A 387 14.82 18.89 11.40
N ASP A 388 14.05 19.76 10.74
CA ASP A 388 12.60 19.62 10.69
C ASP A 388 12.17 18.31 10.07
N LYS A 389 12.93 17.82 9.09
CA LYS A 389 12.54 16.66 8.32
C LYS A 389 13.81 15.96 7.84
N PRO A 390 13.71 14.74 7.34
CA PRO A 390 14.84 14.16 6.60
C PRO A 390 15.00 14.85 5.26
N PHE A 391 16.22 14.79 4.74
CA PHE A 391 16.51 15.43 3.46
C PHE A 391 17.70 14.73 2.81
N PHE A 392 17.76 14.86 1.48
CA PHE A 392 18.75 14.16 0.68
C PHE A 392 19.85 15.12 0.24
N ILE A 393 21.09 14.71 0.43
CA ILE A 393 22.25 15.32 -0.20
C ILE A 393 22.62 14.47 -1.39
N VAL A 394 22.61 15.05 -2.59
CA VAL A 394 22.58 14.28 -3.82
C VAL A 394 23.72 14.67 -4.75
N GLU A 395 23.90 13.85 -5.79
CA GLU A 395 24.85 14.05 -6.89
C GLU A 395 26.22 14.49 -6.39
N HIS A 396 26.85 13.64 -5.60
CA HIS A 396 28.21 13.89 -5.18
C HIS A 396 29.16 13.81 -6.37
N PRO A 397 30.27 14.54 -6.34
CA PRO A 397 31.28 14.39 -7.39
C PRO A 397 31.81 12.97 -7.45
N GLN A 398 32.40 12.63 -8.61
CA GLN A 398 32.89 11.28 -8.84
C GLN A 398 34.14 10.97 -8.02
N ILE A 399 34.86 11.98 -7.56
CA ILE A 399 36.02 11.71 -6.70
C ILE A 399 35.57 11.23 -5.33
N MET A 400 34.33 11.47 -4.95
CA MET A 400 33.79 10.94 -3.70
C MET A 400 33.11 9.60 -3.88
N SER A 401 32.71 9.25 -5.09
CA SER A 401 31.85 8.09 -5.34
C SER A 401 32.51 7.19 -6.38
N PRO A 402 33.54 6.44 -6.00
CA PRO A 402 34.22 5.56 -6.98
C PRO A 402 33.34 4.44 -7.51
N LEU A 403 32.29 4.04 -6.80
CA LEU A 403 31.42 2.97 -7.25
C LEU A 403 30.10 3.48 -7.83
N ALA A 404 29.80 4.77 -7.71
CA ALA A 404 28.57 5.31 -8.26
C ALA A 404 28.72 5.63 -9.74
N LYS A 405 27.63 5.49 -10.47
CA LYS A 405 27.63 5.77 -11.90
C LYS A 405 27.64 7.28 -12.14
N TYR A 406 28.39 7.71 -13.14
CA TYR A 406 28.53 9.13 -13.46
C TYR A 406 27.17 9.73 -13.82
N HIS A 407 27.03 11.02 -13.56
CA HIS A 407 25.78 11.72 -13.83
C HIS A 407 25.55 11.85 -15.33
N ARG A 408 24.30 11.65 -15.75
CA ARG A 408 23.99 11.56 -17.17
C ARG A 408 23.93 12.92 -17.87
N THR A 409 23.67 14.00 -17.12
CA THR A 409 23.68 15.35 -17.70
C THR A 409 24.59 16.32 -16.97
N LYS A 410 25.25 15.90 -15.89
CA LYS A 410 26.12 16.80 -15.12
C LYS A 410 27.53 16.24 -15.07
N PRO A 411 28.49 16.83 -15.77
CA PRO A 411 29.84 16.27 -15.80
C PRO A 411 30.50 16.34 -14.42
N GLY A 412 31.30 15.31 -14.13
CA GLY A 412 32.06 15.25 -12.89
C GLY A 412 31.27 14.80 -11.67
N LEU A 413 29.94 14.78 -11.74
CA LEU A 413 29.11 14.35 -10.63
C LEU A 413 28.59 12.94 -10.86
N THR A 414 27.94 12.40 -9.84
CA THR A 414 27.37 11.05 -9.86
C THR A 414 25.86 11.12 -9.66
N GLU A 415 25.22 9.97 -9.81
CA GLU A 415 23.78 9.84 -9.50
C GLU A 415 23.60 9.26 -8.11
N ARG A 416 24.15 9.96 -7.12
CA ARG A 416 24.22 9.48 -5.75
C ARG A 416 23.34 10.31 -4.84
N LEU A 417 22.78 9.67 -3.82
CA LEU A 417 21.94 10.33 -2.82
C LEU A 417 22.32 9.85 -1.43
N GLU A 418 21.98 10.66 -0.43
CA GLU A 418 22.27 10.33 0.96
C GLU A 418 21.23 11.01 1.84
N MET A 419 20.47 10.20 2.58
CA MET A 419 19.45 10.75 3.46
C MET A 419 20.02 10.99 4.86
N PHE A 420 19.67 12.14 5.43
CA PHE A 420 20.13 12.56 6.74
C PHE A 420 18.93 12.78 7.66
N ILE A 421 19.11 12.45 8.94
CA ILE A 421 18.18 12.84 9.99
C ILE A 421 19.00 13.53 11.07
N CYS A 422 18.69 14.80 11.33
CA CYS A 422 19.39 15.61 12.33
C CYS A 422 20.89 15.67 12.04
N GLY A 423 21.24 15.76 10.76
CA GLY A 423 22.64 15.87 10.38
C GLY A 423 23.44 14.59 10.51
N LYS A 424 22.77 13.44 10.55
CA LYS A 424 23.43 12.15 10.70
C LYS A 424 23.14 11.31 9.47
N GLU A 425 24.19 10.87 8.77
CA GLU A 425 24.02 10.06 7.58
C GLU A 425 23.36 8.73 7.94
N VAL A 426 22.27 8.42 7.25
CA VAL A 426 21.49 7.22 7.54
C VAL A 426 21.24 6.36 6.31
N LEU A 427 21.46 6.87 5.11
CA LEU A 427 21.14 6.16 3.88
C LEU A 427 22.14 6.54 2.81
N ASN A 428 22.64 5.55 2.10
CA ASN A 428 23.55 5.79 0.97
C ASN A 428 23.07 4.97 -0.22
N ALA A 429 22.92 5.64 -1.36
CA ALA A 429 22.38 5.00 -2.56
C ALA A 429 22.91 5.69 -3.79
N TYR A 430 22.97 4.95 -4.89
CA TYR A 430 23.30 5.53 -6.18
C TYR A 430 23.00 4.54 -7.29
N THR A 431 22.84 5.06 -8.50
CA THR A 431 22.95 4.25 -9.69
C THR A 431 24.35 3.63 -9.74
N GLU A 432 24.41 2.30 -9.83
CA GLU A 432 25.68 1.61 -9.75
C GLU A 432 26.52 1.85 -10.99
N LEU A 433 27.83 2.01 -10.79
CA LEU A 433 28.77 2.14 -11.90
C LEU A 433 28.98 0.74 -12.46
N ASN A 434 28.50 0.50 -13.69
CA ASN A 434 28.43 -0.83 -14.25
C ASN A 434 29.42 -1.05 -15.37
N ASP A 435 30.24 -0.04 -15.68
CA ASP A 435 31.19 -0.15 -16.77
C ASP A 435 32.56 -0.50 -16.24
N PRO A 436 33.07 -1.71 -16.50
CA PRO A 436 34.39 -2.07 -15.98
C PRO A 436 35.52 -1.19 -16.48
N PHE A 437 35.35 -0.57 -17.65
CA PHE A 437 36.38 0.33 -18.17
C PHE A 437 36.54 1.56 -17.29
N LYS A 438 35.42 2.11 -16.81
CA LYS A 438 35.47 3.29 -15.93
C LYS A 438 35.69 2.92 -14.48
N GLN A 439 35.53 1.66 -14.11
CA GLN A 439 35.66 1.30 -12.70
C GLN A 439 37.12 1.22 -12.28
N LYS A 440 37.95 0.56 -13.10
CA LYS A 440 39.37 0.46 -12.77
C LYS A 440 40.01 1.83 -12.64
N GLU A 441 39.56 2.81 -13.42
CA GLU A 441 40.08 4.16 -13.30
C GLU A 441 39.72 4.78 -11.95
N CYS A 442 38.58 4.40 -11.38
CA CYS A 442 38.22 4.86 -10.05
C CYS A 442 38.83 4.02 -8.95
N PHE A 443 39.28 2.80 -9.26
CA PHE A 443 40.05 1.99 -8.32
C PHE A 443 41.54 2.29 -8.40
N LYS A 444 42.04 2.70 -9.58
CA LYS A 444 43.43 3.09 -9.72
C LYS A 444 43.65 4.52 -9.24
N LEU A 445 42.64 5.38 -9.36
CA LEU A 445 42.75 6.71 -8.75
C LEU A 445 42.61 6.62 -7.25
N GLN A 446 41.88 5.62 -6.74
CA GLN A 446 41.77 5.44 -5.31
C GLN A 446 43.05 4.88 -4.70
N GLN A 447 43.78 4.06 -5.46
CA GLN A 447 45.05 3.54 -4.96
C GLN A 447 46.11 4.63 -4.84
N LYS A 448 46.06 5.63 -5.73
CA LYS A 448 46.93 6.80 -5.57
C LYS A 448 46.50 7.64 -4.39
N ASP A 449 45.18 7.78 -4.18
CA ASP A 449 44.69 8.38 -2.95
C ASP A 449 45.13 7.58 -1.74
N ARG A 450 45.13 6.24 -1.86
CA ARG A 450 45.69 5.39 -0.83
C ARG A 450 47.17 5.68 -0.60
N GLU A 451 47.88 6.09 -1.65
CA GLU A 451 49.31 6.37 -1.55
C GLU A 451 49.62 7.67 -0.82
N LYS A 452 48.62 8.52 -0.58
CA LYS A 452 48.82 9.79 0.11
C LYS A 452 48.55 9.71 1.60
N GLY A 453 48.29 8.52 2.13
CA GLY A 453 47.92 8.35 3.52
C GLY A 453 46.45 8.14 3.76
N ASP A 454 45.62 8.28 2.72
CA ASP A 454 44.19 8.01 2.82
C ASP A 454 44.01 6.49 2.82
N THR A 455 44.12 5.90 4.01
CA THR A 455 43.96 4.47 4.17
C THR A 455 42.51 4.03 4.14
N GLU A 456 41.57 4.96 3.92
CA GLU A 456 40.20 4.62 3.60
C GLU A 456 39.96 4.57 2.09
N ALA A 457 40.97 4.90 1.29
CA ALA A 457 40.82 4.86 -0.16
C ALA A 457 40.70 3.42 -0.64
N ALA A 458 39.65 3.14 -1.39
CA ALA A 458 39.29 1.78 -1.74
C ALA A 458 40.39 1.09 -2.55
N GLN A 459 40.68 -0.16 -2.17
CA GLN A 459 41.70 -0.95 -2.86
C GLN A 459 41.14 -1.52 -4.15
N LEU A 460 41.97 -2.28 -4.86
CA LEU A 460 41.57 -2.93 -6.10
C LEU A 460 41.09 -4.34 -5.78
N ASP A 461 39.78 -4.56 -5.89
CA ASP A 461 39.22 -5.91 -5.87
C ASP A 461 39.20 -6.41 -7.31
N SER A 462 39.97 -7.47 -7.57
CA SER A 462 40.05 -8.00 -8.92
C SER A 462 38.88 -8.93 -9.23
N ALA A 463 38.51 -9.78 -8.28
CA ALA A 463 37.38 -10.70 -8.49
C ALA A 463 36.09 -9.95 -8.76
N PHE A 464 35.91 -8.79 -8.13
CA PHE A 464 34.73 -7.97 -8.41
C PHE A 464 34.86 -7.30 -9.78
N CYS A 465 36.07 -6.88 -10.14
CA CYS A 465 36.27 -6.24 -11.44
C CYS A 465 36.02 -7.22 -12.59
N THR A 466 36.36 -8.49 -12.40
CA THR A 466 36.10 -9.48 -13.43
C THR A 466 34.61 -9.73 -13.60
N SER A 467 33.86 -9.75 -12.49
CA SER A 467 32.41 -9.93 -12.59
C SER A 467 31.73 -8.78 -13.32
N LEU A 468 32.25 -7.56 -13.18
CA LEU A 468 31.77 -6.45 -13.97
C LEU A 468 31.99 -6.66 -15.46
N GLU A 469 32.96 -7.50 -15.84
CA GLU A 469 33.27 -7.74 -17.24
C GLU A 469 32.32 -8.74 -17.90
N TYR A 470 31.52 -9.47 -17.13
CA TYR A 470 30.48 -10.32 -17.69
C TYR A 470 29.16 -9.58 -17.85
N GLY A 471 29.11 -8.32 -17.46
CA GLY A 471 27.96 -7.48 -17.71
C GLY A 471 27.08 -7.34 -16.49
N LEU A 472 27.26 -6.25 -15.75
CA LEU A 472 26.37 -5.93 -14.67
C LEU A 472 25.25 -5.06 -15.22
N PRO A 473 24.01 -5.52 -15.23
CA PRO A 473 22.91 -4.71 -15.76
C PRO A 473 22.82 -3.39 -15.04
N PRO A 474 22.21 -2.38 -15.65
CA PRO A 474 21.97 -1.12 -14.92
C PRO A 474 21.14 -1.37 -13.68
N THR A 475 21.71 -1.07 -12.52
CA THR A 475 21.06 -1.36 -11.25
C THR A 475 21.14 -0.16 -10.33
N GLY A 476 20.33 -0.21 -9.28
CA GLY A 476 20.38 0.76 -8.20
C GLY A 476 20.47 0.08 -6.86
N GLY A 477 21.50 0.42 -6.09
CA GLY A 477 21.68 -0.13 -4.76
C GLY A 477 21.60 0.96 -3.71
N LEU A 478 21.21 0.57 -2.49
CA LEU A 478 21.02 1.49 -1.39
C LEU A 478 21.46 0.82 -0.09
N GLY A 479 22.08 1.61 0.79
CA GLY A 479 22.46 1.13 2.10
C GLY A 479 21.69 1.84 3.19
N LEU A 480 21.41 1.11 4.27
CA LEU A 480 20.68 1.63 5.42
C LEU A 480 21.51 1.41 6.68
N GLY A 481 21.64 2.45 7.50
CA GLY A 481 22.26 2.29 8.80
C GLY A 481 21.22 2.01 9.87
N ILE A 482 21.04 0.74 10.21
CA ILE A 482 19.88 0.32 10.98
C ILE A 482 19.94 0.85 12.41
N ASP A 483 21.12 0.76 13.04
CA ASP A 483 21.25 1.25 14.41
C ASP A 483 20.93 2.74 14.50
N ARG A 484 21.22 3.51 13.45
CA ARG A 484 20.93 4.93 13.47
C ARG A 484 19.44 5.19 13.26
N ILE A 485 18.81 4.44 12.35
CA ILE A 485 17.36 4.50 12.21
C ILE A 485 16.70 4.18 13.54
N THR A 486 17.24 3.22 14.27
CA THR A 486 16.67 2.85 15.57
C THR A 486 16.85 3.96 16.59
N MET A 487 18.00 4.63 16.58
CA MET A 487 18.23 5.75 17.50
C MET A 487 17.13 6.80 17.38
N PHE A 488 16.87 7.26 16.15
CA PHE A 488 15.90 8.32 15.95
C PHE A 488 14.47 7.84 16.21
N LEU A 489 14.16 6.60 15.79
CA LEU A 489 12.81 6.08 15.97
C LEU A 489 12.55 5.58 17.39
N THR A 490 13.56 5.55 18.26
CA THR A 490 13.37 5.23 19.67
C THR A 490 13.76 6.38 20.58
N ASN A 491 14.10 7.54 20.02
CA ASN A 491 14.49 8.73 20.78
C ASN A 491 15.63 8.42 21.75
N LYS A 492 16.78 8.05 21.18
CA LYS A 492 17.99 7.83 21.96
C LYS A 492 19.15 8.56 21.30
N ASN A 493 19.98 9.21 22.13
CA ASN A 493 21.03 10.09 21.65
C ASN A 493 22.35 9.37 21.38
N SER A 494 22.49 8.12 21.82
CA SER A 494 23.71 7.36 21.62
C SER A 494 23.43 6.08 20.86
N ILE A 495 24.42 5.63 20.10
CA ILE A 495 24.32 4.34 19.44
C ILE A 495 24.48 3.21 20.44
N LYS A 496 25.06 3.48 21.61
CA LYS A 496 25.17 2.47 22.66
C LYS A 496 23.82 2.12 23.27
N ASP A 497 22.80 2.95 23.05
CA ASP A 497 21.48 2.74 23.63
C ASP A 497 20.57 1.90 22.74
N VAL A 498 20.97 1.60 21.51
CA VAL A 498 20.20 0.78 20.59
C VAL A 498 20.94 -0.50 20.20
N ILE A 499 22.07 -0.78 20.86
CA ILE A 499 22.79 -2.03 20.71
C ILE A 499 22.81 -2.71 22.07
N LEU A 500 22.52 -4.01 22.07
CA LEU A 500 22.40 -4.74 23.33
C LEU A 500 23.69 -4.68 24.14
N PHE A 501 24.79 -5.13 23.54
CA PHE A 501 26.11 -5.09 24.19
C PHE A 501 27.02 -4.24 23.31
N PRO A 502 27.04 -2.93 23.51
CA PRO A 502 27.92 -2.08 22.71
C PRO A 502 29.38 -2.35 23.04
N THR A 503 30.24 -1.88 22.15
CA THR A 503 31.68 -2.04 22.32
C THR A 503 32.20 -0.98 23.28
N MET A 504 32.75 -1.42 24.40
CA MET A 504 33.17 -0.55 25.47
C MET A 504 34.68 -0.64 25.69
N ARG A 505 35.23 0.40 26.30
CA ARG A 505 36.58 0.31 26.84
C ARG A 505 36.58 -0.71 27.97
N PRO A 506 37.47 -1.69 27.95
CA PRO A 506 37.40 -2.76 28.96
C PRO A 506 37.63 -2.23 30.36
N ALA A 507 37.00 -2.89 31.33
CA ALA A 507 37.21 -2.57 32.74
C ALA A 507 38.49 -3.20 33.29
N ASN A 508 39.17 -4.03 32.52
CA ASN A 508 40.41 -4.69 32.91
C ASN A 508 40.21 -5.65 34.07
N ASP B 4 39.41 -19.07 -28.85
CA ASP B 4 40.25 -18.74 -27.71
C ASP B 4 39.68 -17.52 -26.98
N PRO B 5 39.49 -17.65 -25.66
CA PRO B 5 38.83 -16.56 -24.91
C PRO B 5 39.59 -15.24 -24.92
N ARG B 6 40.92 -15.26 -24.79
CA ARG B 6 41.67 -14.01 -24.65
C ARG B 6 41.43 -13.07 -25.82
N LEU B 7 41.36 -13.62 -27.04
CA LEU B 7 41.04 -12.80 -28.20
C LEU B 7 39.59 -12.31 -28.17
N TYR B 8 38.68 -13.14 -27.65
CA TYR B 8 37.27 -12.75 -27.59
C TYR B 8 37.07 -11.54 -26.69
N PHE B 9 37.65 -11.58 -25.48
CA PHE B 9 37.51 -10.45 -24.56
C PHE B 9 38.08 -9.18 -25.16
N GLU B 10 39.21 -9.28 -25.87
CA GLU B 10 39.87 -8.09 -26.38
C GLU B 10 39.10 -7.46 -27.54
N ASN B 11 38.51 -8.29 -28.40
CA ASN B 11 37.64 -7.76 -29.45
C ASN B 11 36.43 -7.04 -28.84
N ARG B 12 35.77 -7.69 -27.89
CA ARG B 12 34.62 -7.07 -27.24
C ARG B 12 35.05 -5.84 -26.43
N SER B 13 36.25 -5.88 -25.84
CA SER B 13 36.77 -4.72 -25.13
C SER B 13 37.00 -3.56 -26.10
N LYS B 14 37.68 -3.83 -27.21
CA LYS B 14 37.85 -2.81 -28.24
C LYS B 14 36.52 -2.41 -28.84
N PHE B 15 35.56 -3.34 -28.91
CA PHE B 15 34.24 -3.03 -29.44
C PHE B 15 33.55 -1.96 -28.61
N ILE B 16 33.67 -2.04 -27.28
CA ILE B 16 33.02 -1.07 -26.41
C ILE B 16 33.62 0.32 -26.61
N GLN B 17 34.95 0.39 -26.71
CA GLN B 17 35.60 1.69 -26.90
C GLN B 17 35.23 2.31 -28.24
N ASP B 18 35.02 1.49 -29.27
CA ASP B 18 34.53 2.01 -30.54
C ASP B 18 33.19 2.71 -30.36
N GLN B 19 32.29 2.10 -29.59
CA GLN B 19 30.99 2.72 -29.35
C GLN B 19 31.13 4.04 -28.60
N LYS B 20 32.07 4.11 -27.66
CA LYS B 20 32.27 5.35 -26.91
C LYS B 20 32.80 6.45 -27.80
N ASP B 21 33.74 6.14 -28.70
CA ASP B 21 34.23 7.13 -29.64
C ASP B 21 33.20 7.40 -30.74
N LYS B 22 32.44 6.38 -31.15
CA LYS B 22 31.47 6.57 -32.23
C LYS B 22 30.27 7.39 -31.81
N GLY B 23 30.00 7.52 -30.52
CA GLY B 23 29.00 8.44 -30.00
C GLY B 23 27.96 7.80 -29.10
N ILE B 24 27.67 6.51 -29.32
CA ILE B 24 26.59 5.84 -28.60
C ILE B 24 27.10 5.38 -27.24
N ASN B 25 26.26 5.56 -26.21
CA ASN B 25 26.63 5.17 -24.85
C ASN B 25 26.46 3.67 -24.67
N PRO B 26 27.53 2.91 -24.43
CA PRO B 26 27.40 1.45 -24.37
C PRO B 26 26.76 0.96 -23.08
N TYR B 27 26.68 1.78 -22.04
CA TYR B 27 26.08 1.41 -20.76
C TYR B 27 25.03 2.46 -20.41
N PRO B 28 23.86 2.40 -21.05
CA PRO B 28 22.83 3.41 -20.81
C PRO B 28 22.42 3.45 -19.35
N HIS B 29 21.95 4.63 -18.93
CA HIS B 29 21.68 4.85 -17.52
C HIS B 29 20.36 4.22 -17.08
N LYS B 30 19.34 4.28 -17.93
CA LYS B 30 18.01 3.85 -17.50
C LYS B 30 17.23 3.30 -18.68
N PHE B 31 16.63 2.12 -18.48
CA PHE B 31 15.68 1.55 -19.41
C PHE B 31 14.45 1.18 -18.59
N GLU B 32 13.33 1.84 -18.86
CA GLU B 32 12.12 1.60 -18.08
C GLU B 32 11.48 0.31 -18.54
N ARG B 33 11.53 -0.71 -17.68
CA ARG B 33 10.88 -1.98 -17.94
C ARG B 33 9.41 -1.90 -17.57
N THR B 34 8.55 -2.39 -18.45
CA THR B 34 7.12 -2.43 -18.17
C THR B 34 6.65 -3.75 -17.58
N ILE B 35 7.40 -4.83 -17.80
CA ILE B 35 6.94 -6.17 -17.46
C ILE B 35 8.18 -7.04 -17.34
N SER B 36 8.15 -7.97 -16.38
CA SER B 36 9.27 -8.87 -16.18
C SER B 36 9.06 -10.15 -16.99
N ILE B 37 10.13 -10.94 -17.11
CA ILE B 37 10.07 -12.19 -17.87
C ILE B 37 9.13 -13.17 -17.18
N PRO B 38 9.17 -13.34 -15.84
CA PRO B 38 8.14 -14.18 -15.21
C PRO B 38 6.71 -13.72 -15.47
N GLU B 39 6.42 -12.43 -15.24
CA GLU B 39 5.10 -11.90 -15.57
C GLU B 39 4.76 -12.15 -17.03
N PHE B 40 5.75 -12.00 -17.91
CA PHE B 40 5.53 -12.13 -19.35
C PHE B 40 5.01 -13.53 -19.69
N ILE B 41 5.68 -14.56 -19.18
CA ILE B 41 5.22 -15.92 -19.41
C ILE B 41 3.84 -16.13 -18.82
N GLU B 42 3.61 -15.63 -17.61
CA GLU B 42 2.30 -15.76 -16.98
C GLU B 42 1.23 -15.05 -17.79
N LYS B 43 1.52 -13.84 -18.28
CA LYS B 43 0.51 -13.05 -18.95
C LYS B 43 0.16 -13.61 -20.33
N TYR B 44 1.13 -14.21 -21.03
CA TYR B 44 0.94 -14.59 -22.42
C TYR B 44 1.29 -16.04 -22.69
N LYS B 45 1.21 -16.91 -21.68
CA LYS B 45 1.47 -18.33 -21.92
C LYS B 45 0.34 -18.96 -22.75
N ASP B 46 -0.89 -18.50 -22.57
CA ASP B 46 -2.07 -19.17 -23.11
C ASP B 46 -2.30 -18.91 -24.59
N LEU B 47 -1.51 -18.04 -25.21
CA LEU B 47 -1.72 -17.73 -26.62
C LEU B 47 -1.37 -18.92 -27.50
N GLY B 48 -2.24 -19.20 -28.46
CA GLY B 48 -2.01 -20.29 -29.39
C GLY B 48 -0.83 -20.03 -30.30
N ASN B 49 -0.36 -21.10 -30.95
CA ASN B 49 0.84 -21.06 -31.78
C ASN B 49 0.57 -20.22 -33.03
N GLY B 50 1.08 -18.99 -33.03
CA GLY B 50 1.00 -18.15 -34.22
C GLY B 50 0.40 -16.78 -34.00
N GLU B 51 -0.20 -16.56 -32.82
CA GLU B 51 -0.90 -15.31 -32.55
C GLU B 51 0.07 -14.20 -32.18
N HIS B 52 -0.16 -13.02 -32.75
CA HIS B 52 0.57 -11.81 -32.41
C HIS B 52 -0.41 -10.76 -31.92
N LEU B 53 -0.15 -10.22 -30.73
CA LEU B 53 -0.83 -8.98 -30.30
C LEU B 53 0.11 -7.83 -30.64
N GLU B 54 0.12 -7.48 -31.93
CA GLU B 54 1.00 -6.44 -32.43
C GLU B 54 0.71 -5.07 -31.84
N ASP B 55 -0.39 -4.91 -31.11
CA ASP B 55 -0.73 -3.64 -30.50
C ASP B 55 -0.07 -3.45 -29.14
N THR B 56 0.29 -4.53 -28.45
CA THR B 56 0.89 -4.42 -27.13
C THR B 56 2.39 -4.18 -27.29
N ILE B 57 2.80 -2.91 -27.24
CA ILE B 57 4.21 -2.55 -27.33
C ILE B 57 4.80 -2.61 -25.93
N LEU B 58 5.60 -3.63 -25.66
CA LEU B 58 6.12 -3.91 -24.33
C LEU B 58 7.60 -3.51 -24.23
N ASN B 59 8.07 -3.39 -23.00
CA ASN B 59 9.50 -3.17 -22.72
C ASN B 59 10.00 -4.35 -21.89
N ILE B 60 10.93 -5.12 -22.45
CA ILE B 60 11.42 -6.37 -21.87
C ILE B 60 12.89 -6.20 -21.51
N THR B 61 13.31 -6.95 -20.51
CA THR B 61 14.70 -7.01 -20.11
C THR B 61 15.13 -8.47 -20.02
N GLY B 62 16.43 -8.68 -20.19
CA GLY B 62 17.00 -9.96 -19.84
C GLY B 62 18.46 -10.04 -20.25
N ARG B 63 18.94 -11.28 -20.25
CA ARG B 63 20.30 -11.60 -20.65
C ARG B 63 20.25 -12.57 -21.82
N ILE B 64 20.81 -12.16 -22.97
CA ILE B 64 20.82 -13.00 -24.14
C ILE B 64 21.79 -14.17 -23.92
N MET B 65 21.31 -15.40 -24.11
CA MET B 65 22.11 -16.58 -23.84
C MET B 65 22.17 -17.55 -25.02
N ARG B 66 21.63 -17.17 -26.17
CA ARG B 66 21.76 -17.98 -27.39
C ARG B 66 21.61 -17.05 -28.58
N VAL B 67 22.49 -17.20 -29.57
CA VAL B 67 22.46 -16.39 -30.78
C VAL B 67 22.30 -17.34 -31.96
N SER B 68 21.35 -17.02 -32.84
CA SER B 68 21.10 -17.82 -34.03
C SER B 68 20.42 -16.94 -35.06
N ALA B 69 20.51 -17.36 -36.32
CA ALA B 69 19.97 -16.58 -37.42
C ALA B 69 19.44 -17.51 -38.49
N SER B 70 18.54 -16.97 -39.32
CA SER B 70 18.03 -17.63 -40.52
C SER B 70 18.19 -16.61 -41.64
N GLY B 71 19.36 -16.59 -42.25
CA GLY B 71 19.66 -15.54 -43.21
C GLY B 71 19.94 -14.22 -42.50
N GLN B 72 19.69 -13.13 -43.21
CA GLN B 72 19.93 -11.81 -42.65
C GLN B 72 18.69 -11.18 -42.03
N LYS B 73 17.50 -11.53 -42.53
CA LYS B 73 16.27 -10.89 -42.07
C LYS B 73 15.68 -11.53 -40.83
N LEU B 74 16.21 -12.66 -40.36
CA LEU B 74 15.66 -13.38 -39.22
C LEU B 74 16.76 -13.61 -38.19
N ARG B 75 16.51 -13.20 -36.95
CA ARG B 75 17.44 -13.39 -35.86
C ARG B 75 16.69 -13.91 -34.64
N PHE B 76 17.27 -14.92 -33.98
CA PHE B 76 16.68 -15.53 -32.80
C PHE B 76 17.65 -15.48 -31.64
N PHE B 77 17.11 -15.23 -30.44
CA PHE B 77 17.90 -15.30 -29.22
C PHE B 77 17.05 -15.87 -28.10
N ASP B 78 17.74 -16.36 -27.06
CA ASP B 78 17.11 -16.81 -25.83
C ASP B 78 17.30 -15.73 -24.76
N LEU B 79 16.20 -15.16 -24.28
CA LEU B 79 16.24 -14.14 -23.25
C LEU B 79 15.92 -14.80 -21.90
N VAL B 80 16.91 -14.83 -21.02
CA VAL B 80 16.77 -15.45 -19.70
C VAL B 80 16.68 -14.35 -18.66
N GLY B 81 15.81 -14.55 -17.68
CA GLY B 81 15.67 -13.61 -16.59
C GLY B 81 14.87 -14.18 -15.42
N ASP B 82 15.35 -13.94 -14.21
CA ASP B 82 14.70 -14.43 -12.98
C ASP B 82 14.46 -15.93 -13.04
N GLY B 83 15.36 -16.65 -13.69
CA GLY B 83 15.28 -18.10 -13.77
C GLY B 83 14.38 -18.64 -14.87
N GLU B 84 13.74 -17.78 -15.65
CA GLU B 84 12.85 -18.22 -16.71
C GLU B 84 13.36 -17.70 -18.05
N LYS B 85 12.95 -18.37 -19.12
CA LYS B 85 13.51 -18.13 -20.45
C LYS B 85 12.39 -18.00 -21.47
N ILE B 86 12.47 -16.96 -22.30
CA ILE B 86 11.54 -16.75 -23.42
C ILE B 86 12.35 -16.59 -24.70
N GLN B 87 11.63 -16.67 -25.81
CA GLN B 87 12.22 -16.45 -27.13
C GLN B 87 12.11 -14.97 -27.51
N VAL B 88 13.09 -14.49 -28.27
CA VAL B 88 12.98 -13.21 -28.95
C VAL B 88 13.17 -13.46 -30.44
N LEU B 89 12.20 -13.02 -31.23
CA LEU B 89 12.19 -13.22 -32.68
C LEU B 89 12.26 -11.84 -33.33
N ALA B 90 13.45 -11.45 -33.75
CA ALA B 90 13.65 -10.19 -34.46
C ALA B 90 13.54 -10.42 -35.96
N ASN B 91 12.66 -9.67 -36.61
CA ASN B 91 12.36 -9.84 -38.02
C ASN B 91 12.45 -8.49 -38.73
N TYR B 92 12.93 -8.51 -39.98
CA TYR B 92 13.24 -7.26 -40.68
C TYR B 92 12.00 -6.39 -40.88
N SER B 93 10.81 -6.99 -40.90
CA SER B 93 9.60 -6.21 -41.15
C SER B 93 9.24 -5.35 -39.94
N PHE B 94 9.30 -5.92 -38.74
CA PHE B 94 8.92 -5.20 -37.53
C PHE B 94 9.98 -4.21 -37.05
N HIS B 95 11.20 -4.30 -37.55
CA HIS B 95 12.29 -3.47 -37.06
C HIS B 95 12.05 -2.00 -37.39
N ASN B 96 12.26 -1.14 -36.40
CA ASN B 96 12.19 0.31 -36.63
C ASN B 96 13.51 0.76 -37.21
N HIS B 97 13.54 0.96 -38.53
CA HIS B 97 14.77 1.30 -39.23
C HIS B 97 15.26 2.71 -38.95
N GLU B 98 14.46 3.54 -38.28
CA GLU B 98 14.89 4.90 -37.96
C GLU B 98 15.99 4.94 -36.92
N LYS B 99 16.10 3.92 -36.07
CA LYS B 99 17.07 3.92 -34.98
C LYS B 99 18.38 3.25 -35.34
N GLY B 100 18.42 2.47 -36.42
CA GLY B 100 19.67 1.88 -36.86
C GLY B 100 19.42 0.78 -37.88
N ASN B 101 20.51 0.41 -38.55
CA ASN B 101 20.45 -0.68 -39.51
C ASN B 101 20.14 -2.00 -38.80
N PHE B 102 19.29 -2.81 -39.40
CA PHE B 102 18.88 -4.06 -38.79
C PHE B 102 20.07 -4.97 -38.54
N ALA B 103 20.83 -5.28 -39.61
CA ALA B 103 21.93 -6.21 -39.47
C ALA B 103 23.02 -5.65 -38.55
N GLU B 104 23.29 -4.35 -38.64
CA GLU B 104 24.31 -3.75 -37.78
C GLU B 104 23.86 -3.74 -36.32
N CYS B 105 22.55 -3.58 -36.08
CA CYS B 105 22.07 -3.58 -34.72
C CYS B 105 22.23 -4.95 -34.06
N TYR B 106 21.88 -6.01 -34.77
CA TYR B 106 21.80 -7.34 -34.16
C TYR B 106 23.06 -8.16 -34.32
N ASP B 107 23.93 -7.84 -35.29
CA ASP B 107 25.21 -8.54 -35.38
C ASP B 107 26.07 -8.32 -34.14
N LYS B 108 25.85 -7.24 -33.40
CA LYS B 108 26.67 -6.91 -32.25
C LYS B 108 26.26 -7.67 -31.00
N ILE B 109 25.05 -8.20 -30.95
CA ILE B 109 24.56 -8.89 -29.76
C ILE B 109 25.19 -10.28 -29.68
N ARG B 110 25.73 -10.62 -28.52
CA ARG B 110 26.37 -11.91 -28.29
C ARG B 110 25.82 -12.52 -27.01
N ARG B 111 26.16 -13.81 -26.82
CA ARG B 111 25.68 -14.55 -25.66
C ARG B 111 26.17 -13.92 -24.37
N GLY B 112 25.23 -13.62 -23.47
CA GLY B 112 25.53 -13.02 -22.19
C GLY B 112 25.19 -11.55 -22.08
N ASP B 113 24.84 -10.91 -23.19
CA ASP B 113 24.58 -9.47 -23.19
C ASP B 113 23.25 -9.17 -22.51
N ILE B 114 23.24 -8.07 -21.75
CA ILE B 114 22.00 -7.54 -21.19
C ILE B 114 21.42 -6.55 -22.19
N VAL B 115 20.18 -6.81 -22.61
CA VAL B 115 19.55 -5.99 -23.64
C VAL B 115 18.25 -5.42 -23.10
N GLY B 116 17.79 -4.35 -23.76
CA GLY B 116 16.47 -3.80 -23.54
C GLY B 116 15.63 -3.88 -24.80
N ILE B 117 14.61 -4.73 -24.78
CA ILE B 117 13.79 -5.01 -25.95
C ILE B 117 12.49 -4.23 -25.85
N VAL B 118 12.10 -3.59 -26.96
CA VAL B 118 10.77 -3.02 -27.12
C VAL B 118 10.10 -3.76 -28.28
N GLY B 119 9.01 -4.45 -27.98
CA GLY B 119 8.30 -5.19 -28.99
C GLY B 119 6.93 -5.62 -28.52
N PHE B 120 6.39 -6.64 -29.18
CA PHE B 120 5.06 -7.11 -28.85
C PHE B 120 5.07 -8.60 -28.56
N PRO B 121 4.11 -9.09 -27.78
CA PRO B 121 4.08 -10.51 -27.46
C PRO B 121 3.47 -11.34 -28.58
N GLY B 122 3.92 -12.58 -28.67
CA GLY B 122 3.43 -13.48 -29.69
C GLY B 122 4.12 -14.84 -29.56
N LYS B 123 3.48 -15.83 -30.19
CA LYS B 123 4.00 -17.19 -30.21
C LYS B 123 4.50 -17.52 -31.61
N SER B 124 5.59 -18.27 -31.69
CA SER B 124 6.18 -18.60 -32.97
C SER B 124 5.31 -19.60 -33.72
N LYS B 125 5.69 -19.86 -34.98
CA LYS B 125 5.00 -20.87 -35.76
C LYS B 125 5.13 -22.24 -35.11
N LYS B 126 6.31 -22.55 -34.56
CA LYS B 126 6.49 -23.78 -33.80
C LYS B 126 5.81 -23.71 -32.44
N GLY B 127 5.45 -22.52 -31.97
CA GLY B 127 4.70 -22.37 -30.75
C GLY B 127 5.51 -22.05 -29.51
N GLU B 128 6.69 -21.45 -29.66
CA GLU B 128 7.52 -21.05 -28.54
C GLU B 128 7.25 -19.58 -28.23
N LEU B 129 6.77 -19.32 -27.01
CA LEU B 129 6.40 -17.96 -26.63
C LEU B 129 7.58 -17.01 -26.84
N SER B 130 7.33 -15.94 -27.58
CA SER B 130 8.38 -15.07 -28.06
C SER B 130 8.03 -13.61 -27.81
N ILE B 131 9.06 -12.78 -27.79
CA ILE B 131 8.91 -11.32 -27.83
C ILE B 131 9.42 -10.85 -29.18
N PHE B 132 8.61 -10.05 -29.87
CA PHE B 132 8.94 -9.62 -31.22
C PHE B 132 9.42 -8.18 -31.21
N PRO B 133 10.73 -7.94 -31.13
CA PRO B 133 11.22 -6.57 -30.96
C PRO B 133 11.02 -5.72 -32.21
N LYS B 134 10.65 -4.46 -31.99
CA LYS B 134 10.83 -3.43 -33.00
C LYS B 134 12.17 -2.73 -32.85
N GLU B 135 12.76 -2.79 -31.66
CA GLU B 135 14.03 -2.15 -31.37
C GLU B 135 14.68 -2.90 -30.21
N THR B 136 16.00 -3.08 -30.29
CA THR B 136 16.76 -3.77 -29.26
C THR B 136 17.98 -2.94 -28.90
N ILE B 137 18.19 -2.74 -27.60
CA ILE B 137 19.25 -1.87 -27.09
C ILE B 137 20.15 -2.67 -26.16
N LEU B 138 21.45 -2.63 -26.40
CA LEU B 138 22.44 -3.26 -25.52
C LEU B 138 22.60 -2.40 -24.26
N LEU B 139 22.20 -2.94 -23.11
CA LEU B 139 22.30 -2.19 -21.86
C LEU B 139 23.60 -2.48 -21.11
N SER B 140 24.03 -3.74 -21.06
CA SER B 140 25.30 -4.08 -20.44
C SER B 140 25.86 -5.32 -21.13
N ALA B 141 27.10 -5.22 -21.59
CA ALA B 141 27.69 -6.22 -22.46
C ALA B 141 28.45 -7.28 -21.68
N CYS B 142 28.41 -8.51 -22.18
CA CYS B 142 29.22 -9.60 -21.68
C CYS B 142 30.49 -9.68 -22.54
N LEU B 143 31.62 -9.34 -21.93
CA LEU B 143 32.87 -9.26 -22.68
C LEU B 143 33.59 -10.59 -22.77
N HIS B 144 33.38 -11.50 -21.82
CA HIS B 144 33.99 -12.81 -21.86
C HIS B 144 33.11 -13.80 -22.60
N MET B 145 33.61 -15.03 -22.73
CA MET B 145 32.84 -16.14 -23.26
C MET B 145 32.25 -16.91 -22.09
N LEU B 146 30.92 -16.91 -21.98
CA LEU B 146 30.28 -17.72 -20.96
C LEU B 146 30.43 -19.20 -21.31
N PRO B 147 30.76 -20.04 -20.34
CA PRO B 147 30.87 -21.48 -20.61
C PRO B 147 29.49 -22.10 -20.77
N MET B 148 29.50 -23.34 -21.25
CA MET B 148 28.29 -24.15 -21.22
C MET B 148 28.27 -24.94 -19.92
N LYS B 149 27.24 -25.77 -19.74
CA LYS B 149 27.05 -26.44 -18.44
C LYS B 149 28.23 -27.32 -18.08
N TYR B 150 28.85 -27.97 -19.07
CA TYR B 150 29.98 -28.85 -18.79
C TYR B 150 31.21 -28.09 -18.32
N GLY B 151 31.30 -26.79 -18.60
CA GLY B 151 32.43 -26.00 -18.14
C GLY B 151 32.50 -25.77 -16.65
N LEU B 152 31.47 -26.18 -15.91
CA LEU B 152 31.42 -25.99 -14.47
C LEU B 152 31.45 -27.31 -13.70
N LYS B 153 31.78 -28.42 -14.36
CA LYS B 153 31.68 -29.72 -13.71
C LYS B 153 32.92 -30.04 -12.86
N ASP B 154 34.07 -30.18 -13.50
CA ASP B 154 35.31 -30.55 -12.80
C ASP B 154 36.17 -29.32 -12.54
N THR B 155 35.64 -28.42 -11.71
CA THR B 155 36.30 -27.14 -11.52
C THR B 155 35.87 -26.52 -10.19
N GLU B 156 36.68 -25.58 -9.73
CA GLU B 156 36.39 -24.73 -8.57
C GLU B 156 35.55 -23.52 -8.94
N ILE B 157 35.18 -23.38 -10.21
CA ILE B 157 34.63 -22.11 -10.72
C ILE B 157 33.31 -21.77 -10.04
N ARG B 158 32.52 -22.77 -9.66
CA ARG B 158 31.22 -22.50 -9.05
C ARG B 158 31.35 -21.69 -7.77
N TYR B 159 32.49 -21.82 -7.07
CA TYR B 159 32.64 -21.19 -5.77
C TYR B 159 33.29 -19.81 -5.85
N ARG B 160 34.19 -19.59 -6.82
CA ARG B 160 34.80 -18.27 -6.95
C ARG B 160 33.91 -17.34 -7.77
N GLN B 161 33.46 -17.80 -8.94
CA GLN B 161 32.49 -17.08 -9.74
C GLN B 161 31.11 -17.71 -9.57
N ARG B 162 30.48 -17.41 -8.43
CA ARG B 162 29.14 -17.92 -8.19
C ARG B 162 28.13 -17.34 -9.18
N TYR B 163 28.42 -16.15 -9.72
CA TYR B 163 27.50 -15.55 -10.68
C TYR B 163 27.42 -16.36 -11.96
N LEU B 164 28.55 -16.94 -12.39
CA LEU B 164 28.51 -17.81 -13.57
C LEU B 164 27.72 -19.08 -13.27
N ASP B 165 27.91 -19.66 -12.08
CA ASP B 165 27.17 -20.86 -11.71
C ASP B 165 25.67 -20.59 -11.63
N LEU B 166 25.29 -19.43 -11.07
CA LEU B 166 23.87 -19.08 -10.99
C LEU B 166 23.27 -18.85 -12.38
N LEU B 167 24.08 -18.38 -13.33
CA LEU B 167 23.56 -18.04 -14.65
C LEU B 167 23.41 -19.25 -15.57
N ILE B 168 24.17 -20.32 -15.32
CA ILE B 168 24.19 -21.49 -16.20
C ILE B 168 23.48 -22.68 -15.57
N ASN B 169 23.95 -23.11 -14.40
CA ASN B 169 23.33 -24.23 -13.69
C ASN B 169 22.05 -23.75 -13.03
N GLU B 170 20.91 -24.16 -13.59
CA GLU B 170 19.62 -23.80 -13.00
C GLU B 170 19.40 -24.43 -11.64
N SER B 171 20.20 -25.42 -11.26
CA SER B 171 20.02 -26.07 -9.97
C SER B 171 20.60 -25.26 -8.83
N SER B 172 21.68 -24.51 -9.07
CA SER B 172 22.26 -23.72 -8.01
C SER B 172 21.31 -22.63 -7.54
N ARG B 173 20.57 -22.02 -8.47
CA ARG B 173 19.56 -21.05 -8.07
C ARG B 173 18.46 -21.70 -7.24
N HIS B 174 18.14 -22.96 -7.52
CA HIS B 174 17.16 -23.67 -6.71
C HIS B 174 17.66 -23.92 -5.30
N THR B 175 18.96 -24.13 -5.13
CA THR B 175 19.50 -24.48 -3.82
C THR B 175 19.49 -23.29 -2.86
N PHE B 176 19.89 -22.11 -3.36
CA PHE B 176 19.94 -20.94 -2.48
C PHE B 176 18.56 -20.36 -2.23
N VAL B 177 17.63 -20.54 -3.17
CA VAL B 177 16.22 -20.26 -2.87
C VAL B 177 15.74 -21.14 -1.73
N THR B 178 16.09 -22.43 -1.80
CA THR B 178 15.76 -23.34 -0.71
C THR B 178 16.45 -22.94 0.58
N ARG B 179 17.73 -22.56 0.50
CA ARG B 179 18.44 -22.10 1.69
C ARG B 179 17.73 -20.91 2.32
N THR B 180 17.24 -19.98 1.50
CA THR B 180 16.56 -18.81 2.04
C THR B 180 15.16 -19.15 2.55
N LYS B 181 14.48 -20.10 1.89
CA LYS B 181 13.20 -20.57 2.39
C LYS B 181 13.36 -21.32 3.71
N ILE B 182 14.49 -22.02 3.89
CA ILE B 182 14.75 -22.70 5.15
C ILE B 182 14.81 -21.67 6.28
N ILE B 183 15.63 -20.63 6.10
CA ILE B 183 15.75 -19.60 7.13
C ILE B 183 14.43 -18.87 7.31
N ASN B 184 13.73 -18.58 6.20
CA ASN B 184 12.42 -17.93 6.29
C ASN B 184 11.47 -18.73 7.18
N PHE B 185 11.43 -20.05 6.99
CA PHE B 185 10.54 -20.90 7.77
C PHE B 185 10.92 -20.89 9.24
N LEU B 186 12.23 -20.99 9.53
CA LEU B 186 12.69 -21.06 10.91
C LEU B 186 12.36 -19.77 11.67
N ARG B 187 12.57 -18.62 11.02
CA ARG B 187 12.29 -17.35 11.68
C ARG B 187 10.81 -17.23 12.06
N ASN B 188 9.91 -17.60 11.15
CA ASN B 188 8.49 -17.54 11.44
C ASN B 188 8.05 -18.66 12.37
N PHE B 189 8.73 -19.81 12.32
CA PHE B 189 8.45 -20.89 13.26
C PHE B 189 8.68 -20.44 14.69
N LEU B 190 9.81 -19.77 14.93
CA LEU B 190 10.09 -19.24 16.26
C LEU B 190 9.20 -18.06 16.60
N ASN B 191 8.95 -17.18 15.63
CA ASN B 191 8.17 -15.98 15.89
C ASN B 191 6.73 -16.29 16.25
N GLU B 192 6.15 -17.34 15.66
CA GLU B 192 4.80 -17.75 16.03
C GLU B 192 4.73 -18.21 17.48
N ARG B 193 5.85 -18.66 18.03
CA ARG B 193 5.91 -19.17 19.39
C ARG B 193 6.46 -18.13 20.38
N GLY B 194 6.38 -16.84 20.03
CA GLY B 194 6.74 -15.78 20.95
C GLY B 194 8.21 -15.50 21.11
N PHE B 195 9.06 -15.99 20.20
CA PHE B 195 10.49 -15.78 20.33
C PHE B 195 10.89 -14.42 19.78
N PHE B 196 11.95 -13.86 20.35
CA PHE B 196 12.37 -12.48 20.12
C PHE B 196 13.77 -12.47 19.53
N GLU B 197 13.91 -11.89 18.34
CA GLU B 197 15.16 -11.89 17.59
C GLU B 197 16.04 -10.74 18.05
N VAL B 198 17.32 -11.03 18.35
CA VAL B 198 18.27 -10.03 18.77
C VAL B 198 19.58 -10.22 18.00
N GLU B 199 20.55 -9.34 18.29
CA GLU B 199 21.88 -9.43 17.69
C GLU B 199 22.91 -9.14 18.78
N THR B 200 23.72 -10.15 19.10
CA THR B 200 24.76 -10.04 20.10
C THR B 200 26.09 -9.66 19.44
N PRO B 201 27.09 -9.25 20.22
CA PRO B 201 28.37 -8.88 19.60
C PRO B 201 29.03 -10.06 18.91
N MET B 202 29.66 -9.79 17.77
CA MET B 202 30.51 -10.76 17.13
C MET B 202 31.96 -10.65 17.58
N MET B 203 32.37 -9.48 18.04
CA MET B 203 33.67 -9.27 18.64
C MET B 203 33.51 -9.16 20.15
N ASN B 204 34.30 -9.95 20.89
CA ASN B 204 34.20 -9.98 22.34
C ASN B 204 35.60 -10.12 22.94
N LEU B 205 35.71 -9.76 24.22
CA LEU B 205 36.95 -9.98 24.94
C LEU B 205 37.25 -11.46 25.14
N ILE B 206 36.23 -12.31 25.02
CA ILE B 206 36.36 -13.75 25.22
C ILE B 206 35.46 -14.45 24.21
N ALA B 207 35.95 -15.55 23.64
CA ALA B 207 35.19 -16.36 22.68
C ALA B 207 34.68 -17.60 23.41
N GLY B 208 33.42 -17.56 23.86
CA GLY B 208 32.82 -18.64 24.60
C GLY B 208 31.54 -19.14 23.95
N GLY B 209 30.98 -20.19 24.55
CA GLY B 209 29.77 -20.82 24.08
C GLY B 209 29.98 -22.12 23.35
N ALA B 210 31.22 -22.48 23.03
CA ALA B 210 31.49 -23.73 22.34
C ALA B 210 32.94 -24.12 22.60
N ASN B 211 33.29 -25.32 22.18
CA ASN B 211 34.65 -25.83 22.30
C ASN B 211 35.32 -25.69 20.93
N ALA B 212 35.86 -24.51 20.66
CA ALA B 212 36.45 -24.22 19.36
C ALA B 212 37.49 -23.12 19.50
N ARG B 213 38.49 -23.17 18.63
CA ARG B 213 39.52 -22.13 18.57
C ARG B 213 39.01 -20.97 17.73
N PRO B 214 39.11 -19.73 18.22
CA PRO B 214 38.51 -18.59 17.51
C PRO B 214 39.48 -17.86 16.59
N PHE B 215 38.94 -16.92 15.82
CA PHE B 215 39.75 -15.95 15.09
C PHE B 215 40.12 -14.80 16.03
N ILE B 216 41.24 -14.15 15.74
CA ILE B 216 41.69 -12.97 16.48
C ILE B 216 41.67 -11.77 15.55
N THR B 217 41.33 -10.61 16.09
CA THR B 217 41.46 -9.35 15.37
C THR B 217 41.79 -8.26 16.38
N HIS B 218 41.99 -7.04 15.86
CA HIS B 218 42.50 -5.95 16.68
C HIS B 218 41.81 -4.65 16.27
N HIS B 219 41.28 -3.93 17.26
CA HIS B 219 40.70 -2.61 17.05
C HIS B 219 41.76 -1.57 17.36
N ASN B 220 42.06 -0.71 16.40
CA ASN B 220 43.26 0.14 16.48
C ASN B 220 43.08 1.25 17.52
N ASP B 221 41.94 1.94 17.49
CA ASP B 221 41.77 3.10 18.36
C ASP B 221 41.79 2.72 19.83
N LEU B 222 41.32 1.52 20.17
CA LEU B 222 41.30 1.06 21.55
C LEU B 222 42.53 0.25 21.92
N ASP B 223 43.39 -0.07 20.94
CA ASP B 223 44.57 -0.93 21.16
C ASP B 223 44.16 -2.22 21.87
N LEU B 224 43.12 -2.86 21.33
CA LEU B 224 42.44 -3.96 22.01
C LEU B 224 42.28 -5.13 21.06
N ASP B 225 42.71 -6.31 21.49
CA ASP B 225 42.52 -7.54 20.74
C ASP B 225 41.17 -8.14 21.06
N LEU B 226 40.46 -8.59 20.02
CA LEU B 226 39.12 -9.12 20.17
C LEU B 226 39.01 -10.45 19.42
N TYR B 227 38.22 -11.35 19.97
CA TYR B 227 37.98 -12.65 19.38
C TYR B 227 36.60 -12.65 18.71
N LEU B 228 36.53 -13.20 17.50
CA LEU B 228 35.25 -13.39 16.86
C LEU B 228 34.49 -14.51 17.57
N ARG B 229 33.17 -14.38 17.60
CA ARG B 229 32.36 -15.31 18.36
C ARG B 229 32.35 -16.68 17.69
N ILE B 230 32.56 -17.73 18.49
CA ILE B 230 32.34 -19.10 18.03
C ILE B 230 30.91 -19.55 18.28
N ALA B 231 30.14 -18.79 19.06
CA ALA B 231 28.75 -19.12 19.37
C ALA B 231 28.05 -17.87 19.87
N THR B 232 26.72 -17.89 19.81
CA THR B 232 25.87 -16.84 20.35
C THR B 232 25.34 -17.21 21.74
N GLU B 233 25.91 -18.23 22.37
CA GLU B 233 25.28 -18.87 23.52
C GLU B 233 25.29 -17.97 24.75
N LEU B 234 26.49 -17.60 25.21
CA LEU B 234 26.61 -16.87 26.47
C LEU B 234 25.88 -15.53 26.46
N PRO B 235 26.07 -14.64 25.47
CA PRO B 235 25.36 -13.35 25.53
C PRO B 235 23.84 -13.49 25.42
N LEU B 236 23.35 -14.56 24.79
CA LEU B 236 21.91 -14.79 24.76
C LEU B 236 21.39 -15.19 26.15
N LYS B 237 22.18 -15.97 26.90
CA LYS B 237 21.70 -16.43 28.20
C LYS B 237 21.63 -15.30 29.21
N MET B 238 22.57 -14.34 29.14
CA MET B 238 22.48 -13.14 29.97
C MET B 238 21.28 -12.28 29.61
N LEU B 239 20.75 -12.45 28.39
CA LEU B 239 19.51 -11.78 28.03
C LEU B 239 18.30 -12.47 28.65
N ILE B 240 18.34 -13.80 28.78
CA ILE B 240 17.33 -14.49 29.58
C ILE B 240 17.33 -13.96 31.00
N VAL B 241 18.52 -13.76 31.57
CA VAL B 241 18.65 -13.13 32.88
C VAL B 241 18.01 -11.74 32.86
N GLY B 242 18.17 -11.02 31.75
CA GLY B 242 17.57 -9.70 31.62
C GLY B 242 16.06 -9.72 31.49
N GLY B 243 15.44 -10.88 31.36
CA GLY B 243 14.00 -10.99 31.31
C GLY B 243 13.39 -11.20 29.95
N ILE B 244 14.19 -11.52 28.93
CA ILE B 244 13.67 -11.86 27.61
C ILE B 244 13.67 -13.38 27.56
N ASP B 245 12.53 -13.97 27.93
CA ASP B 245 12.46 -15.41 28.20
C ASP B 245 12.46 -16.26 26.95
N LYS B 246 12.16 -15.68 25.77
CA LYS B 246 12.18 -16.41 24.51
C LYS B 246 12.97 -15.57 23.51
N VAL B 247 14.28 -15.81 23.48
CA VAL B 247 15.20 -14.99 22.70
C VAL B 247 15.98 -15.91 21.74
N TYR B 248 16.37 -15.36 20.61
CA TYR B 248 17.15 -16.11 19.64
C TYR B 248 17.88 -15.14 18.71
N GLU B 249 18.76 -15.72 17.89
CA GLU B 249 19.57 -14.95 16.96
C GLU B 249 19.99 -15.88 15.83
N ILE B 250 19.70 -15.49 14.59
CA ILE B 250 20.13 -16.23 13.41
C ILE B 250 21.24 -15.42 12.76
N GLY B 251 22.47 -15.90 12.87
CA GLY B 251 23.58 -15.13 12.37
C GLY B 251 24.83 -15.99 12.19
N LYS B 252 25.91 -15.32 11.81
CA LYS B 252 27.17 -15.98 11.53
C LYS B 252 28.02 -16.10 12.79
N VAL B 253 28.76 -17.20 12.89
CA VAL B 253 29.77 -17.40 13.91
C VAL B 253 31.04 -17.89 13.22
N PHE B 254 32.17 -17.71 13.90
CA PHE B 254 33.48 -17.89 13.29
C PHE B 254 34.30 -18.85 14.15
N ARG B 255 34.79 -19.92 13.54
CA ARG B 255 35.62 -20.91 14.21
C ARG B 255 36.87 -21.15 13.38
N ASN B 256 38.04 -20.99 14.01
CA ASN B 256 39.33 -21.03 13.31
C ASN B 256 39.91 -22.44 13.41
N GLU B 257 39.41 -23.32 12.54
CA GLU B 257 39.80 -24.72 12.52
C GLU B 257 39.91 -25.15 11.06
N GLY B 258 39.93 -26.46 10.83
CA GLY B 258 40.14 -26.97 9.49
C GLY B 258 38.89 -26.92 8.62
N ILE B 259 39.12 -26.86 7.30
CA ILE B 259 38.06 -26.81 6.30
C ILE B 259 37.88 -28.19 5.70
N ASP B 260 36.63 -28.62 5.56
CA ASP B 260 36.30 -29.81 4.78
C ASP B 260 34.89 -29.63 4.24
N ASN B 261 34.27 -30.74 3.81
CA ASN B 261 32.97 -30.68 3.14
C ASN B 261 31.84 -30.23 4.06
N THR B 262 32.03 -30.26 5.38
CA THR B 262 30.99 -29.77 6.30
C THR B 262 31.52 -28.72 7.26
N HIS B 263 32.64 -28.07 6.92
CA HIS B 263 33.23 -27.04 7.78
C HIS B 263 33.65 -25.87 6.90
N ASN B 264 32.97 -24.74 7.06
CA ASN B 264 33.43 -23.47 6.51
C ASN B 264 33.75 -22.52 7.66
N PRO B 265 34.88 -21.81 7.60
CA PRO B 265 35.32 -21.02 8.77
C PRO B 265 34.26 -20.08 9.32
N GLU B 266 33.37 -19.55 8.48
CA GLU B 266 32.19 -18.83 8.94
C GLU B 266 30.95 -19.57 8.46
N PHE B 267 30.00 -19.79 9.37
CA PHE B 267 28.79 -20.52 9.03
C PHE B 267 27.64 -19.92 9.82
N THR B 268 26.42 -20.19 9.33
CA THR B 268 25.22 -19.61 9.92
C THR B 268 24.61 -20.58 10.92
N SER B 269 24.38 -20.11 12.13
CA SER B 269 23.73 -20.90 13.16
C SER B 269 22.48 -20.18 13.65
N CYS B 270 21.62 -20.93 14.32
CA CYS B 270 20.48 -20.36 15.04
C CYS B 270 20.46 -20.96 16.43
N GLU B 271 20.67 -20.13 17.44
CA GLU B 271 20.52 -20.51 18.83
C GLU B 271 19.32 -19.78 19.42
N PHE B 272 18.47 -20.52 20.13
CA PHE B 272 17.38 -19.90 20.88
C PHE B 272 17.44 -20.38 22.32
N TYR B 273 16.86 -19.58 23.21
CA TYR B 273 16.83 -19.87 24.63
C TYR B 273 15.44 -19.65 25.17
N TRP B 274 14.92 -20.68 25.84
CA TRP B 274 13.49 -20.82 26.12
C TRP B 274 13.35 -21.10 27.61
N ALA B 275 13.11 -20.05 28.38
CA ALA B 275 13.04 -20.18 29.83
C ALA B 275 11.92 -21.14 30.24
N TYR B 276 12.15 -21.85 31.34
CA TYR B 276 11.23 -22.81 31.95
C TYR B 276 11.00 -24.04 31.07
N ALA B 277 11.79 -24.21 30.01
CA ALA B 277 11.81 -25.43 29.22
C ALA B 277 12.98 -26.30 29.66
N ASP B 278 13.09 -27.48 29.07
CA ASP B 278 14.00 -28.49 29.61
C ASP B 278 14.55 -29.33 28.46
N TYR B 279 15.29 -30.38 28.83
CA TYR B 279 15.81 -31.34 27.86
C TYR B 279 14.69 -31.97 27.04
N ASN B 280 13.55 -32.25 27.69
CA ASN B 280 12.45 -32.91 26.99
C ASN B 280 11.73 -31.96 26.05
N ASP B 281 11.52 -30.70 26.48
CA ASP B 281 10.87 -29.72 25.61
C ASP B 281 11.66 -29.50 24.33
N LEU B 282 12.99 -29.48 24.43
CA LEU B 282 13.82 -29.28 23.24
C LEU B 282 13.77 -30.50 22.32
N ILE B 283 13.67 -31.70 22.90
CA ILE B 283 13.55 -32.90 22.08
C ILE B 283 12.29 -32.83 21.22
N LYS B 284 11.17 -32.41 21.81
CA LYS B 284 9.94 -32.27 21.04
C LYS B 284 10.03 -31.11 20.04
N TRP B 285 10.67 -30.01 20.44
CA TRP B 285 10.84 -28.88 19.53
C TRP B 285 11.60 -29.31 18.27
N SER B 286 12.70 -30.04 18.45
CA SER B 286 13.47 -30.50 17.31
C SER B 286 12.64 -31.41 16.42
N GLU B 287 11.86 -32.31 17.01
CA GLU B 287 11.05 -33.23 16.21
C GLU B 287 9.90 -32.49 15.53
N ASP B 288 9.30 -31.52 16.22
CA ASP B 288 8.25 -30.72 15.59
C ASP B 288 8.81 -29.91 14.42
N PHE B 289 9.95 -29.24 14.64
CA PHE B 289 10.47 -28.32 13.64
C PHE B 289 10.95 -29.05 12.39
N PHE B 290 11.76 -30.10 12.57
CA PHE B 290 12.34 -30.78 11.42
C PHE B 290 11.28 -31.52 10.62
N SER B 291 10.24 -32.04 11.28
CA SER B 291 9.15 -32.67 10.54
C SER B 291 8.33 -31.62 9.80
N GLN B 292 8.05 -30.48 10.44
CA GLN B 292 7.26 -29.44 9.79
C GLN B 292 8.05 -28.71 8.72
N LEU B 293 9.36 -28.58 8.89
CA LEU B 293 10.18 -27.92 7.87
C LEU B 293 10.25 -28.77 6.60
N VAL B 294 10.58 -30.05 6.76
CA VAL B 294 10.63 -30.99 5.64
C VAL B 294 9.31 -30.99 4.88
N TYR B 295 8.19 -31.05 5.60
CA TYR B 295 6.88 -31.09 4.95
C TYR B 295 6.57 -29.76 4.26
N HIS B 296 7.02 -28.65 4.84
CA HIS B 296 6.82 -27.36 4.19
C HIS B 296 7.54 -27.30 2.85
N LEU B 297 8.69 -27.96 2.73
CA LEU B 297 9.45 -27.93 1.49
C LEU B 297 8.95 -28.96 0.49
N PHE B 298 8.63 -30.17 0.96
CA PHE B 298 8.49 -31.32 0.08
C PHE B 298 7.09 -31.92 0.02
N GLY B 299 6.15 -31.46 0.84
CA GLY B 299 4.85 -32.11 0.87
C GLY B 299 4.90 -33.55 1.33
N THR B 300 5.97 -33.93 2.03
CA THR B 300 6.16 -35.28 2.52
C THR B 300 7.20 -35.22 3.62
N TYR B 301 7.32 -36.31 4.38
CA TYR B 301 8.31 -36.42 5.44
C TYR B 301 9.54 -37.21 5.02
N LYS B 302 9.60 -37.68 3.78
CA LYS B 302 10.66 -38.55 3.30
C LYS B 302 11.47 -37.83 2.22
N ILE B 303 12.80 -37.91 2.34
CA ILE B 303 13.73 -37.17 1.48
C ILE B 303 14.67 -38.16 0.78
N SER B 304 15.06 -37.82 -0.43
CA SER B 304 16.12 -38.52 -1.14
C SER B 304 17.42 -37.75 -0.97
N TYR B 305 18.42 -38.40 -0.40
CA TYR B 305 19.73 -37.79 -0.22
C TYR B 305 20.82 -38.76 -0.66
N ASN B 306 21.68 -38.30 -1.56
CA ASN B 306 22.82 -39.09 -2.03
C ASN B 306 23.94 -38.99 -1.01
N LYS B 307 23.87 -39.85 0.01
CA LYS B 307 24.86 -39.81 1.09
C LYS B 307 26.26 -40.12 0.58
N ASP B 308 26.36 -40.98 -0.43
CA ASP B 308 27.65 -41.39 -0.98
C ASP B 308 27.91 -40.79 -2.36
N GLY B 309 27.27 -39.66 -2.66
CA GLY B 309 27.50 -38.96 -3.89
C GLY B 309 26.56 -39.36 -4.99
N PRO B 310 26.51 -38.57 -6.07
CA PRO B 310 25.61 -38.91 -7.20
C PRO B 310 26.04 -40.15 -7.96
N GLU B 311 27.21 -40.70 -7.68
CA GLU B 311 27.67 -41.92 -8.35
C GLU B 311 27.17 -43.19 -7.67
N ASN B 312 26.37 -43.07 -6.62
CA ASN B 312 25.83 -44.22 -5.91
C ASN B 312 24.34 -44.01 -5.64
N GLN B 313 23.65 -45.10 -5.34
CA GLN B 313 22.22 -45.04 -5.09
C GLN B 313 21.96 -44.29 -3.79
N PRO B 314 21.00 -43.37 -3.77
CA PRO B 314 20.76 -42.58 -2.55
C PRO B 314 20.05 -43.36 -1.47
N ILE B 315 19.69 -42.69 -0.37
CA ILE B 315 18.91 -43.30 0.69
C ILE B 315 17.73 -42.40 0.99
N GLU B 316 16.73 -43.00 1.63
CA GLU B 316 15.52 -42.30 2.04
C GLU B 316 15.66 -41.89 3.50
N ILE B 317 15.72 -40.58 3.73
CA ILE B 317 15.66 -40.01 5.08
C ILE B 317 14.19 -39.77 5.42
N ASP B 318 13.67 -40.48 6.41
CA ASP B 318 12.30 -40.29 6.87
C ASP B 318 12.32 -39.40 8.11
N PHE B 319 11.82 -38.18 7.96
CA PHE B 319 11.76 -37.20 9.04
C PHE B 319 10.48 -37.30 9.86
N THR B 320 9.75 -38.40 9.75
CA THR B 320 8.56 -38.59 10.56
C THR B 320 8.96 -38.71 12.03
N PRO B 321 8.39 -37.89 12.92
CA PRO B 321 8.73 -38.00 14.34
C PRO B 321 8.02 -39.19 14.97
N PRO B 322 8.56 -39.72 16.08
CA PRO B 322 9.76 -39.26 16.77
C PRO B 322 11.04 -39.87 16.23
N TYR B 323 12.16 -39.37 16.68
CA TYR B 323 13.47 -39.84 16.27
C TYR B 323 14.11 -40.68 17.37
N PRO B 324 15.00 -41.61 17.01
CA PRO B 324 15.65 -42.43 18.05
C PRO B 324 16.56 -41.59 18.94
N LYS B 325 16.57 -41.94 20.22
CA LYS B 325 17.44 -41.32 21.22
C LYS B 325 18.41 -42.38 21.73
N VAL B 326 19.70 -42.04 21.75
CA VAL B 326 20.75 -42.98 22.12
C VAL B 326 21.67 -42.30 23.14
N SER B 327 21.96 -43.00 24.23
CA SER B 327 22.88 -42.51 25.24
C SER B 327 24.31 -42.80 24.84
N ILE B 328 25.19 -41.81 24.98
CA ILE B 328 26.52 -41.88 24.39
C ILE B 328 27.41 -42.84 25.17
N VAL B 329 27.49 -42.70 26.48
CA VAL B 329 28.35 -43.57 27.28
C VAL B 329 27.80 -44.98 27.29
N GLU B 330 26.47 -45.12 27.33
CA GLU B 330 25.86 -46.44 27.33
C GLU B 330 26.15 -47.20 26.04
N GLU B 331 26.00 -46.51 24.90
CA GLU B 331 26.16 -47.19 23.62
C GLU B 331 27.63 -47.52 23.33
N ILE B 332 28.53 -46.57 23.60
CA ILE B 332 29.96 -46.86 23.44
C ILE B 332 30.34 -48.09 24.25
N GLU B 333 29.83 -48.18 25.48
CA GLU B 333 30.16 -49.32 26.33
C GLU B 333 29.61 -50.63 25.75
N LYS B 334 28.44 -50.57 25.12
CA LYS B 334 27.89 -51.78 24.51
C LYS B 334 28.63 -52.15 23.23
N VAL B 335 28.89 -51.16 22.37
CA VAL B 335 29.47 -51.45 21.07
C VAL B 335 30.96 -51.77 21.18
N THR B 336 31.68 -51.15 22.12
CA THR B 336 33.08 -51.45 22.32
C THR B 336 33.32 -52.58 23.31
N ASN B 337 32.26 -53.08 23.95
CA ASN B 337 32.36 -54.12 24.97
C ASN B 337 33.41 -53.76 26.03
N THR B 338 33.26 -52.57 26.58
CA THR B 338 34.14 -52.07 27.64
C THR B 338 33.29 -51.39 28.70
N ILE B 339 33.94 -50.99 29.79
CA ILE B 339 33.29 -50.26 30.88
C ILE B 339 34.05 -48.97 31.08
N LEU B 340 33.45 -47.85 30.69
CA LEU B 340 34.01 -46.54 30.95
C LEU B 340 33.52 -46.09 32.33
N GLU B 341 34.44 -46.06 33.29
CA GLU B 341 34.11 -45.71 34.66
C GLU B 341 34.36 -44.22 34.91
N GLN B 342 33.61 -43.66 35.84
CA GLN B 342 33.72 -42.29 36.28
C GLN B 342 34.64 -42.19 37.50
N PRO B 343 35.47 -41.13 37.61
CA PRO B 343 35.56 -39.99 36.69
C PRO B 343 36.04 -40.35 35.30
N PHE B 344 35.38 -39.80 34.28
CA PHE B 344 35.75 -40.10 32.90
C PHE B 344 37.11 -39.52 32.55
N ASP B 345 37.50 -38.41 33.18
CA ASP B 345 38.82 -37.83 33.00
C ASP B 345 39.85 -38.39 33.97
N SER B 346 39.56 -39.54 34.59
CA SER B 346 40.55 -40.22 35.40
C SER B 346 41.61 -40.85 34.51
N ASN B 347 42.80 -41.05 35.09
CA ASN B 347 43.92 -41.58 34.32
C ASN B 347 43.61 -42.94 33.73
N GLU B 348 42.77 -43.73 34.40
CA GLU B 348 42.55 -45.11 33.98
C GLU B 348 41.62 -45.20 32.77
N THR B 349 40.44 -44.57 32.87
CA THR B 349 39.51 -44.60 31.74
C THR B 349 39.97 -43.70 30.59
N ILE B 350 40.84 -42.73 30.86
CA ILE B 350 41.57 -42.08 29.78
C ILE B 350 42.47 -43.08 29.08
N GLU B 351 43.20 -43.87 29.88
CA GLU B 351 44.04 -44.92 29.32
C GLU B 351 43.22 -46.01 28.66
N LYS B 352 42.00 -46.24 29.15
CA LYS B 352 41.14 -47.26 28.55
C LYS B 352 40.61 -46.82 27.20
N MET B 353 40.11 -45.58 27.13
CA MET B 353 39.60 -45.06 25.85
C MET B 353 40.73 -44.96 24.82
N ILE B 354 41.94 -44.61 25.27
CA ILE B 354 43.08 -44.55 24.35
C ILE B 354 43.39 -45.93 23.81
N ASN B 355 43.30 -46.95 24.66
CA ASN B 355 43.59 -48.32 24.21
C ASN B 355 42.52 -48.84 23.27
N ILE B 356 41.25 -48.48 23.52
CA ILE B 356 40.16 -48.88 22.62
C ILE B 356 40.41 -48.33 21.23
N ILE B 357 40.76 -47.04 21.14
CA ILE B 357 41.05 -46.42 19.85
C ILE B 357 42.27 -47.10 19.22
N LYS B 358 43.23 -47.54 20.04
CA LYS B 358 44.46 -48.10 19.49
C LYS B 358 44.22 -49.44 18.83
N GLU B 359 43.51 -50.35 19.52
CA GLU B 359 43.27 -51.68 18.96
C GLU B 359 42.24 -51.67 17.83
N HIS B 360 41.43 -50.64 17.73
CA HIS B 360 40.57 -50.45 16.57
C HIS B 360 41.25 -49.63 15.48
N LYS B 361 42.47 -49.17 15.74
CA LYS B 361 43.27 -48.42 14.76
C LYS B 361 42.55 -47.16 14.29
N ILE B 362 42.21 -46.31 15.25
CA ILE B 362 41.62 -45.01 14.96
C ILE B 362 42.64 -43.94 15.32
N GLU B 363 42.45 -42.74 14.83
CA GLU B 363 43.45 -41.73 15.09
C GLU B 363 43.33 -41.11 16.45
N LEU B 364 44.44 -41.02 17.17
CA LEU B 364 44.45 -40.43 18.50
C LEU B 364 44.35 -38.91 18.43
N PRO B 365 43.30 -38.36 19.03
CA PRO B 365 43.10 -36.92 19.05
C PRO B 365 44.19 -36.19 19.81
N ASN B 366 44.60 -35.02 19.31
CA ASN B 366 45.65 -34.23 19.96
C ASN B 366 45.31 -33.98 21.43
N PRO B 368 45.11 -36.15 23.69
CA PRO B 368 44.12 -37.17 24.06
C PRO B 368 43.49 -36.92 25.43
N THR B 369 42.73 -35.84 25.55
CA THR B 369 41.93 -35.59 26.73
C THR B 369 40.69 -36.49 26.71
N ALA B 370 40.07 -36.65 27.88
CA ALA B 370 38.94 -37.56 28.00
C ALA B 370 37.77 -37.11 27.14
N ALA B 371 37.50 -35.80 27.10
CA ALA B 371 36.40 -35.29 26.28
C ALA B 371 36.69 -35.49 24.80
N LYS B 372 37.93 -35.24 24.37
CA LYS B 372 38.30 -35.51 22.98
C LYS B 372 38.29 -37.01 22.70
N LEU B 373 38.70 -37.81 23.67
CA LEU B 373 38.63 -39.27 23.53
C LEU B 373 37.21 -39.73 23.33
N LEU B 374 36.30 -39.35 24.24
CA LEU B 374 34.90 -39.73 24.13
C LEU B 374 34.31 -39.31 22.79
N ASP B 375 34.64 -38.10 22.33
CA ASP B 375 34.13 -37.62 21.05
C ASP B 375 34.57 -38.51 19.90
N GLN B 376 35.83 -38.98 19.96
CA GLN B 376 36.30 -39.89 18.91
C GLN B 376 35.57 -41.22 18.96
N LEU B 377 35.33 -41.75 20.16
CA LEU B 377 34.59 -43.02 20.29
C LEU B 377 33.19 -42.89 19.72
N ALA B 378 32.52 -41.77 20.01
CA ALA B 378 31.18 -41.56 19.49
C ALA B 378 31.19 -41.46 17.97
N SER B 379 32.19 -40.77 17.42
CA SER B 379 32.23 -40.54 15.98
C SER B 379 32.41 -41.85 15.20
N HIS B 380 33.13 -42.81 15.76
CA HIS B 380 33.43 -44.05 15.05
C HIS B 380 32.50 -45.20 15.43
N PHE B 381 31.77 -45.10 16.52
CA PHE B 381 30.94 -46.20 17.01
C PHE B 381 29.47 -45.86 17.19
N ILE B 382 29.09 -44.59 17.13
CA ILE B 382 27.71 -44.20 17.42
C ILE B 382 27.10 -43.43 16.26
N GLU B 383 27.83 -42.43 15.76
CA GLU B 383 27.23 -41.34 14.99
C GLU B 383 26.71 -41.76 13.63
N ASN B 384 26.97 -42.98 13.18
CA ASN B 384 26.35 -43.50 11.96
C ASN B 384 25.41 -44.67 12.26
N LYS B 385 24.81 -44.67 13.45
CA LYS B 385 23.88 -45.73 13.80
C LYS B 385 22.62 -45.68 12.94
N TYR B 386 22.17 -44.49 12.56
CA TYR B 386 20.96 -44.32 11.77
C TYR B 386 21.23 -43.36 10.62
N ASN B 387 21.00 -43.82 9.40
CA ASN B 387 21.03 -42.98 8.22
C ASN B 387 19.66 -42.77 7.60
N ASP B 388 18.76 -43.76 7.72
CA ASP B 388 17.42 -43.64 7.16
C ASP B 388 16.56 -42.60 7.87
N LYS B 389 16.99 -42.12 9.03
CA LYS B 389 16.21 -41.15 9.79
C LYS B 389 17.16 -40.36 10.69
N PRO B 390 16.82 -39.14 11.05
CA PRO B 390 17.63 -38.41 12.02
C PRO B 390 17.45 -39.01 13.41
N PHE B 391 18.50 -38.87 14.23
CA PHE B 391 18.45 -39.45 15.57
C PHE B 391 19.27 -38.60 16.53
N PHE B 392 18.95 -38.72 17.81
CA PHE B 392 19.57 -37.94 18.87
C PHE B 392 20.61 -38.76 19.63
N ILE B 393 21.76 -38.16 19.88
CA ILE B 393 22.71 -38.64 20.87
C ILE B 393 22.48 -37.86 22.14
N VAL B 394 22.21 -38.56 23.25
CA VAL B 394 21.71 -37.90 24.46
C VAL B 394 22.59 -38.23 25.65
N GLU B 395 22.43 -37.42 26.70
CA GLU B 395 22.98 -37.69 28.03
C GLU B 395 24.51 -37.72 28.02
N HIS B 396 25.10 -36.68 27.44
CA HIS B 396 26.55 -36.58 27.38
C HIS B 396 27.14 -36.41 28.78
N PRO B 397 28.36 -36.88 29.00
CA PRO B 397 29.04 -36.57 30.26
C PRO B 397 29.23 -35.08 30.42
N GLN B 398 29.24 -34.63 31.68
CA GLN B 398 29.52 -33.22 31.96
C GLN B 398 30.95 -32.85 31.64
N ILE B 399 31.85 -33.85 31.62
CA ILE B 399 33.22 -33.62 31.17
C ILE B 399 33.25 -33.00 29.78
N MET B 400 32.26 -33.34 28.95
CA MET B 400 32.14 -32.75 27.61
C MET B 400 31.32 -31.47 27.59
N SER B 401 30.40 -31.29 28.54
CA SER B 401 29.39 -30.23 28.48
C SER B 401 29.54 -29.32 29.70
N PRO B 402 30.49 -28.37 29.67
CA PRO B 402 30.69 -27.51 30.84
C PRO B 402 29.59 -26.47 31.04
N LEU B 403 28.78 -26.19 30.03
CA LEU B 403 27.69 -25.24 30.15
C LEU B 403 26.33 -25.90 30.31
N ALA B 404 26.27 -27.22 30.30
CA ALA B 404 25.02 -27.96 30.39
C ALA B 404 24.74 -28.37 31.83
N LYS B 405 23.46 -28.31 32.21
CA LYS B 405 23.08 -28.70 33.56
C LYS B 405 23.26 -30.20 33.76
N TYR B 406 23.76 -30.57 34.92
CA TYR B 406 23.96 -31.98 35.26
C TYR B 406 22.65 -32.76 35.15
N HIS B 407 22.77 -34.04 34.81
CA HIS B 407 21.59 -34.89 34.70
C HIS B 407 20.92 -35.06 36.05
N ARG B 408 19.59 -34.93 36.06
CA ARG B 408 18.85 -34.92 37.32
C ARG B 408 18.85 -36.27 38.02
N THR B 409 19.09 -37.36 37.31
CA THR B 409 19.14 -38.69 37.92
C THR B 409 20.37 -39.49 37.54
N LYS B 410 21.10 -39.13 36.50
CA LYS B 410 22.25 -39.90 36.03
C LYS B 410 23.54 -39.17 36.39
N PRO B 411 24.25 -39.59 37.44
CA PRO B 411 25.46 -38.86 37.85
C PRO B 411 26.55 -38.93 36.78
N GLY B 412 27.29 -37.83 36.66
CA GLY B 412 28.33 -37.71 35.67
C GLY B 412 27.88 -37.21 34.31
N LEU B 413 26.60 -37.29 34.02
CA LEU B 413 26.06 -36.91 32.73
C LEU B 413 25.37 -35.55 32.81
N THR B 414 24.90 -35.08 31.65
CA THR B 414 24.11 -33.87 31.55
C THR B 414 22.83 -34.18 30.78
N GLU B 415 21.90 -33.22 30.80
CA GLU B 415 20.66 -33.35 30.05
C GLU B 415 20.83 -32.70 28.68
N ARG B 416 21.67 -33.33 27.86
CA ARG B 416 22.08 -32.82 26.57
C ARG B 416 21.58 -33.71 25.45
N LEU B 417 21.44 -33.12 24.27
CA LEU B 417 21.07 -33.86 23.06
C LEU B 417 21.78 -33.26 21.86
N GLU B 418 22.25 -34.14 20.98
CA GLU B 418 22.78 -33.77 19.67
C GLU B 418 22.02 -34.57 18.62
N MET B 419 21.50 -33.89 17.60
CA MET B 419 20.83 -34.57 16.50
C MET B 419 21.76 -34.71 15.31
N PHE B 420 21.65 -35.83 14.62
CA PHE B 420 22.54 -36.18 13.53
C PHE B 420 21.73 -36.58 12.31
N ILE B 421 22.08 -36.03 11.15
CA ILE B 421 21.60 -36.50 9.87
C ILE B 421 22.80 -37.06 9.11
N CYS B 422 22.75 -38.35 8.79
CA CYS B 422 23.80 -39.02 8.01
C CYS B 422 25.17 -38.85 8.65
N GLY B 423 25.22 -38.88 9.98
CA GLY B 423 26.47 -38.79 10.71
C GLY B 423 27.01 -37.40 10.91
N LYS B 424 26.27 -36.37 10.49
CA LYS B 424 26.71 -34.99 10.62
C LYS B 424 25.93 -34.32 11.75
N GLU B 425 26.65 -33.81 12.75
CA GLU B 425 26.00 -33.07 13.82
C GLU B 425 25.35 -31.82 13.26
N VAL B 426 24.07 -31.64 13.56
CA VAL B 426 23.27 -30.61 12.91
C VAL B 426 22.51 -29.80 13.94
N LEU B 427 22.44 -30.32 15.17
CA LEU B 427 21.66 -29.70 16.24
C LEU B 427 22.35 -29.97 17.57
N ASN B 428 22.41 -28.95 18.42
CA ASN B 428 22.96 -29.09 19.76
C ASN B 428 22.05 -28.37 20.75
N ALA B 429 21.70 -29.06 21.83
CA ALA B 429 20.77 -28.51 22.82
C ALA B 429 20.97 -29.23 24.14
N TYR B 430 20.65 -28.52 25.23
CA TYR B 430 20.66 -29.11 26.55
C TYR B 430 19.92 -28.19 27.51
N THR B 431 19.64 -28.72 28.70
CA THR B 431 19.14 -27.90 29.79
C THR B 431 20.28 -27.04 30.32
N GLU B 432 20.07 -25.72 30.34
CA GLU B 432 21.16 -24.81 30.65
C GLU B 432 21.56 -24.88 32.12
N LEU B 433 22.86 -24.83 32.37
CA LEU B 433 23.36 -24.73 33.74
C LEU B 433 23.08 -23.33 34.26
N ASN B 434 22.34 -23.23 35.36
CA ASN B 434 22.02 -21.94 35.95
C ASN B 434 22.54 -21.76 37.37
N ASP B 435 23.11 -22.79 37.98
CA ASP B 435 23.81 -22.67 39.26
C ASP B 435 25.18 -22.07 38.98
N PRO B 436 25.41 -20.80 39.31
CA PRO B 436 26.71 -20.19 38.98
C PRO B 436 27.89 -20.89 39.65
N PHE B 437 27.67 -21.53 40.79
CA PHE B 437 28.78 -22.16 41.50
C PHE B 437 29.24 -23.42 40.79
N LYS B 438 28.31 -24.17 40.19
CA LYS B 438 28.72 -25.29 39.35
C LYS B 438 29.35 -24.81 38.05
N GLN B 439 28.98 -23.62 37.59
CA GLN B 439 29.53 -23.10 36.33
C GLN B 439 31.03 -22.86 36.44
N LYS B 440 31.44 -22.10 37.47
CA LYS B 440 32.87 -21.83 37.65
C LYS B 440 33.64 -23.11 37.94
N GLU B 441 32.99 -24.09 38.57
CA GLU B 441 33.60 -25.41 38.72
C GLU B 441 33.92 -26.02 37.36
N CYS B 442 32.98 -25.89 36.41
CA CYS B 442 33.18 -26.47 35.08
C CYS B 442 34.16 -25.66 34.24
N PHE B 443 34.18 -24.33 34.42
CA PHE B 443 35.10 -23.50 33.64
C PHE B 443 36.53 -23.65 34.14
N LYS B 444 36.73 -23.87 35.44
CA LYS B 444 38.06 -24.13 35.96
C LYS B 444 38.56 -25.50 35.52
N LEU B 445 37.65 -26.45 35.30
CA LEU B 445 38.03 -27.76 34.78
C LEU B 445 38.51 -27.65 33.34
N GLN B 446 37.89 -26.76 32.56
CA GLN B 446 38.31 -26.57 31.18
C GLN B 446 39.71 -25.98 31.09
N GLN B 447 40.13 -25.22 32.11
CA GLN B 447 41.48 -24.66 32.12
C GLN B 447 42.54 -25.72 32.38
N LYS B 448 42.20 -26.74 33.18
CA LYS B 448 43.13 -27.83 33.40
C LYS B 448 43.35 -28.63 32.12
N ASP B 449 42.27 -28.94 31.40
CA ASP B 449 42.41 -29.53 30.07
C ASP B 449 42.89 -28.52 29.04
N ARG B 450 42.82 -27.23 29.34
CA ARG B 450 43.47 -26.22 28.52
C ARG B 450 44.97 -26.18 28.78
N GLU B 451 45.39 -26.54 30.00
CA GLU B 451 46.81 -26.58 30.32
C GLU B 451 47.51 -27.74 29.62
N LYS B 452 46.77 -28.80 29.28
CA LYS B 452 47.33 -29.91 28.53
C LYS B 452 47.47 -29.61 27.04
N GLY B 453 47.05 -28.42 26.59
CA GLY B 453 47.20 -28.04 25.20
C GLY B 453 45.94 -28.12 24.37
N ASP B 454 44.82 -27.63 24.90
CA ASP B 454 43.54 -27.63 24.20
C ASP B 454 43.20 -26.20 23.80
N THR B 455 43.40 -25.88 22.52
CA THR B 455 43.01 -24.57 22.01
C THR B 455 41.50 -24.36 22.06
N GLU B 456 40.73 -25.43 22.13
CA GLU B 456 39.28 -25.37 22.09
C GLU B 456 38.65 -25.56 23.47
N ALA B 457 39.42 -25.37 24.53
CA ALA B 457 38.88 -25.40 25.88
C ALA B 457 38.38 -24.01 26.25
N ALA B 458 37.17 -23.95 26.79
CA ALA B 458 36.51 -22.66 26.99
C ALA B 458 37.21 -21.85 28.08
N GLN B 459 37.44 -20.57 27.79
CA GLN B 459 37.93 -19.64 28.80
C GLN B 459 36.75 -19.00 29.52
N LEU B 460 36.92 -18.75 30.81
CA LEU B 460 35.82 -18.27 31.64
C LEU B 460 35.51 -16.82 31.32
N ASP B 461 34.24 -16.56 30.99
CA ASP B 461 33.71 -15.20 30.88
C ASP B 461 33.27 -14.75 32.27
N SER B 462 33.97 -13.75 32.83
CA SER B 462 33.59 -13.21 34.13
C SER B 462 32.27 -12.46 34.05
N ALA B 463 32.01 -11.81 32.90
CA ALA B 463 30.71 -11.19 32.68
C ALA B 463 29.60 -12.22 32.74
N PHE B 464 29.79 -13.38 32.10
CA PHE B 464 28.73 -14.38 32.07
C PHE B 464 28.52 -15.02 33.44
N CYS B 465 29.61 -15.28 34.17
CA CYS B 465 29.47 -15.87 35.50
C CYS B 465 28.75 -14.93 36.45
N THR B 466 29.09 -13.63 36.40
CA THR B 466 28.35 -12.63 37.16
C THR B 466 26.87 -12.62 36.78
N SER B 467 26.57 -12.90 35.51
CA SER B 467 25.19 -12.83 35.04
C SER B 467 24.32 -13.89 35.71
N LEU B 468 24.83 -15.12 35.87
CA LEU B 468 24.04 -16.17 36.50
C LEU B 468 23.83 -15.91 37.98
N GLU B 469 24.69 -15.11 38.61
CA GLU B 469 24.52 -14.81 40.03
C GLU B 469 23.28 -13.95 40.27
N TYR B 470 22.87 -13.15 39.29
CA TYR B 470 21.63 -12.41 39.39
C TYR B 470 20.40 -13.28 39.10
N GLY B 471 20.61 -14.56 38.80
CA GLY B 471 19.52 -15.50 38.67
C GLY B 471 19.16 -15.82 37.24
N LEU B 472 19.66 -16.94 36.73
CA LEU B 472 19.19 -17.45 35.44
C LEU B 472 18.11 -18.48 35.69
N PRO B 473 16.88 -18.25 35.22
CA PRO B 473 15.81 -19.20 35.49
C PRO B 473 16.08 -20.52 34.79
N PRO B 474 15.36 -21.59 35.17
CA PRO B 474 15.45 -22.83 34.39
C PRO B 474 15.18 -22.57 32.92
N THR B 475 16.10 -22.97 32.06
CA THR B 475 16.02 -22.65 30.64
C THR B 475 16.51 -23.82 29.82
N GLY B 476 15.91 -23.99 28.64
CA GLY B 476 16.40 -24.93 27.65
C GLY B 476 16.81 -24.20 26.38
N GLY B 477 18.05 -24.38 25.96
CA GLY B 477 18.57 -23.73 24.78
C GLY B 477 18.92 -24.74 23.71
N LEU B 478 18.83 -24.30 22.45
CA LEU B 478 19.06 -25.18 21.31
C LEU B 478 19.84 -24.42 20.25
N GLY B 479 20.64 -25.16 19.48
CA GLY B 479 21.41 -24.57 18.40
C GLY B 479 21.30 -25.36 17.11
N LEU B 480 21.15 -24.66 15.98
CA LEU B 480 21.02 -25.28 14.67
C LEU B 480 22.21 -24.92 13.81
N GLY B 481 22.62 -25.88 12.97
CA GLY B 481 23.57 -25.59 11.91
C GLY B 481 22.82 -25.38 10.61
N ILE B 482 22.62 -24.12 10.22
CA ILE B 482 21.78 -23.82 9.07
C ILE B 482 22.37 -24.40 7.79
N ASP B 483 23.68 -24.22 7.59
CA ASP B 483 24.30 -24.67 6.35
C ASP B 483 24.20 -26.18 6.18
N ARG B 484 24.45 -26.93 7.25
CA ARG B 484 24.39 -28.38 7.16
C ARG B 484 22.97 -28.87 6.95
N ILE B 485 21.99 -28.21 7.60
CA ILE B 485 20.59 -28.53 7.33
C ILE B 485 20.27 -28.26 5.86
N THR B 486 20.76 -27.14 5.33
CA THR B 486 20.53 -26.81 3.93
C THR B 486 21.12 -27.86 3.00
N MET B 487 22.24 -28.47 3.37
CA MET B 487 22.86 -29.49 2.53
C MET B 487 21.91 -30.67 2.30
N PHE B 488 21.33 -31.19 3.39
CA PHE B 488 20.50 -32.39 3.27
C PHE B 488 19.17 -32.10 2.59
N LEU B 489 18.62 -30.91 2.78
CA LEU B 489 17.38 -30.54 2.13
C LEU B 489 17.58 -30.09 0.69
N THR B 490 18.83 -30.00 0.22
CA THR B 490 19.12 -29.66 -1.16
C THR B 490 19.96 -30.74 -1.85
N ASN B 491 20.16 -31.88 -1.20
CA ASN B 491 20.91 -33.01 -1.76
C ASN B 491 22.31 -32.58 -2.20
N LYS B 492 23.04 -31.98 -1.26
CA LYS B 492 24.41 -31.55 -1.48
C LYS B 492 25.34 -32.27 -0.52
N ASN B 493 26.50 -32.70 -1.02
CA ASN B 493 27.48 -33.42 -0.23
C ASN B 493 28.60 -32.53 0.28
N SER B 494 28.60 -31.25 -0.08
CA SER B 494 29.58 -30.29 0.41
C SER B 494 28.86 -29.07 0.96
N ILE B 495 29.42 -28.50 2.03
CA ILE B 495 28.88 -27.26 2.57
C ILE B 495 29.13 -26.09 1.63
N LYS B 496 30.13 -26.21 0.75
CA LYS B 496 30.42 -25.13 -0.19
C LYS B 496 29.31 -24.98 -1.23
N ASP B 497 28.57 -26.06 -1.49
CA ASP B 497 27.48 -26.01 -2.47
C ASP B 497 26.24 -25.31 -1.95
N VAL B 498 26.22 -24.92 -0.67
CA VAL B 498 25.09 -24.21 -0.09
C VAL B 498 25.50 -22.87 0.50
N ILE B 499 26.75 -22.46 0.31
CA ILE B 499 27.23 -21.15 0.75
C ILE B 499 27.60 -20.37 -0.50
N LEU B 500 27.05 -19.16 -0.63
CA LEU B 500 27.21 -18.38 -1.86
C LEU B 500 28.67 -18.13 -2.17
N PHE B 501 29.48 -17.81 -1.16
CA PHE B 501 30.91 -17.57 -1.35
C PHE B 501 31.67 -18.23 -0.22
N PRO B 502 32.02 -19.51 -0.39
CA PRO B 502 32.80 -20.19 0.65
C PRO B 502 34.20 -19.63 0.76
N THR B 503 34.81 -19.85 1.93
CA THR B 503 36.18 -19.39 2.15
C THR B 503 37.15 -20.18 1.28
N MET B 504 37.97 -19.48 0.51
CA MET B 504 38.92 -20.14 -0.37
C MET B 504 40.18 -19.30 -0.51
N ARG B 505 41.21 -19.94 -1.07
CA ARG B 505 42.48 -19.28 -1.29
C ARG B 505 42.33 -18.17 -2.32
N PRO B 506 43.23 -17.20 -2.31
CA PRO B 506 43.25 -16.22 -3.39
C PRO B 506 43.67 -16.86 -4.70
N ALA B 507 43.20 -16.29 -5.80
CA ALA B 507 43.46 -16.81 -7.14
C ALA B 507 44.95 -16.89 -7.46
N VAL C 3 -25.63 5.43 -54.31
CA VAL C 3 -24.28 4.95 -54.57
C VAL C 3 -23.83 3.98 -53.47
N ASP C 4 -22.60 3.51 -53.59
CA ASP C 4 -22.03 2.58 -52.61
C ASP C 4 -21.62 3.34 -51.36
N PRO C 5 -21.96 2.83 -50.16
CA PRO C 5 -21.50 3.50 -48.92
C PRO C 5 -20.01 3.80 -48.90
N ARG C 6 -19.17 2.83 -49.29
CA ARG C 6 -17.74 3.08 -49.35
C ARG C 6 -17.42 4.17 -50.37
N LEU C 7 -18.05 4.11 -51.55
CA LEU C 7 -17.80 5.14 -52.56
C LEU C 7 -18.35 6.49 -52.13
N TYR C 8 -19.53 6.50 -51.51
CA TYR C 8 -20.12 7.76 -51.04
C TYR C 8 -19.20 8.45 -50.04
N PHE C 9 -18.68 7.70 -49.06
CA PHE C 9 -17.78 8.28 -48.08
C PHE C 9 -16.46 8.70 -48.71
N GLU C 10 -15.95 7.90 -49.67
CA GLU C 10 -14.70 8.25 -50.32
C GLU C 10 -14.83 9.52 -51.15
N ASN C 11 -16.00 9.76 -51.73
CA ASN C 11 -16.19 10.95 -52.55
C ASN C 11 -16.34 12.21 -51.71
N ARG C 12 -17.09 12.12 -50.60
CA ARG C 12 -17.29 13.29 -49.75
C ARG C 12 -15.99 13.73 -49.09
N SER C 13 -15.13 12.78 -48.73
CA SER C 13 -13.81 13.14 -48.23
C SER C 13 -13.00 13.87 -49.29
N LYS C 14 -13.12 13.43 -50.55
CA LYS C 14 -12.45 14.12 -51.64
C LYS C 14 -13.00 15.53 -51.83
N PHE C 15 -14.29 15.73 -51.55
CA PHE C 15 -14.88 17.06 -51.69
C PHE C 15 -14.31 18.03 -50.66
N ILE C 16 -14.17 17.59 -49.41
CA ILE C 16 -13.62 18.45 -48.37
C ILE C 16 -12.19 18.85 -48.71
N GLN C 17 -11.36 17.87 -49.06
CA GLN C 17 -10.00 18.18 -49.51
C GLN C 17 -10.03 19.02 -50.78
N ASP C 18 -11.02 18.81 -51.65
CA ASP C 18 -11.18 19.65 -52.82
C ASP C 18 -11.47 21.09 -52.42
N GLN C 19 -12.30 21.28 -51.39
CA GLN C 19 -12.60 22.64 -50.93
C GLN C 19 -11.36 23.32 -50.35
N LYS C 20 -10.57 22.58 -49.57
CA LYS C 20 -9.32 23.13 -49.06
C LYS C 20 -8.38 23.53 -50.20
N ASP C 21 -8.32 22.69 -51.25
CA ASP C 21 -7.52 23.03 -52.42
C ASP C 21 -8.00 24.34 -53.04
N LYS C 22 -9.31 24.53 -53.14
CA LYS C 22 -9.88 25.73 -53.71
C LYS C 22 -9.96 26.88 -52.71
N GLY C 23 -9.27 26.78 -51.57
CA GLY C 23 -9.16 27.85 -50.62
C GLY C 23 -10.23 27.91 -49.56
N ILE C 24 -11.36 27.24 -49.76
CA ILE C 24 -12.50 27.35 -48.86
C ILE C 24 -12.26 26.47 -47.64
N ASN C 25 -12.55 27.02 -46.46
CA ASN C 25 -12.48 26.28 -45.21
C ASN C 25 -13.82 25.62 -44.95
N PRO C 26 -13.92 24.28 -45.00
CA PRO C 26 -15.23 23.64 -44.84
C PRO C 26 -15.72 23.53 -43.41
N TYR C 27 -14.85 23.78 -42.41
CA TYR C 27 -15.23 23.77 -41.01
C TYR C 27 -14.92 25.14 -40.43
N PRO C 28 -15.74 26.16 -40.71
CA PRO C 28 -15.50 27.48 -40.11
C PRO C 28 -15.63 27.43 -38.60
N HIS C 29 -14.98 28.41 -37.95
CA HIS C 29 -14.86 28.40 -36.50
C HIS C 29 -16.15 28.82 -35.81
N LYS C 30 -16.83 29.83 -36.33
CA LYS C 30 -17.91 30.47 -35.60
C LYS C 30 -19.02 30.90 -36.54
N PHE C 31 -20.24 30.46 -36.25
CA PHE C 31 -21.46 30.98 -36.87
C PHE C 31 -22.36 31.46 -35.73
N GLU C 32 -22.59 32.77 -35.66
CA GLU C 32 -23.34 33.35 -34.55
C GLU C 32 -24.83 33.21 -34.83
N ARG C 33 -25.46 32.25 -34.17
CA ARG C 33 -26.91 32.09 -34.29
C ARG C 33 -27.61 33.20 -33.51
N THR C 34 -28.76 33.64 -34.03
CA THR C 34 -29.57 34.65 -33.37
C THR C 34 -30.86 34.07 -32.82
N ILE C 35 -31.15 32.80 -33.06
CA ILE C 35 -32.37 32.16 -32.60
C ILE C 35 -32.23 30.65 -32.78
N SER C 36 -32.85 29.88 -31.88
CA SER C 36 -32.89 28.43 -32.00
C SER C 36 -34.12 28.00 -32.77
N ILE C 37 -34.12 26.73 -33.20
CA ILE C 37 -35.24 26.17 -33.96
C ILE C 37 -36.48 26.08 -33.08
N PRO C 38 -36.40 25.59 -31.83
CA PRO C 38 -37.58 25.69 -30.95
C PRO C 38 -38.02 27.13 -30.70
N GLU C 39 -37.07 28.05 -30.50
CA GLU C 39 -37.42 29.46 -30.44
C GLU C 39 -37.94 29.99 -31.77
N PHE C 40 -37.56 29.34 -32.88
CA PHE C 40 -38.06 29.76 -34.19
C PHE C 40 -39.51 29.33 -34.38
N ILE C 41 -39.87 28.14 -33.89
CA ILE C 41 -41.24 27.65 -34.05
C ILE C 41 -42.19 28.39 -33.12
N GLU C 42 -41.74 28.65 -31.88
CA GLU C 42 -42.57 29.40 -30.94
C GLU C 42 -42.80 30.83 -31.42
N LYS C 43 -41.76 31.45 -31.98
CA LYS C 43 -41.86 32.86 -32.36
C LYS C 43 -42.69 33.05 -33.63
N TYR C 44 -42.76 32.04 -34.49
CA TYR C 44 -43.37 32.22 -35.81
C TYR C 44 -44.40 31.14 -36.11
N LYS C 45 -44.99 30.55 -35.07
CA LYS C 45 -46.14 29.68 -35.28
C LYS C 45 -47.38 30.49 -35.66
N ASP C 46 -47.50 31.70 -35.13
CA ASP C 46 -48.67 32.56 -35.34
C ASP C 46 -48.64 33.32 -36.66
N LEU C 47 -47.75 32.97 -37.57
CA LEU C 47 -47.76 33.59 -38.89
C LEU C 47 -48.93 33.06 -39.71
N GLY C 48 -49.58 33.97 -40.44
CA GLY C 48 -50.64 33.55 -41.34
C GLY C 48 -50.08 32.72 -42.48
N ASN C 49 -50.86 31.73 -42.91
CA ASN C 49 -50.42 30.83 -43.97
C ASN C 49 -50.12 31.61 -45.25
N GLY C 50 -48.87 31.54 -45.70
CA GLY C 50 -48.44 32.25 -46.88
C GLY C 50 -47.83 33.61 -46.64
N GLU C 51 -47.60 33.98 -45.38
CA GLU C 51 -47.09 35.30 -45.03
C GLU C 51 -45.58 35.25 -44.89
N HIS C 52 -44.91 36.24 -45.47
CA HIS C 52 -43.47 36.43 -45.31
C HIS C 52 -43.20 37.69 -44.50
N LEU C 53 -42.08 37.70 -43.79
CA LEU C 53 -41.56 38.90 -43.14
C LEU C 53 -40.13 39.04 -43.64
N GLU C 54 -39.97 39.64 -44.81
CA GLU C 54 -38.70 39.64 -45.53
C GLU C 54 -37.76 40.75 -45.09
N ASP C 55 -38.09 41.46 -44.02
CA ASP C 55 -37.18 42.38 -43.35
C ASP C 55 -36.67 41.84 -42.03
N THR C 56 -37.01 40.60 -41.69
CA THR C 56 -36.58 39.95 -40.46
C THR C 56 -35.53 38.91 -40.82
N ILE C 57 -34.27 39.32 -40.74
CA ILE C 57 -33.14 38.46 -41.11
C ILE C 57 -32.62 37.81 -39.84
N LEU C 58 -32.65 36.48 -39.80
CA LEU C 58 -32.24 35.71 -38.64
C LEU C 58 -31.14 34.74 -39.01
N ASN C 59 -30.41 34.26 -37.99
CA ASN C 59 -29.35 33.29 -38.14
C ASN C 59 -29.78 31.99 -37.49
N ILE C 60 -29.88 30.92 -38.28
CA ILE C 60 -30.36 29.64 -37.81
C ILE C 60 -29.30 28.57 -38.06
N THR C 61 -29.11 27.70 -37.07
CA THR C 61 -28.23 26.56 -37.17
C THR C 61 -29.06 25.29 -37.35
N GLY C 62 -28.38 24.18 -37.60
CA GLY C 62 -29.08 22.91 -37.60
C GLY C 62 -28.42 21.90 -38.51
N ARG C 63 -28.95 20.69 -38.43
CA ARG C 63 -28.52 19.56 -39.26
C ARG C 63 -29.57 19.27 -40.31
N ILE C 64 -29.15 19.21 -41.58
CA ILE C 64 -30.03 18.86 -42.67
C ILE C 64 -30.37 17.37 -42.57
N MET C 65 -31.67 17.06 -42.53
CA MET C 65 -32.10 15.68 -42.40
C MET C 65 -32.98 15.19 -43.54
N ARG C 66 -33.27 16.03 -44.53
CA ARG C 66 -34.04 15.61 -45.69
C ARG C 66 -33.83 16.63 -46.80
N VAL C 67 -33.55 16.15 -48.01
CA VAL C 67 -33.23 17.01 -49.13
C VAL C 67 -34.21 16.71 -50.27
N SER C 68 -34.96 17.73 -50.66
CA SER C 68 -35.88 17.62 -51.79
C SER C 68 -35.79 18.89 -52.62
N ALA C 69 -36.07 18.75 -53.91
CA ALA C 69 -36.02 19.89 -54.83
C ALA C 69 -37.23 19.84 -55.76
N SER C 70 -37.80 21.00 -56.04
CA SER C 70 -38.88 21.14 -57.00
C SER C 70 -38.37 22.08 -58.10
N GLY C 71 -37.65 21.49 -59.07
CA GLY C 71 -36.99 22.28 -60.08
C GLY C 71 -35.62 22.77 -59.63
N GLN C 72 -34.92 23.39 -60.58
CA GLN C 72 -33.57 23.88 -60.30
C GLN C 72 -33.58 25.04 -59.30
N LYS C 73 -34.65 25.84 -59.28
CA LYS C 73 -34.66 27.11 -58.56
C LYS C 73 -35.45 27.06 -57.25
N LEU C 74 -35.89 25.89 -56.82
CA LEU C 74 -36.56 25.73 -55.53
C LEU C 74 -36.01 24.50 -54.84
N ARG C 75 -35.44 24.68 -53.64
CA ARG C 75 -34.83 23.62 -52.88
C ARG C 75 -35.48 23.55 -51.50
N PHE C 76 -35.94 22.35 -51.12
CA PHE C 76 -36.60 22.14 -49.84
C PHE C 76 -35.73 21.25 -48.95
N PHE C 77 -35.69 21.57 -47.68
CA PHE C 77 -34.88 20.81 -46.73
C PHE C 77 -35.64 20.65 -45.42
N ASP C 78 -35.28 19.61 -44.69
CA ASP C 78 -35.68 19.45 -43.29
C ASP C 78 -34.46 19.72 -42.42
N LEU C 79 -34.56 20.76 -41.61
CA LEU C 79 -33.49 21.15 -40.69
C LEU C 79 -33.93 20.82 -39.27
N VAL C 80 -33.14 20.01 -38.58
CA VAL C 80 -33.48 19.59 -37.22
C VAL C 80 -32.51 20.24 -36.24
N GLY C 81 -33.01 20.47 -35.03
CA GLY C 81 -32.21 20.99 -33.94
C GLY C 81 -32.97 20.88 -32.63
N ASP C 82 -32.33 20.32 -31.62
CA ASP C 82 -32.92 20.17 -30.28
C ASP C 82 -34.24 19.39 -30.34
N GLY C 83 -34.27 18.33 -31.14
CA GLY C 83 -35.43 17.48 -31.20
C GLY C 83 -36.64 18.07 -31.89
N GLU C 84 -36.47 19.15 -32.65
CA GLU C 84 -37.54 19.78 -33.41
C GLU C 84 -37.11 19.88 -34.87
N LYS C 85 -37.99 20.40 -35.72
CA LYS C 85 -37.70 20.45 -37.14
C LYS C 85 -38.49 21.57 -37.81
N ILE C 86 -37.83 22.30 -38.70
CA ILE C 86 -38.46 23.24 -39.61
C ILE C 86 -38.03 22.88 -41.03
N GLN C 87 -38.79 23.39 -41.99
CA GLN C 87 -38.42 23.28 -43.40
C GLN C 87 -37.59 24.50 -43.80
N VAL C 88 -36.67 24.28 -44.73
CA VAL C 88 -35.89 25.36 -45.33
C VAL C 88 -36.34 25.47 -46.78
N LEU C 89 -36.86 26.64 -47.16
CA LEU C 89 -37.35 26.90 -48.50
C LEU C 89 -36.36 27.85 -49.17
N ALA C 90 -35.41 27.28 -49.90
CA ALA C 90 -34.38 28.06 -50.58
C ALA C 90 -34.83 28.35 -52.00
N ASN C 91 -35.22 29.60 -52.25
CA ASN C 91 -35.75 30.03 -53.54
C ASN C 91 -34.72 30.93 -54.22
N TYR C 92 -34.55 30.70 -55.53
CA TYR C 92 -33.61 31.47 -56.34
C TYR C 92 -33.90 32.97 -56.29
N SER C 93 -35.14 33.36 -56.04
CA SER C 93 -35.49 34.78 -55.99
C SER C 93 -34.93 35.48 -54.77
N PHE C 94 -34.67 34.75 -53.68
CA PHE C 94 -34.17 35.34 -52.45
C PHE C 94 -32.68 35.14 -52.23
N HIS C 95 -32.02 34.38 -53.10
CA HIS C 95 -30.61 34.09 -52.93
C HIS C 95 -29.77 35.35 -53.04
N ASN C 96 -28.77 35.46 -52.16
CA ASN C 96 -27.78 36.55 -52.22
C ASN C 96 -26.71 36.12 -53.23
N HIS C 97 -26.90 36.52 -54.49
CA HIS C 97 -26.03 36.08 -55.56
C HIS C 97 -24.61 36.65 -55.46
N GLU C 98 -24.37 37.59 -54.54
CA GLU C 98 -23.04 38.14 -54.36
C GLU C 98 -22.08 37.14 -53.70
N LYS C 99 -22.61 36.19 -52.92
CA LYS C 99 -21.79 35.23 -52.21
C LYS C 99 -21.69 33.87 -52.90
N GLY C 100 -22.19 33.74 -54.12
CA GLY C 100 -21.99 32.51 -54.88
C GLY C 100 -23.17 32.07 -55.72
N ASN C 101 -22.92 31.13 -56.64
CA ASN C 101 -23.97 30.64 -57.52
C ASN C 101 -24.95 29.76 -56.75
N PHE C 102 -26.23 29.90 -57.08
CA PHE C 102 -27.29 29.24 -56.32
C PHE C 102 -27.13 27.73 -56.35
N ALA C 103 -27.05 27.14 -57.55
CA ALA C 103 -26.94 25.70 -57.66
C ALA C 103 -25.65 25.18 -57.05
N GLU C 104 -24.52 25.83 -57.39
CA GLU C 104 -23.23 25.42 -56.83
C GLU C 104 -23.25 25.37 -55.32
N CYS C 105 -24.06 26.21 -54.68
CA CYS C 105 -24.11 26.25 -53.22
C CYS C 105 -24.92 25.08 -52.65
N TYR C 106 -26.17 24.93 -53.08
CA TYR C 106 -27.07 23.94 -52.51
C TYR C 106 -26.87 22.53 -53.07
N ASP C 107 -26.15 22.39 -54.18
CA ASP C 107 -25.76 21.06 -54.63
C ASP C 107 -24.78 20.41 -53.66
N LYS C 108 -23.96 21.22 -52.98
CA LYS C 108 -23.06 20.69 -51.97
C LYS C 108 -23.82 20.08 -50.80
N ILE C 109 -25.02 20.58 -50.52
CA ILE C 109 -25.79 20.13 -49.37
C ILE C 109 -26.14 18.65 -49.51
N ARG C 110 -25.83 17.87 -48.49
CA ARG C 110 -26.28 16.49 -48.39
C ARG C 110 -26.92 16.27 -47.02
N ARG C 111 -27.78 15.25 -46.94
CA ARG C 111 -28.50 14.94 -45.71
C ARG C 111 -27.51 14.60 -44.60
N GLY C 112 -27.60 15.31 -43.48
CA GLY C 112 -26.69 15.18 -42.37
C GLY C 112 -25.77 16.37 -42.18
N ASP C 113 -25.73 17.29 -43.13
CA ASP C 113 -24.79 18.41 -43.06
C ASP C 113 -25.24 19.41 -42.00
N ILE C 114 -24.30 19.82 -41.14
CA ILE C 114 -24.52 20.95 -40.25
C ILE C 114 -24.35 22.23 -41.05
N VAL C 115 -25.36 23.09 -41.02
CA VAL C 115 -25.36 24.31 -41.82
C VAL C 115 -25.67 25.51 -40.95
N GLY C 116 -25.27 26.68 -41.45
CA GLY C 116 -25.66 27.96 -40.89
C GLY C 116 -26.36 28.79 -41.94
N ILE C 117 -27.55 29.30 -41.64
CA ILE C 117 -28.43 29.89 -42.64
C ILE C 117 -28.76 31.32 -42.24
N VAL C 118 -28.54 32.26 -43.16
CA VAL C 118 -29.03 33.62 -43.06
C VAL C 118 -30.29 33.72 -43.90
N GLY C 119 -31.41 34.07 -43.29
CA GLY C 119 -32.65 34.12 -44.02
C GLY C 119 -33.75 34.84 -43.27
N PHE C 120 -34.98 34.62 -43.71
CA PHE C 120 -36.15 35.25 -43.12
C PHE C 120 -37.24 34.22 -42.87
N PRO C 121 -38.10 34.45 -41.88
CA PRO C 121 -39.13 33.46 -41.55
C PRO C 121 -40.37 33.62 -42.44
N GLY C 122 -41.16 32.56 -42.48
CA GLY C 122 -42.38 32.59 -43.25
C GLY C 122 -43.03 31.23 -43.31
N LYS C 123 -44.27 31.23 -43.77
CA LYS C 123 -45.02 30.01 -44.01
C LYS C 123 -45.14 29.77 -45.51
N SER C 124 -45.31 28.51 -45.89
CA SER C 124 -45.51 28.16 -47.29
C SER C 124 -46.90 28.62 -47.74
N LYS C 125 -47.22 28.33 -49.00
CA LYS C 125 -48.55 28.65 -49.50
C LYS C 125 -49.63 27.96 -48.68
N LYS C 126 -49.40 26.70 -48.33
CA LYS C 126 -50.36 25.99 -47.48
C LYS C 126 -50.25 26.43 -46.02
N GLY C 127 -49.03 26.65 -45.53
CA GLY C 127 -48.85 26.96 -44.12
C GLY C 127 -47.76 26.18 -43.42
N GLU C 128 -46.89 25.51 -44.17
CA GLU C 128 -45.71 24.89 -43.58
C GLU C 128 -44.72 25.97 -43.18
N LEU C 129 -44.44 26.08 -41.87
CA LEU C 129 -43.51 27.08 -41.38
C LEU C 129 -42.10 26.76 -41.89
N SER C 130 -41.45 27.76 -42.47
CA SER C 130 -40.16 27.55 -43.12
C SER C 130 -39.25 28.74 -42.91
N ILE C 131 -37.95 28.49 -43.04
CA ILE C 131 -36.93 29.53 -43.09
C ILE C 131 -36.50 29.72 -44.54
N PHE C 132 -36.44 30.97 -44.98
CA PHE C 132 -36.11 31.30 -46.37
C PHE C 132 -34.71 31.89 -46.43
N PRO C 133 -33.70 31.11 -46.81
CA PRO C 133 -32.33 31.63 -46.76
C PRO C 133 -32.04 32.64 -47.86
N LYS C 134 -31.37 33.72 -47.48
CA LYS C 134 -30.58 34.51 -48.42
C LYS C 134 -29.22 33.87 -48.67
N GLU C 135 -28.77 33.02 -47.75
CA GLU C 135 -27.44 32.43 -47.80
C GLU C 135 -27.43 31.20 -46.90
N THR C 136 -26.76 30.14 -47.36
CA THR C 136 -26.58 28.92 -46.57
C THR C 136 -25.10 28.59 -46.54
N ILE C 137 -24.57 28.34 -45.34
CA ILE C 137 -23.15 28.12 -45.12
C ILE C 137 -22.98 26.71 -44.57
N LEU C 138 -22.00 25.98 -45.11
CA LEU C 138 -21.69 24.64 -44.60
C LEU C 138 -20.78 24.75 -43.39
N LEU C 139 -21.25 24.29 -42.24
CA LEU C 139 -20.47 24.34 -41.01
C LEU C 139 -19.76 23.02 -40.74
N SER C 140 -20.42 21.89 -41.01
CA SER C 140 -19.83 20.58 -40.74
C SER C 140 -20.57 19.56 -41.59
N ALA C 141 -19.88 18.97 -42.56
CA ALA C 141 -20.51 18.04 -43.48
C ALA C 141 -20.57 16.63 -42.87
N CYS C 142 -21.62 15.90 -43.24
CA CYS C 142 -21.77 14.50 -42.86
C CYS C 142 -21.16 13.66 -43.98
N LEU C 143 -19.99 13.07 -43.71
CA LEU C 143 -19.24 12.37 -44.73
C LEU C 143 -19.81 10.99 -45.05
N HIS C 144 -20.62 10.42 -44.17
CA HIS C 144 -21.25 9.14 -44.41
C HIS C 144 -22.70 9.32 -44.85
N MET C 145 -23.28 8.26 -45.37
CA MET C 145 -24.71 8.21 -45.59
C MET C 145 -25.40 7.92 -44.27
N LEU C 146 -26.17 8.88 -43.79
CA LEU C 146 -26.95 8.65 -42.59
C LEU C 146 -27.98 7.57 -42.87
N PRO C 147 -28.07 6.52 -42.05
CA PRO C 147 -29.16 5.55 -42.22
C PRO C 147 -30.51 6.25 -42.12
N MET C 148 -31.54 5.64 -42.71
CA MET C 148 -32.85 6.26 -42.70
C MET C 148 -33.67 5.66 -41.55
N LYS C 149 -34.97 6.03 -41.49
CA LYS C 149 -35.79 5.81 -40.31
C LYS C 149 -35.74 4.36 -39.82
N TYR C 150 -35.82 3.39 -40.72
CA TYR C 150 -35.84 1.98 -40.36
C TYR C 150 -34.44 1.37 -40.28
N GLY C 151 -33.40 2.15 -40.62
CA GLY C 151 -32.06 1.60 -40.70
C GLY C 151 -31.59 1.01 -39.39
N LEU C 152 -31.79 1.73 -38.29
CA LEU C 152 -31.34 1.30 -36.97
C LEU C 152 -32.52 0.71 -36.21
N LYS C 153 -32.83 -0.55 -36.50
CA LYS C 153 -33.96 -1.23 -35.88
C LYS C 153 -33.52 -2.37 -34.97
N ASP C 154 -32.78 -3.34 -35.49
CA ASP C 154 -32.32 -4.47 -34.69
C ASP C 154 -30.84 -4.47 -34.42
N THR C 155 -30.07 -3.62 -35.11
CA THR C 155 -28.62 -3.64 -34.97
C THR C 155 -28.17 -3.06 -33.64
N GLU C 156 -26.99 -3.49 -33.20
CA GLU C 156 -26.37 -2.97 -31.99
C GLU C 156 -25.74 -1.60 -32.21
N ILE C 157 -25.84 -1.03 -33.41
CA ILE C 157 -25.29 0.29 -33.66
C ILE C 157 -26.09 1.37 -32.94
N ARG C 158 -27.29 1.04 -32.48
CA ARG C 158 -27.97 1.90 -31.50
C ARG C 158 -27.10 2.12 -30.28
N TYR C 159 -26.33 1.11 -29.89
CA TYR C 159 -25.53 1.13 -28.68
C TYR C 159 -24.07 1.51 -28.93
N ARG C 160 -23.50 1.12 -30.07
CA ARG C 160 -22.12 1.44 -30.39
C ARG C 160 -21.97 2.78 -31.11
N GLN C 161 -23.04 3.28 -31.70
CA GLN C 161 -23.05 4.55 -32.43
C GLN C 161 -24.25 5.38 -31.99
N ARG C 162 -24.40 5.53 -30.67
CA ARG C 162 -25.58 6.17 -30.08
C ARG C 162 -25.94 7.49 -30.74
N TYR C 163 -24.94 8.21 -31.26
CA TYR C 163 -25.22 9.48 -31.93
C TYR C 163 -26.13 9.28 -33.14
N LEU C 164 -25.97 8.16 -33.85
CA LEU C 164 -26.90 7.84 -34.93
C LEU C 164 -28.29 7.56 -34.38
N ASP C 165 -28.35 6.89 -33.23
CA ASP C 165 -29.65 6.60 -32.60
C ASP C 165 -30.37 7.88 -32.23
N LEU C 166 -29.63 8.87 -31.70
CA LEU C 166 -30.27 10.11 -31.26
C LEU C 166 -30.69 10.98 -32.43
N LEU C 167 -30.03 10.84 -33.59
CA LEU C 167 -30.38 11.63 -34.75
C LEU C 167 -31.56 11.04 -35.52
N ILE C 168 -31.74 9.73 -35.47
CA ILE C 168 -32.70 9.04 -36.33
C ILE C 168 -34.02 8.76 -35.62
N ASN C 169 -33.96 8.18 -34.42
CA ASN C 169 -35.16 7.74 -33.72
C ASN C 169 -35.64 8.81 -32.75
N GLU C 170 -36.90 9.25 -32.93
CA GLU C 170 -37.45 10.28 -32.06
C GLU C 170 -37.61 9.78 -30.63
N SER C 171 -37.91 8.49 -30.47
CA SER C 171 -38.07 7.94 -29.13
C SER C 171 -36.76 7.94 -28.35
N SER C 172 -35.62 7.94 -29.05
CA SER C 172 -34.34 7.82 -28.37
C SER C 172 -34.00 9.07 -27.56
N ARG C 173 -34.18 10.26 -28.15
CA ARG C 173 -33.96 11.49 -27.40
C ARG C 173 -34.95 11.60 -26.24
N HIS C 174 -36.17 11.12 -26.44
CA HIS C 174 -37.17 11.17 -25.38
C HIS C 174 -36.79 10.27 -24.21
N THR C 175 -36.23 9.09 -24.50
CA THR C 175 -35.90 8.14 -23.45
C THR C 175 -34.88 8.72 -22.47
N PHE C 176 -33.83 9.36 -23.00
CA PHE C 176 -32.80 9.93 -22.14
C PHE C 176 -33.21 11.27 -21.54
N VAL C 177 -34.16 11.98 -22.17
CA VAL C 177 -34.71 13.16 -21.54
C VAL C 177 -35.54 12.78 -20.31
N THR C 178 -36.33 11.72 -20.44
CA THR C 178 -37.06 11.20 -19.28
C THR C 178 -36.11 10.71 -18.19
N ARG C 179 -34.97 10.14 -18.58
CA ARG C 179 -34.01 9.64 -17.59
C ARG C 179 -33.47 10.77 -16.73
N THR C 180 -33.09 11.89 -17.36
CA THR C 180 -32.57 13.01 -16.60
C THR C 180 -33.64 13.61 -15.69
N LYS C 181 -34.90 13.62 -16.13
CA LYS C 181 -35.98 14.07 -15.27
C LYS C 181 -36.16 13.16 -14.06
N ILE C 182 -35.98 11.84 -14.25
CA ILE C 182 -36.07 10.92 -13.13
C ILE C 182 -34.98 11.22 -12.10
N ILE C 183 -33.75 11.43 -12.57
CA ILE C 183 -32.66 11.78 -11.66
C ILE C 183 -32.88 13.16 -11.06
N ASN C 184 -33.38 14.10 -11.87
CA ASN C 184 -33.65 15.45 -11.37
C ASN C 184 -34.73 15.44 -10.29
N PHE C 185 -35.80 14.69 -10.51
CA PHE C 185 -36.86 14.59 -9.50
C PHE C 185 -36.32 14.02 -8.19
N LEU C 186 -35.48 12.99 -8.28
CA LEU C 186 -34.96 12.33 -7.08
C LEU C 186 -34.09 13.29 -6.26
N ARG C 187 -33.19 14.02 -6.92
CA ARG C 187 -32.34 14.97 -6.22
C ARG C 187 -33.18 16.05 -5.55
N ASN C 188 -34.16 16.59 -6.27
CA ASN C 188 -35.03 17.62 -5.68
C ASN C 188 -35.91 17.03 -4.58
N PHE C 189 -36.37 15.79 -4.76
CA PHE C 189 -37.16 15.12 -3.73
C PHE C 189 -36.36 14.99 -2.44
N LEU C 190 -35.07 14.67 -2.55
CA LEU C 190 -34.24 14.50 -1.37
C LEU C 190 -33.81 15.83 -0.78
N ASN C 191 -33.47 16.80 -1.62
CA ASN C 191 -33.00 18.10 -1.12
C ASN C 191 -34.11 18.82 -0.37
N GLU C 192 -35.33 18.79 -0.91
CA GLU C 192 -36.47 19.41 -0.23
C GLU C 192 -36.72 18.83 1.15
N ARG C 193 -36.18 17.64 1.43
CA ARG C 193 -36.34 16.99 2.72
C ARG C 193 -35.08 17.07 3.58
N GLY C 194 -34.18 17.99 3.26
CA GLY C 194 -33.01 18.21 4.09
C GLY C 194 -31.95 17.15 3.99
N PHE C 195 -31.89 16.43 2.87
CA PHE C 195 -30.87 15.42 2.66
C PHE C 195 -29.63 16.04 2.02
N PHE C 196 -28.46 15.58 2.46
CA PHE C 196 -27.19 16.18 2.07
C PHE C 196 -26.49 15.28 1.07
N GLU C 197 -26.38 15.75 -0.17
CA GLU C 197 -25.64 15.04 -1.19
C GLU C 197 -24.15 15.03 -0.86
N VAL C 198 -23.47 13.96 -1.24
CA VAL C 198 -22.08 13.71 -0.86
C VAL C 198 -21.41 12.88 -1.94
N GLU C 199 -20.09 12.76 -1.86
CA GLU C 199 -19.34 11.95 -2.81
C GLU C 199 -18.41 11.01 -2.04
N THR C 200 -18.42 9.74 -2.45
CA THR C 200 -17.77 8.54 -1.97
C THR C 200 -16.64 8.16 -2.93
N PRO C 201 -15.51 7.69 -2.43
CA PRO C 201 -14.48 7.16 -3.33
C PRO C 201 -14.97 5.92 -4.05
N MET C 202 -14.75 5.89 -5.37
CA MET C 202 -15.05 4.69 -6.14
C MET C 202 -13.94 3.65 -6.01
N MET C 203 -12.71 4.08 -5.77
CA MET C 203 -11.60 3.17 -5.54
C MET C 203 -11.44 2.94 -4.05
N ASN C 204 -11.56 1.69 -3.63
CA ASN C 204 -11.55 1.33 -2.21
C ASN C 204 -10.49 0.28 -1.93
N LEU C 205 -9.97 0.31 -0.70
CA LEU C 205 -9.10 -0.77 -0.25
C LEU C 205 -9.87 -2.08 -0.15
N ILE C 206 -11.17 -1.98 0.11
CA ILE C 206 -12.06 -3.13 0.23
C ILE C 206 -13.44 -2.70 -0.26
N ALA C 207 -14.05 -3.54 -1.09
CA ALA C 207 -15.34 -3.24 -1.68
C ALA C 207 -16.41 -3.97 -0.89
N GLY C 208 -17.26 -3.21 -0.19
CA GLY C 208 -18.33 -3.78 0.59
C GLY C 208 -19.65 -3.11 0.30
N GLY C 209 -20.68 -3.56 1.02
CA GLY C 209 -22.02 -3.01 0.91
C GLY C 209 -23.00 -3.91 0.19
N ALA C 210 -22.54 -4.94 -0.50
CA ALA C 210 -23.43 -5.85 -1.22
C ALA C 210 -22.67 -7.15 -1.47
N ASN C 211 -23.33 -8.08 -2.13
CA ASN C 211 -22.77 -9.39 -2.44
C ASN C 211 -22.49 -9.44 -3.95
N ALA C 212 -21.27 -9.07 -4.34
CA ALA C 212 -20.95 -9.06 -5.76
C ALA C 212 -19.44 -9.05 -5.95
N ARG C 213 -19.02 -9.64 -7.07
CA ARG C 213 -17.61 -9.66 -7.44
C ARG C 213 -17.17 -8.28 -7.92
N PRO C 214 -16.13 -7.69 -7.31
CA PRO C 214 -15.71 -6.33 -7.71
C PRO C 214 -14.60 -6.29 -8.75
N PHE C 215 -14.53 -5.19 -9.49
CA PHE C 215 -13.39 -4.91 -10.34
C PHE C 215 -12.19 -4.52 -9.48
N ILE C 216 -10.98 -4.71 -10.02
CA ILE C 216 -9.76 -4.36 -9.30
C ILE C 216 -8.79 -3.69 -10.27
N THR C 217 -8.15 -2.62 -9.80
CA THR C 217 -7.13 -1.92 -10.56
C THR C 217 -5.88 -1.74 -9.70
N HIS C 218 -4.92 -0.94 -10.17
CA HIS C 218 -3.70 -0.71 -9.42
C HIS C 218 -3.26 0.74 -9.58
N HIS C 219 -2.95 1.38 -8.45
CA HIS C 219 -2.30 2.69 -8.46
C HIS C 219 -0.79 2.48 -8.42
N ASN C 220 -0.09 3.08 -9.38
CA ASN C 220 1.33 2.78 -9.55
C ASN C 220 2.19 3.48 -8.51
N ASP C 221 1.89 4.75 -8.21
CA ASP C 221 2.75 5.51 -7.29
C ASP C 221 2.77 4.89 -5.90
N LEU C 222 1.60 4.75 -5.28
CA LEU C 222 1.55 4.15 -3.94
C LEU C 222 1.71 2.63 -3.99
N ASP C 223 1.70 2.04 -5.18
CA ASP C 223 1.80 0.57 -5.36
C ASP C 223 0.76 -0.13 -4.51
N LEU C 224 -0.51 0.15 -4.83
CA LEU C 224 -1.63 -0.31 -4.04
C LEU C 224 -2.70 -0.88 -4.95
N ASP C 225 -3.22 -2.06 -4.61
CA ASP C 225 -4.36 -2.61 -5.34
C ASP C 225 -5.63 -2.01 -4.76
N LEU C 226 -6.44 -1.39 -5.61
CA LEU C 226 -7.67 -0.76 -5.19
C LEU C 226 -8.87 -1.43 -5.84
N TYR C 227 -9.99 -1.45 -5.14
CA TYR C 227 -11.20 -2.08 -5.60
C TYR C 227 -12.23 -1.01 -5.97
N LEU C 228 -12.96 -1.26 -7.06
CA LEU C 228 -14.06 -0.42 -7.44
C LEU C 228 -15.26 -0.70 -6.56
N ARG C 229 -16.00 0.34 -6.19
CA ARG C 229 -17.08 0.17 -5.22
C ARG C 229 -18.23 -0.62 -5.83
N ILE C 230 -18.65 -1.67 -5.12
CA ILE C 230 -19.85 -2.41 -5.51
C ILE C 230 -21.11 -1.72 -5.00
N ALA C 231 -20.99 -0.85 -4.00
CA ALA C 231 -22.10 -0.10 -3.43
C ALA C 231 -21.52 1.06 -2.64
N THR C 232 -22.38 2.01 -2.33
CA THR C 232 -22.00 3.17 -1.52
C THR C 232 -22.45 3.00 -0.07
N GLU C 233 -22.88 1.79 0.29
CA GLU C 233 -23.50 1.54 1.60
C GLU C 233 -22.59 1.94 2.75
N LEU C 234 -21.41 1.32 2.84
CA LEU C 234 -20.61 1.40 4.06
C LEU C 234 -20.12 2.81 4.38
N PRO C 235 -19.36 3.50 3.51
CA PRO C 235 -18.87 4.83 3.89
C PRO C 235 -19.98 5.86 4.03
N LEU C 236 -21.13 5.64 3.40
CA LEU C 236 -22.28 6.51 3.66
C LEU C 236 -22.75 6.38 5.10
N LYS C 237 -22.85 5.15 5.60
CA LYS C 237 -23.18 4.95 7.01
C LYS C 237 -22.11 5.53 7.92
N MET C 238 -20.85 5.56 7.45
CA MET C 238 -19.79 6.20 8.22
C MET C 238 -20.02 7.70 8.37
N LEU C 239 -20.63 8.34 7.37
CA LEU C 239 -20.92 9.76 7.48
C LEU C 239 -22.07 10.01 8.46
N ILE C 240 -22.97 9.04 8.62
CA ILE C 240 -23.98 9.16 9.68
C ILE C 240 -23.32 9.18 11.05
N VAL C 241 -22.31 8.32 11.23
CA VAL C 241 -21.48 8.39 12.43
C VAL C 241 -20.87 9.78 12.58
N GLY C 242 -20.55 10.43 11.45
CA GLY C 242 -20.05 11.78 11.49
C GLY C 242 -21.09 12.85 11.76
N GLY C 243 -22.37 12.49 11.79
CA GLY C 243 -23.41 13.43 12.13
C GLY C 243 -24.16 14.06 10.98
N ILE C 244 -23.84 13.72 9.73
CA ILE C 244 -24.66 14.16 8.62
C ILE C 244 -25.85 13.21 8.59
N ASP C 245 -26.90 13.57 9.35
CA ASP C 245 -27.94 12.62 9.69
C ASP C 245 -28.85 12.27 8.52
N LYS C 246 -28.93 13.14 7.52
CA LYS C 246 -29.63 12.85 6.26
C LYS C 246 -28.62 12.98 5.13
N VAL C 247 -28.23 11.86 4.55
CA VAL C 247 -27.10 11.80 3.64
C VAL C 247 -27.43 10.86 2.48
N TYR C 248 -26.93 11.18 1.29
CA TYR C 248 -27.17 10.33 0.12
C TYR C 248 -26.11 10.59 -0.93
N GLU C 249 -26.15 9.76 -1.97
CA GLU C 249 -25.21 9.89 -3.09
C GLU C 249 -25.79 9.19 -4.31
N ILE C 250 -25.75 9.88 -5.45
CA ILE C 250 -26.21 9.36 -6.72
C ILE C 250 -25.01 9.25 -7.65
N GLY C 251 -24.54 8.04 -7.90
CA GLY C 251 -23.38 7.87 -8.75
C GLY C 251 -23.28 6.46 -9.28
N LYS C 252 -22.20 6.21 -10.03
CA LYS C 252 -21.98 4.92 -10.65
C LYS C 252 -21.35 3.95 -9.66
N VAL C 253 -21.82 2.71 -9.67
CA VAL C 253 -21.21 1.62 -8.93
C VAL C 253 -20.86 0.51 -9.92
N PHE C 254 -19.92 -0.34 -9.52
CA PHE C 254 -19.29 -1.29 -10.43
C PHE C 254 -19.35 -2.68 -9.85
N ARG C 255 -19.92 -3.62 -10.61
CA ARG C 255 -20.01 -5.02 -10.20
C ARG C 255 -19.57 -5.90 -11.36
N ASN C 256 -18.62 -6.79 -11.09
CA ASN C 256 -17.98 -7.61 -12.13
C ASN C 256 -18.69 -8.97 -12.13
N GLU C 257 -19.79 -9.02 -12.87
CA GLU C 257 -20.62 -10.22 -12.94
C GLU C 257 -21.25 -10.28 -14.32
N GLY C 258 -22.30 -11.09 -14.46
CA GLY C 258 -22.92 -11.28 -15.76
C GLY C 258 -23.59 -10.02 -16.28
N ILE C 259 -23.54 -9.85 -17.60
CA ILE C 259 -24.25 -8.79 -18.31
C ILE C 259 -25.52 -9.40 -18.88
N ASP C 260 -26.63 -8.66 -18.79
CA ASP C 260 -27.88 -9.14 -19.36
C ASP C 260 -28.77 -7.95 -19.69
N ASN C 261 -30.06 -8.24 -19.93
CA ASN C 261 -31.01 -7.18 -20.25
C ASN C 261 -31.28 -6.26 -19.06
N THR C 262 -30.93 -6.69 -17.85
CA THR C 262 -31.13 -5.90 -16.64
C THR C 262 -29.86 -5.71 -15.83
N HIS C 263 -28.69 -6.08 -16.37
CA HIS C 263 -27.41 -5.87 -15.71
C HIS C 263 -26.44 -5.24 -16.69
N ASN C 264 -25.96 -4.05 -16.35
CA ASN C 264 -24.84 -3.42 -17.01
C ASN C 264 -23.68 -3.30 -16.03
N PRO C 265 -22.45 -3.62 -16.45
CA PRO C 265 -21.31 -3.64 -15.51
C PRO C 265 -21.20 -2.40 -14.63
N GLU C 266 -21.41 -1.21 -15.18
CA GLU C 266 -21.51 0.00 -14.40
C GLU C 266 -22.95 0.52 -14.48
N PHE C 267 -23.57 0.71 -13.32
CA PHE C 267 -24.93 1.21 -13.24
C PHE C 267 -25.03 2.30 -12.18
N THR C 268 -26.03 3.15 -12.35
CA THR C 268 -26.23 4.30 -11.49
C THR C 268 -27.17 3.93 -10.35
N SER C 269 -26.69 4.07 -9.12
CA SER C 269 -27.48 3.77 -7.93
C SER C 269 -27.59 5.02 -7.06
N CYS C 270 -28.74 5.18 -6.44
CA CYS C 270 -28.94 6.19 -5.40
C CYS C 270 -29.15 5.49 -4.08
N GLU C 271 -28.42 5.91 -3.06
CA GLU C 271 -28.54 5.36 -1.72
C GLU C 271 -28.60 6.52 -0.73
N PHE C 272 -29.66 6.58 0.07
CA PHE C 272 -29.79 7.60 1.10
C PHE C 272 -29.88 6.96 2.47
N TYR C 273 -29.30 7.63 3.45
CA TYR C 273 -29.27 7.15 4.82
C TYR C 273 -29.87 8.19 5.73
N TRP C 274 -30.75 7.73 6.63
CA TRP C 274 -31.69 8.59 7.35
C TRP C 274 -31.60 8.24 8.83
N ALA C 275 -30.95 9.10 9.60
CA ALA C 275 -30.77 8.85 11.03
C ALA C 275 -32.12 8.87 11.73
N TYR C 276 -32.26 7.97 12.72
CA TYR C 276 -33.46 7.86 13.55
C TYR C 276 -34.69 7.48 12.72
N ALA C 277 -34.46 6.77 11.62
CA ALA C 277 -35.51 6.27 10.77
C ALA C 277 -35.59 4.74 10.87
N ASP C 278 -36.74 4.21 10.49
CA ASP C 278 -37.04 2.79 10.56
C ASP C 278 -37.25 2.24 9.16
N TYR C 279 -37.55 0.94 9.08
CA TYR C 279 -37.96 0.38 7.80
C TYR C 279 -39.44 0.61 7.52
N ASN C 280 -40.23 0.89 8.56
CA ASN C 280 -41.56 1.46 8.34
C ASN C 280 -41.45 2.81 7.65
N ASP C 281 -40.46 3.62 8.02
CA ASP C 281 -40.24 4.89 7.36
C ASP C 281 -39.82 4.68 5.90
N LEU C 282 -38.99 3.66 5.64
CA LEU C 282 -38.53 3.41 4.29
C LEU C 282 -39.63 2.85 3.41
N ILE C 283 -40.62 2.16 4.01
CA ILE C 283 -41.78 1.72 3.23
C ILE C 283 -42.58 2.93 2.74
N LYS C 284 -42.87 3.86 3.66
CA LYS C 284 -43.64 5.05 3.28
C LYS C 284 -42.87 5.89 2.26
N TRP C 285 -41.56 6.08 2.48
CA TRP C 285 -40.75 6.82 1.53
C TRP C 285 -40.84 6.22 0.15
N SER C 286 -40.76 4.88 0.05
CA SER C 286 -40.82 4.22 -1.25
C SER C 286 -42.16 4.46 -1.93
N GLU C 287 -43.26 4.25 -1.19
CA GLU C 287 -44.58 4.49 -1.76
C GLU C 287 -44.81 5.98 -2.02
N ASP C 288 -44.27 6.85 -1.17
CA ASP C 288 -44.40 8.28 -1.41
C ASP C 288 -43.60 8.71 -2.63
N PHE C 289 -42.38 8.20 -2.78
CA PHE C 289 -41.52 8.65 -3.86
C PHE C 289 -41.93 8.07 -5.20
N PHE C 290 -42.14 6.74 -5.26
CA PHE C 290 -42.49 6.12 -6.54
C PHE C 290 -43.85 6.57 -7.05
N SER C 291 -44.79 6.85 -6.14
CA SER C 291 -46.09 7.35 -6.59
C SER C 291 -46.00 8.77 -7.12
N GLN C 292 -45.17 9.61 -6.49
CA GLN C 292 -45.02 10.98 -6.95
C GLN C 292 -44.09 11.10 -8.14
N LEU C 293 -43.12 10.20 -8.26
CA LEU C 293 -42.25 10.20 -9.43
C LEU C 293 -43.04 9.87 -10.70
N VAL C 294 -43.95 8.90 -10.61
CA VAL C 294 -44.68 8.47 -11.80
C VAL C 294 -45.75 9.49 -12.17
N TYR C 295 -46.39 10.11 -11.17
CA TYR C 295 -47.34 11.18 -11.48
C TYR C 295 -46.63 12.41 -12.02
N HIS C 296 -45.40 12.65 -11.59
CA HIS C 296 -44.65 13.80 -12.08
C HIS C 296 -44.33 13.67 -13.56
N LEU C 297 -44.13 12.44 -14.05
CA LEU C 297 -43.79 12.21 -15.45
C LEU C 297 -45.01 12.13 -16.34
N PHE C 298 -46.00 11.30 -15.96
CA PHE C 298 -47.10 10.95 -16.84
C PHE C 298 -48.41 11.66 -16.50
N GLY C 299 -48.46 12.38 -15.38
CA GLY C 299 -49.73 12.96 -14.96
C GLY C 299 -50.77 11.94 -14.55
N THR C 300 -50.34 10.70 -14.30
CA THR C 300 -51.22 9.61 -13.92
C THR C 300 -50.41 8.62 -13.10
N TYR C 301 -51.11 7.75 -12.36
CA TYR C 301 -50.42 6.72 -11.59
C TYR C 301 -50.37 5.37 -12.31
N LYS C 302 -51.16 5.19 -13.37
CA LYS C 302 -51.12 3.98 -14.18
C LYS C 302 -50.35 4.25 -15.47
N ILE C 303 -49.33 3.44 -15.73
CA ILE C 303 -48.58 3.48 -16.97
C ILE C 303 -48.62 2.10 -17.60
N SER C 304 -48.34 2.06 -18.90
CA SER C 304 -48.30 0.81 -19.65
C SER C 304 -46.86 0.36 -19.83
N TYR C 305 -46.66 -0.95 -19.85
CA TYR C 305 -45.33 -1.51 -20.04
C TYR C 305 -45.44 -2.81 -20.81
N ASN C 306 -44.55 -2.99 -21.78
CA ASN C 306 -44.49 -4.23 -22.57
C ASN C 306 -43.51 -5.17 -21.89
N LYS C 307 -44.04 -6.01 -20.99
CA LYS C 307 -43.18 -6.86 -20.16
C LYS C 307 -42.38 -7.83 -21.00
N ASP C 308 -42.98 -8.38 -22.05
CA ASP C 308 -42.36 -9.39 -22.90
C ASP C 308 -42.24 -8.92 -24.35
N GLY C 309 -41.80 -7.67 -24.54
CA GLY C 309 -41.52 -7.15 -25.86
C GLY C 309 -42.63 -6.29 -26.42
N PRO C 310 -42.28 -5.43 -27.38
CA PRO C 310 -43.29 -4.54 -27.98
C PRO C 310 -44.33 -5.27 -28.80
N GLU C 311 -44.10 -6.54 -29.16
CA GLU C 311 -45.06 -7.32 -29.90
C GLU C 311 -46.03 -8.09 -29.02
N ASN C 312 -45.70 -8.24 -27.73
CA ASN C 312 -46.57 -8.96 -26.81
C ASN C 312 -47.52 -7.99 -26.11
N GLN C 313 -48.51 -8.58 -25.46
CA GLN C 313 -49.50 -7.80 -24.74
C GLN C 313 -48.81 -6.97 -23.65
N PRO C 314 -49.13 -5.69 -23.52
CA PRO C 314 -48.54 -4.89 -22.43
C PRO C 314 -49.21 -5.18 -21.09
N ILE C 315 -48.71 -4.51 -20.06
CA ILE C 315 -49.29 -4.59 -18.73
C ILE C 315 -49.46 -3.16 -18.24
N GLU C 316 -50.58 -2.89 -17.56
CA GLU C 316 -50.70 -1.65 -16.83
C GLU C 316 -50.06 -1.84 -15.46
N ILE C 317 -49.21 -0.92 -15.07
CA ILE C 317 -48.60 -0.91 -13.74
C ILE C 317 -49.17 0.27 -12.99
N ASP C 318 -49.89 0.00 -11.92
CA ASP C 318 -50.55 1.02 -11.13
C ASP C 318 -49.67 1.33 -9.93
N PHE C 319 -49.05 2.50 -9.93
CA PHE C 319 -48.21 2.95 -8.84
C PHE C 319 -49.00 3.63 -7.73
N THR C 320 -50.31 3.40 -7.66
CA THR C 320 -51.12 3.99 -6.61
C THR C 320 -50.85 3.26 -5.29
N PRO C 321 -50.50 3.98 -4.23
CA PRO C 321 -50.18 3.32 -2.97
C PRO C 321 -51.43 3.04 -2.16
N PRO C 322 -51.37 2.10 -1.21
CA PRO C 322 -50.18 1.33 -0.84
C PRO C 322 -49.93 0.10 -1.70
N TYR C 323 -48.67 -0.34 -1.75
CA TYR C 323 -48.17 -1.52 -2.46
C TYR C 323 -48.15 -2.71 -1.51
N PRO C 324 -48.48 -3.91 -2.00
CA PRO C 324 -48.56 -5.07 -1.11
C PRO C 324 -47.20 -5.45 -0.54
N LYS C 325 -47.23 -5.96 0.70
CA LYS C 325 -46.05 -6.42 1.41
C LYS C 325 -46.14 -7.92 1.58
N VAL C 326 -45.08 -8.64 1.21
CA VAL C 326 -45.06 -10.09 1.17
C VAL C 326 -43.80 -10.57 1.87
N SER C 327 -43.97 -11.25 3.01
CA SER C 327 -42.83 -11.79 3.74
C SER C 327 -42.20 -12.95 2.96
N ILE C 328 -40.87 -13.01 2.96
CA ILE C 328 -40.17 -13.91 2.06
C ILE C 328 -40.35 -15.36 2.49
N VAL C 329 -40.11 -15.66 3.77
CA VAL C 329 -40.13 -17.05 4.21
C VAL C 329 -41.56 -17.54 4.40
N GLU C 330 -42.44 -16.67 4.90
CA GLU C 330 -43.85 -17.04 5.04
C GLU C 330 -44.47 -17.40 3.69
N GLU C 331 -44.21 -16.58 2.66
CA GLU C 331 -44.83 -16.82 1.37
C GLU C 331 -44.26 -18.05 0.67
N ILE C 332 -42.98 -18.36 0.90
CA ILE C 332 -42.44 -19.63 0.43
C ILE C 332 -43.24 -20.78 1.02
N GLU C 333 -43.59 -20.67 2.30
CA GLU C 333 -44.35 -21.73 2.96
C GLU C 333 -45.76 -21.86 2.41
N LYS C 334 -46.37 -20.75 1.98
CA LYS C 334 -47.68 -20.87 1.36
C LYS C 334 -47.57 -21.46 -0.04
N VAL C 335 -46.52 -21.11 -0.77
CA VAL C 335 -46.35 -21.61 -2.14
C VAL C 335 -45.93 -23.08 -2.12
N THR C 336 -44.98 -23.44 -1.25
CA THR C 336 -44.40 -24.77 -1.23
C THR C 336 -45.03 -25.70 -0.19
N ASN C 337 -45.79 -25.17 0.76
CA ASN C 337 -46.28 -25.91 1.92
C ASN C 337 -45.12 -26.60 2.64
N THR C 338 -44.25 -25.77 3.20
CA THR C 338 -43.05 -26.19 3.89
C THR C 338 -42.94 -25.45 5.22
N ILE C 339 -42.32 -26.10 6.20
CA ILE C 339 -41.86 -25.43 7.41
C ILE C 339 -40.34 -25.37 7.33
N LEU C 340 -39.78 -24.15 7.35
CA LEU C 340 -38.34 -24.02 7.13
C LEU C 340 -37.54 -24.32 8.38
N GLU C 341 -38.09 -24.07 9.58
CA GLU C 341 -37.55 -24.61 10.82
C GLU C 341 -36.11 -24.16 11.07
N GLN C 342 -35.96 -22.87 11.37
CA GLN C 342 -34.70 -22.25 11.75
C GLN C 342 -33.89 -23.15 12.69
N PRO C 343 -32.55 -23.17 12.59
CA PRO C 343 -31.70 -22.37 11.69
C PRO C 343 -31.93 -22.66 10.21
N PHE C 344 -31.95 -21.60 9.40
CA PHE C 344 -32.13 -21.77 7.96
C PHE C 344 -30.93 -22.43 7.32
N ASP C 345 -29.75 -22.39 7.96
CA ASP C 345 -28.57 -23.08 7.48
C ASP C 345 -28.35 -24.42 8.19
N SER C 346 -29.38 -24.92 8.87
CA SER C 346 -29.32 -26.29 9.37
C SER C 346 -29.42 -27.28 8.21
N ASN C 347 -29.02 -28.52 8.48
CA ASN C 347 -28.99 -29.52 7.43
C ASN C 347 -30.37 -30.05 7.09
N GLU C 348 -31.27 -30.14 8.07
CA GLU C 348 -32.62 -30.59 7.77
C GLU C 348 -33.38 -29.58 6.92
N THR C 349 -33.02 -28.30 7.01
CA THR C 349 -33.64 -27.26 6.20
C THR C 349 -32.98 -27.12 4.83
N ILE C 350 -31.66 -27.31 4.76
CA ILE C 350 -30.95 -27.15 3.48
C ILE C 350 -31.49 -28.14 2.44
N GLU C 351 -31.88 -29.35 2.89
CA GLU C 351 -32.39 -30.34 1.95
C GLU C 351 -33.85 -30.08 1.60
N LYS C 352 -34.65 -29.68 2.60
CA LYS C 352 -36.06 -29.40 2.34
C LYS C 352 -36.23 -28.34 1.26
N MET C 353 -35.35 -27.34 1.24
CA MET C 353 -35.36 -26.37 0.15
C MET C 353 -34.89 -27.01 -1.15
N ILE C 354 -33.83 -27.81 -1.09
CA ILE C 354 -33.35 -28.51 -2.28
C ILE C 354 -34.40 -29.50 -2.77
N ASN C 355 -35.05 -30.21 -1.85
CA ASN C 355 -36.11 -31.13 -2.24
C ASN C 355 -37.29 -30.39 -2.87
N ILE C 356 -37.60 -29.19 -2.35
CA ILE C 356 -38.63 -28.36 -2.98
C ILE C 356 -38.19 -27.90 -4.35
N ILE C 357 -36.88 -27.72 -4.55
CA ILE C 357 -36.39 -27.20 -5.82
C ILE C 357 -36.49 -28.24 -6.92
N LYS C 358 -36.01 -29.46 -6.64
CA LYS C 358 -36.10 -30.52 -7.63
C LYS C 358 -37.53 -30.99 -7.86
N GLU C 359 -38.42 -30.78 -6.88
CA GLU C 359 -39.82 -31.15 -7.06
C GLU C 359 -40.49 -30.27 -8.10
N HIS C 360 -40.27 -28.95 -8.01
CA HIS C 360 -40.77 -28.03 -9.02
C HIS C 360 -39.78 -27.82 -10.16
N LYS C 361 -38.75 -28.67 -10.25
CA LYS C 361 -37.83 -28.75 -11.38
C LYS C 361 -36.95 -27.51 -11.55
N ILE C 362 -36.81 -26.68 -10.51
CA ILE C 362 -36.05 -25.45 -10.64
C ILE C 362 -34.56 -25.75 -10.66
N GLU C 363 -33.82 -24.91 -11.38
CA GLU C 363 -32.36 -25.02 -11.40
C GLU C 363 -31.79 -24.79 -10.01
N LEU C 364 -30.80 -25.59 -9.62
CA LEU C 364 -30.35 -25.40 -8.25
C LEU C 364 -29.01 -24.65 -8.20
N PRO C 365 -28.82 -23.73 -7.26
CA PRO C 365 -27.60 -22.92 -7.25
C PRO C 365 -26.33 -23.72 -6.98
N ASN C 366 -25.21 -23.12 -7.40
CA ASN C 366 -23.87 -23.62 -7.11
C ASN C 366 -23.01 -22.46 -6.61
N PRO C 367 -22.56 -22.48 -5.34
CA PRO C 367 -22.81 -23.51 -4.32
C PRO C 367 -24.26 -23.49 -3.82
N PRO C 368 -24.72 -24.60 -3.22
CA PRO C 368 -26.10 -24.70 -2.71
C PRO C 368 -26.24 -24.20 -1.27
N THR C 369 -25.79 -22.98 -1.01
CA THR C 369 -25.88 -22.44 0.34
C THR C 369 -27.31 -22.02 0.66
N ALA C 370 -27.61 -21.98 1.97
CA ALA C 370 -28.97 -21.66 2.41
C ALA C 370 -29.42 -20.28 1.97
N ALA C 371 -28.49 -19.33 1.85
CA ALA C 371 -28.85 -18.02 1.35
C ALA C 371 -29.21 -18.07 -0.13
N LYS C 372 -28.47 -18.86 -0.92
CA LYS C 372 -28.74 -18.95 -2.35
C LYS C 372 -30.07 -19.66 -2.62
N LEU C 373 -30.40 -20.68 -1.82
CA LEU C 373 -31.62 -21.43 -2.04
C LEU C 373 -32.84 -20.59 -1.73
N LEU C 374 -32.84 -19.92 -0.57
CA LEU C 374 -33.89 -18.95 -0.25
C LEU C 374 -34.04 -17.91 -1.35
N ASP C 375 -32.94 -17.56 -2.01
CA ASP C 375 -32.98 -16.59 -3.09
C ASP C 375 -33.60 -17.18 -4.35
N GLN C 376 -33.23 -18.42 -4.70
CA GLN C 376 -33.84 -19.06 -5.85
C GLN C 376 -35.32 -19.37 -5.60
N LEU C 377 -35.66 -19.74 -4.36
CA LEU C 377 -37.06 -19.92 -4.01
C LEU C 377 -37.81 -18.60 -4.07
N ALA C 378 -37.15 -17.50 -3.68
CA ALA C 378 -37.76 -16.18 -3.80
C ALA C 378 -38.08 -15.84 -5.25
N SER C 379 -37.17 -16.14 -6.16
CA SER C 379 -37.33 -15.76 -7.56
C SER C 379 -38.53 -16.45 -8.20
N HIS C 380 -38.70 -17.74 -7.91
CA HIS C 380 -39.67 -18.54 -8.63
C HIS C 380 -41.05 -18.55 -8.00
N PHE C 381 -41.14 -18.38 -6.68
CA PHE C 381 -42.42 -18.48 -6.00
C PHE C 381 -42.97 -17.15 -5.50
N ILE C 382 -42.17 -16.09 -5.45
CA ILE C 382 -42.65 -14.82 -4.90
C ILE C 382 -42.46 -13.67 -5.88
N GLU C 383 -41.25 -13.54 -6.44
CA GLU C 383 -40.84 -12.33 -7.15
C GLU C 383 -41.74 -11.97 -8.32
N ASN C 384 -42.60 -12.88 -8.78
CA ASN C 384 -43.53 -12.59 -9.87
C ASN C 384 -44.99 -12.64 -9.41
N LYS C 385 -45.24 -12.45 -8.11
CA LYS C 385 -46.61 -12.49 -7.62
C LYS C 385 -47.44 -11.35 -8.19
N TYR C 386 -46.87 -10.16 -8.30
CA TYR C 386 -47.59 -8.99 -8.77
C TYR C 386 -46.83 -8.34 -9.91
N ASN C 387 -47.54 -8.08 -11.01
CA ASN C 387 -47.02 -7.28 -12.10
C ASN C 387 -47.90 -6.08 -12.45
N ASP C 388 -49.17 -6.09 -12.07
CA ASP C 388 -50.05 -4.95 -12.28
C ASP C 388 -49.73 -3.79 -11.35
N LYS C 389 -48.87 -3.99 -10.36
CA LYS C 389 -48.50 -2.94 -9.42
C LYS C 389 -47.19 -3.34 -8.76
N PRO C 390 -46.40 -2.37 -8.29
CA PRO C 390 -45.19 -2.72 -7.53
C PRO C 390 -45.55 -3.32 -6.18
N PHE C 391 -44.60 -4.07 -5.62
CA PHE C 391 -44.84 -4.72 -4.35
C PHE C 391 -43.52 -4.95 -3.63
N PHE C 392 -43.60 -5.11 -2.32
CA PHE C 392 -42.45 -5.24 -1.45
C PHE C 392 -42.29 -6.68 -0.98
N ILE C 393 -41.05 -7.14 -0.95
CA ILE C 393 -40.67 -8.40 -0.30
C ILE C 393 -39.92 -8.03 0.97
N VAL C 394 -40.47 -8.40 2.12
CA VAL C 394 -40.00 -7.90 3.40
C VAL C 394 -39.55 -9.06 4.29
N GLU C 395 -38.89 -8.69 5.39
CA GLU C 395 -38.56 -9.61 6.49
C GLU C 395 -37.65 -10.75 6.01
N HIS C 396 -36.52 -10.37 5.43
CA HIS C 396 -35.57 -11.37 4.96
C HIS C 396 -34.82 -11.99 6.13
N PRO C 397 -34.49 -13.28 6.05
CA PRO C 397 -33.70 -13.91 7.12
C PRO C 397 -32.35 -13.22 7.28
N GLN C 398 -31.79 -13.37 8.49
CA GLN C 398 -30.51 -12.76 8.80
C GLN C 398 -29.39 -13.30 7.91
N ILE C 399 -29.46 -14.59 7.55
CA ILE C 399 -28.43 -15.19 6.72
C ILE C 399 -28.44 -14.68 5.29
N MET C 400 -29.40 -13.83 4.93
CA MET C 400 -29.42 -13.16 3.64
C MET C 400 -29.07 -11.68 3.72
N SER C 401 -29.07 -11.11 4.93
CA SER C 401 -28.95 -9.66 5.11
C SER C 401 -27.91 -9.36 6.18
N PRO C 402 -26.62 -9.48 5.83
CA PRO C 402 -25.57 -9.29 6.84
C PRO C 402 -25.45 -7.88 7.38
N LEU C 403 -25.98 -6.87 6.68
CA LEU C 403 -25.91 -5.49 7.14
C LEU C 403 -27.24 -4.98 7.67
N ALA C 404 -28.30 -5.78 7.59
CA ALA C 404 -29.61 -5.34 8.07
C ALA C 404 -29.74 -5.59 9.57
N LYS C 405 -30.46 -4.71 10.24
CA LYS C 405 -30.71 -4.89 11.66
C LYS C 405 -31.67 -6.05 11.87
N TYR C 406 -31.39 -6.86 12.88
CA TYR C 406 -32.23 -8.02 13.19
C TYR C 406 -33.66 -7.57 13.50
N HIS C 407 -34.60 -8.50 13.32
CA HIS C 407 -36.00 -8.15 13.40
C HIS C 407 -36.44 -7.91 14.84
N ARG C 408 -37.34 -6.93 15.02
CA ARG C 408 -37.77 -6.53 16.35
C ARG C 408 -38.46 -7.68 17.08
N THR C 409 -39.36 -8.39 16.39
CA THR C 409 -40.18 -9.41 17.03
C THR C 409 -40.16 -10.75 16.31
N LYS C 410 -39.40 -10.90 15.22
CA LYS C 410 -39.33 -12.16 14.47
C LYS C 410 -37.89 -12.65 14.46
N PRO C 411 -37.54 -13.63 15.29
CA PRO C 411 -36.15 -14.05 15.41
C PRO C 411 -35.60 -14.62 14.11
N GLY C 412 -34.29 -14.44 13.91
CA GLY C 412 -33.62 -14.89 12.70
C GLY C 412 -33.90 -14.06 11.46
N LEU C 413 -34.82 -13.11 11.53
CA LEU C 413 -35.21 -12.28 10.40
C LEU C 413 -34.65 -10.88 10.56
N THR C 414 -34.83 -10.05 9.53
CA THR C 414 -34.35 -8.68 9.53
C THR C 414 -35.48 -7.74 9.16
N GLU C 415 -35.26 -6.45 9.43
CA GLU C 415 -36.23 -5.40 9.10
C GLU C 415 -35.92 -4.85 7.71
N ARG C 416 -35.96 -5.74 6.73
CA ARG C 416 -35.53 -5.46 5.37
C ARG C 416 -36.72 -5.45 4.42
N LEU C 417 -36.64 -4.63 3.38
CA LEU C 417 -37.67 -4.55 2.36
C LEU C 417 -37.01 -4.48 0.99
N GLU C 418 -37.73 -4.97 -0.02
CA GLU C 418 -37.26 -4.94 -1.40
C GLU C 418 -38.47 -4.74 -2.31
N MET C 419 -38.45 -3.69 -3.10
CA MET C 419 -39.55 -3.39 -4.02
C MET C 419 -39.20 -3.90 -5.42
N PHE C 420 -40.16 -4.60 -6.03
CA PHE C 420 -40.00 -5.17 -7.36
C PHE C 420 -41.01 -4.55 -8.31
N ILE C 421 -40.61 -4.43 -9.58
CA ILE C 421 -41.51 -4.05 -10.66
C ILE C 421 -41.38 -5.08 -11.76
N CYS C 422 -42.47 -5.80 -12.04
CA CYS C 422 -42.51 -6.84 -13.06
C CYS C 422 -41.45 -7.91 -12.83
N GLY C 423 -41.15 -8.19 -11.55
CA GLY C 423 -40.18 -9.20 -11.21
C GLY C 423 -38.73 -8.72 -11.18
N LYS C 424 -38.50 -7.43 -11.31
CA LYS C 424 -37.15 -6.87 -11.29
C LYS C 424 -36.96 -6.05 -10.03
N GLU C 425 -35.92 -6.36 -9.27
CA GLU C 425 -35.62 -5.60 -8.07
C GLU C 425 -35.08 -4.23 -8.43
N VAL C 426 -35.72 -3.19 -7.90
CA VAL C 426 -35.26 -1.81 -8.07
C VAL C 426 -34.89 -1.15 -6.77
N LEU C 427 -35.26 -1.73 -5.63
CA LEU C 427 -35.13 -1.06 -4.34
C LEU C 427 -34.69 -2.08 -3.29
N ASN C 428 -33.59 -1.80 -2.61
CA ASN C 428 -33.19 -2.51 -1.42
C ASN C 428 -33.20 -1.53 -0.26
N ALA C 429 -33.66 -1.98 0.90
CA ALA C 429 -33.72 -1.12 2.07
C ALA C 429 -33.86 -1.98 3.31
N TYR C 430 -33.36 -1.48 4.43
CA TYR C 430 -33.57 -2.12 5.72
C TYR C 430 -33.22 -1.15 6.84
N THR C 431 -33.60 -1.53 8.05
CA THR C 431 -33.05 -0.89 9.25
C THR C 431 -31.59 -1.30 9.37
N GLU C 432 -30.70 -0.32 9.48
CA GLU C 432 -29.27 -0.61 9.47
C GLU C 432 -28.85 -1.34 10.73
N LEU C 433 -28.08 -2.41 10.57
CA LEU C 433 -27.43 -3.05 11.69
C LEU C 433 -26.34 -2.11 12.22
N ASN C 434 -26.56 -1.57 13.42
CA ASN C 434 -25.64 -0.60 14.02
C ASN C 434 -24.95 -1.13 15.26
N ASP C 435 -25.09 -2.42 15.56
CA ASP C 435 -24.43 -3.02 16.71
C ASP C 435 -23.05 -3.53 16.28
N PRO C 436 -21.95 -2.96 16.80
CA PRO C 436 -20.63 -3.45 16.37
C PRO C 436 -20.36 -4.88 16.82
N PHE C 437 -20.83 -5.26 18.01
CA PHE C 437 -20.66 -6.64 18.45
C PHE C 437 -21.39 -7.60 17.52
N LYS C 438 -22.61 -7.24 17.11
CA LYS C 438 -23.37 -8.09 16.20
C LYS C 438 -22.87 -8.01 14.76
N GLN C 439 -22.30 -6.88 14.35
CA GLN C 439 -21.85 -6.74 12.96
C GLN C 439 -20.62 -7.60 12.69
N LYS C 440 -19.66 -7.62 13.63
CA LYS C 440 -18.47 -8.45 13.44
C LYS C 440 -18.84 -9.92 13.32
N GLU C 441 -19.94 -10.34 13.95
CA GLU C 441 -20.44 -11.69 13.75
C GLU C 441 -20.90 -11.88 12.31
N CYS C 442 -21.67 -10.93 11.78
CA CYS C 442 -22.05 -10.98 10.37
C CYS C 442 -20.85 -10.80 9.45
N PHE C 443 -19.78 -10.17 9.93
CA PHE C 443 -18.53 -10.18 9.19
C PHE C 443 -17.85 -11.54 9.28
N LYS C 444 -17.91 -12.17 10.46
CA LYS C 444 -17.21 -13.44 10.66
C LYS C 444 -17.90 -14.59 9.93
N LEU C 445 -19.23 -14.56 9.83
CA LEU C 445 -19.95 -15.63 9.16
C LEU C 445 -19.90 -15.49 7.64
N GLN C 446 -19.74 -14.27 7.13
CA GLN C 446 -19.65 -14.04 5.69
C GLN C 446 -18.22 -14.17 5.17
N GLN C 447 -17.24 -13.68 5.94
CA GLN C 447 -15.86 -13.72 5.47
C GLN C 447 -15.26 -15.12 5.56
N LYS C 448 -15.61 -15.88 6.61
CA LYS C 448 -15.03 -17.20 6.83
C LYS C 448 -15.99 -18.33 6.46
N ASP C 449 -17.17 -18.35 7.06
CA ASP C 449 -18.09 -19.46 6.84
C ASP C 449 -18.73 -19.40 5.45
N ARG C 450 -18.90 -18.21 4.89
CA ARG C 450 -19.49 -18.07 3.56
C ARG C 450 -18.41 -18.01 2.48
N GLU C 451 -17.46 -17.09 2.61
CA GLU C 451 -16.39 -16.94 1.63
C GLU C 451 -15.31 -17.99 1.84
N GLN C 459 -17.39 -10.32 2.97
CA GLN C 459 -16.20 -9.48 2.85
C GLN C 459 -16.16 -8.45 3.96
N LEU C 460 -15.22 -8.63 4.90
CA LEU C 460 -15.17 -7.82 6.11
C LEU C 460 -14.28 -6.60 5.91
N ASP C 461 -14.76 -5.45 6.39
CA ASP C 461 -14.03 -4.20 6.36
C ASP C 461 -13.71 -3.77 7.79
N SER C 462 -12.49 -3.29 7.99
CA SER C 462 -12.06 -2.80 9.31
C SER C 462 -12.39 -1.33 9.51
N ALA C 463 -12.25 -0.51 8.46
CA ALA C 463 -12.54 0.91 8.58
C ALA C 463 -14.01 1.15 8.90
N PHE C 464 -14.89 0.32 8.35
CA PHE C 464 -16.33 0.42 8.63
C PHE C 464 -16.67 -0.17 9.99
N CYS C 465 -15.94 -1.20 10.42
CA CYS C 465 -16.26 -1.85 11.68
C CYS C 465 -15.84 -1.00 12.88
N THR C 466 -14.66 -0.40 12.82
CA THR C 466 -14.25 0.50 13.90
C THR C 466 -15.12 1.74 13.94
N SER C 467 -15.67 2.16 12.80
CA SER C 467 -16.55 3.32 12.76
C SER C 467 -17.85 3.05 13.51
N LEU C 468 -18.33 1.81 13.49
CA LEU C 468 -19.52 1.46 14.25
C LEU C 468 -19.28 1.51 15.75
N GLU C 469 -18.04 1.40 16.20
CA GLU C 469 -17.73 1.43 17.62
C GLU C 469 -17.80 2.84 18.21
N TYR C 470 -17.83 3.87 17.36
CA TYR C 470 -18.01 5.24 17.83
C TYR C 470 -19.47 5.65 17.90
N GLY C 471 -20.38 4.74 17.56
CA GLY C 471 -21.79 4.98 17.70
C GLY C 471 -22.48 5.32 16.39
N LEU C 472 -23.12 4.33 15.78
CA LEU C 472 -24.00 4.57 14.65
C LEU C 472 -25.42 4.65 15.18
N PRO C 473 -26.06 5.81 15.15
CA PRO C 473 -27.42 5.92 15.68
C PRO C 473 -28.38 5.02 14.92
N PRO C 474 -29.54 4.70 15.50
CA PRO C 474 -30.55 3.97 14.73
C PRO C 474 -30.83 4.65 13.41
N THR C 475 -30.64 3.95 12.31
CA THR C 475 -30.63 4.56 10.99
C THR C 475 -31.43 3.70 10.01
N GLY C 476 -32.03 4.35 9.03
CA GLY C 476 -32.64 3.66 7.91
C GLY C 476 -31.95 4.02 6.61
N GLY C 477 -31.62 3.02 5.81
CA GLY C 477 -30.98 3.25 4.53
C GLY C 477 -31.74 2.58 3.41
N LEU C 478 -31.72 3.22 2.25
CA LEU C 478 -32.41 2.71 1.07
C LEU C 478 -31.49 2.83 -0.14
N GLY C 479 -31.61 1.89 -1.05
CA GLY C 479 -30.88 1.92 -2.32
C GLY C 479 -31.84 1.85 -3.49
N LEU C 480 -31.54 2.64 -4.52
CA LEU C 480 -32.34 2.69 -5.74
C LEU C 480 -31.46 2.31 -6.93
N GLY C 481 -32.05 1.60 -7.88
CA GLY C 481 -31.40 1.38 -9.16
C GLY C 481 -32.00 2.27 -10.23
N ILE C 482 -31.28 3.35 -10.58
CA ILE C 482 -31.85 4.36 -11.48
C ILE C 482 -32.15 3.77 -12.85
N ASP C 483 -31.23 2.96 -13.37
CA ASP C 483 -31.40 2.41 -14.72
C ASP C 483 -32.64 1.53 -14.80
N ARG C 484 -32.90 0.73 -13.76
CA ARG C 484 -34.06 -0.15 -13.80
C ARG C 484 -35.36 0.64 -13.67
N ILE C 485 -35.38 1.65 -12.81
CA ILE C 485 -36.54 2.53 -12.73
C ILE C 485 -36.76 3.23 -14.07
N THR C 486 -35.68 3.63 -14.73
CA THR C 486 -35.78 4.29 -16.02
C THR C 486 -36.34 3.37 -17.09
N MET C 487 -36.03 2.07 -17.01
CA MET C 487 -36.51 1.13 -18.01
C MET C 487 -38.03 1.09 -18.05
N PHE C 488 -38.66 0.99 -16.88
CA PHE C 488 -40.12 0.87 -16.83
C PHE C 488 -40.79 2.19 -17.15
N LEU C 489 -40.21 3.30 -16.69
CA LEU C 489 -40.79 4.61 -16.94
C LEU C 489 -40.50 5.13 -18.35
N THR C 490 -39.71 4.39 -19.14
CA THR C 490 -39.52 4.70 -20.55
C THR C 490 -39.97 3.55 -21.45
N ASN C 491 -40.57 2.51 -20.88
CA ASN C 491 -41.12 1.38 -21.63
C ASN C 491 -40.05 0.70 -22.49
N LYS C 492 -39.01 0.22 -21.82
CA LYS C 492 -37.89 -0.42 -22.49
C LYS C 492 -37.55 -1.72 -21.78
N ASN C 493 -37.16 -2.73 -22.56
CA ASN C 493 -36.93 -4.08 -22.05
C ASN C 493 -35.46 -4.37 -21.74
N SER C 494 -34.53 -3.57 -22.24
CA SER C 494 -33.11 -3.75 -21.97
C SER C 494 -32.56 -2.53 -21.26
N ILE C 495 -31.65 -2.77 -20.31
CA ILE C 495 -30.97 -1.68 -19.63
C ILE C 495 -30.04 -0.93 -20.58
N LYS C 496 -29.62 -1.56 -21.67
CA LYS C 496 -28.78 -0.91 -22.67
C LYS C 496 -29.52 0.15 -23.46
N ASP C 497 -30.85 0.19 -23.36
CA ASP C 497 -31.66 1.21 -24.01
C ASP C 497 -31.80 2.48 -23.18
N VAL C 498 -31.47 2.43 -21.89
CA VAL C 498 -31.55 3.59 -21.01
C VAL C 498 -30.18 4.05 -20.55
N ILE C 499 -29.11 3.43 -21.03
CA ILE C 499 -27.75 3.89 -20.80
C ILE C 499 -27.21 4.38 -22.13
N LEU C 500 -26.54 5.54 -22.11
CA LEU C 500 -26.09 6.16 -23.36
C LEU C 500 -25.13 5.25 -24.11
N PHE C 501 -24.06 4.81 -23.45
CA PHE C 501 -23.08 3.90 -24.05
C PHE C 501 -22.97 2.68 -23.14
N PRO C 502 -23.82 1.68 -23.33
CA PRO C 502 -23.72 0.46 -22.51
C PRO C 502 -22.45 -0.30 -22.82
N THR C 503 -22.12 -1.21 -21.91
CA THR C 503 -20.89 -2.00 -22.01
C THR C 503 -21.09 -3.11 -23.02
N MET C 504 -20.43 -3.00 -24.17
CA MET C 504 -20.59 -3.94 -25.27
C MET C 504 -19.32 -4.74 -25.47
N ARG C 505 -19.48 -5.96 -25.99
CA ARG C 505 -18.33 -6.70 -26.50
C ARG C 505 -17.80 -5.98 -27.72
N PRO C 506 -16.50 -5.66 -27.78
CA PRO C 506 -15.99 -4.80 -28.85
C PRO C 506 -16.14 -5.44 -30.21
N ALA C 507 -16.25 -4.58 -31.23
CA ALA C 507 -16.39 -5.04 -32.61
C ALA C 507 -15.04 -5.51 -33.16
N VAL D 3 -4.83 7.26 31.24
CA VAL D 3 -6.18 6.95 30.78
C VAL D 3 -6.13 6.11 29.51
N ASP D 4 -5.65 4.87 29.65
CA ASP D 4 -5.39 3.99 28.52
C ASP D 4 -6.63 3.80 27.66
N PRO D 5 -6.62 4.23 26.40
CA PRO D 5 -7.81 4.04 25.55
C PRO D 5 -8.13 2.58 25.31
N ARG D 6 -7.12 1.72 25.18
CA ARG D 6 -7.36 0.29 25.01
C ARG D 6 -8.11 -0.28 26.21
N LEU D 7 -7.80 0.21 27.42
CA LEU D 7 -8.55 -0.21 28.60
C LEU D 7 -9.95 0.38 28.60
N TYR D 8 -10.11 1.60 28.08
CA TYR D 8 -11.41 2.26 28.09
C TYR D 8 -12.38 1.59 27.11
N PHE D 9 -11.91 1.31 25.89
CA PHE D 9 -12.76 0.64 24.92
C PHE D 9 -13.16 -0.74 25.40
N GLU D 10 -12.18 -1.52 25.87
CA GLU D 10 -12.47 -2.83 26.45
C GLU D 10 -13.37 -2.71 27.67
N ASN D 11 -13.28 -1.57 28.38
CA ASN D 11 -14.16 -1.35 29.52
C ASN D 11 -15.61 -1.19 29.07
N ARG D 12 -15.86 -0.32 28.10
CA ARG D 12 -17.21 -0.09 27.62
C ARG D 12 -17.71 -1.23 26.74
N SER D 13 -16.81 -2.04 26.19
CA SER D 13 -17.24 -3.24 25.47
C SER D 13 -17.92 -4.23 26.41
N LYS D 14 -17.31 -4.46 27.58
CA LYS D 14 -17.94 -5.31 28.58
C LYS D 14 -19.21 -4.69 29.14
N PHE D 15 -19.37 -3.37 29.01
CA PHE D 15 -20.56 -2.71 29.53
C PHE D 15 -21.78 -3.02 28.66
N ILE D 16 -21.59 -3.25 27.36
CA ILE D 16 -22.72 -3.55 26.48
C ILE D 16 -23.29 -4.93 26.79
N GLN D 17 -22.42 -5.94 26.86
CA GLN D 17 -22.90 -7.29 27.15
C GLN D 17 -23.40 -7.44 28.58
N ASP D 18 -22.94 -6.58 29.50
CA ASP D 18 -23.52 -6.55 30.83
C ASP D 18 -24.97 -6.06 30.78
N GLN D 19 -25.21 -4.99 30.01
CA GLN D 19 -26.58 -4.55 29.77
C GLN D 19 -27.35 -5.57 28.94
N LYS D 20 -26.68 -6.22 28.00
CA LYS D 20 -27.35 -7.19 27.14
C LYS D 20 -27.87 -8.38 27.94
N ASP D 21 -27.05 -8.88 28.87
CA ASP D 21 -27.52 -9.94 29.77
C ASP D 21 -28.61 -9.44 30.70
N LYS D 22 -28.56 -8.16 31.07
CA LYS D 22 -29.50 -7.58 32.03
C LYS D 22 -30.93 -7.53 31.51
N GLY D 23 -31.17 -7.90 30.26
CA GLY D 23 -32.47 -7.70 29.65
C GLY D 23 -32.64 -6.35 28.99
N ILE D 24 -31.53 -5.71 28.59
CA ILE D 24 -31.55 -4.38 27.99
C ILE D 24 -31.04 -4.49 26.56
N ASN D 25 -31.76 -3.88 25.63
CA ASN D 25 -31.25 -3.70 24.28
C ASN D 25 -30.50 -2.37 24.23
N PRO D 26 -29.17 -2.39 24.23
CA PRO D 26 -28.42 -1.12 24.21
C PRO D 26 -28.47 -0.43 22.85
N TYR D 27 -29.05 -1.08 21.84
CA TYR D 27 -29.26 -0.48 20.51
C TYR D 27 -30.73 -0.65 20.16
N PRO D 28 -31.61 0.18 20.73
CA PRO D 28 -33.04 0.08 20.40
C PRO D 28 -33.27 0.33 18.93
N HIS D 29 -34.42 -0.15 18.44
CA HIS D 29 -34.67 -0.15 17.00
C HIS D 29 -35.17 1.21 16.51
N LYS D 30 -36.11 1.83 17.23
CA LYS D 30 -36.69 3.07 16.75
C LYS D 30 -37.09 3.98 17.91
N PHE D 31 -36.63 5.21 17.86
CA PHE D 31 -37.02 6.27 18.80
C PHE D 31 -37.73 7.35 18.00
N GLU D 32 -39.04 7.44 18.16
CA GLU D 32 -39.85 8.37 17.38
C GLU D 32 -39.48 9.80 17.75
N ARG D 33 -38.79 10.50 16.85
CA ARG D 33 -38.34 11.85 17.13
C ARG D 33 -39.41 12.88 16.75
N THR D 34 -39.56 13.89 17.60
CA THR D 34 -40.54 14.95 17.41
C THR D 34 -39.96 16.18 16.74
N ILE D 35 -38.71 16.51 17.04
CA ILE D 35 -38.13 17.80 16.68
C ILE D 35 -36.62 17.63 16.59
N SER D 36 -36.02 18.28 15.59
CA SER D 36 -34.58 18.27 15.44
C SER D 36 -33.94 19.34 16.31
N ILE D 37 -32.64 19.16 16.59
CA ILE D 37 -31.92 20.16 17.36
C ILE D 37 -31.90 21.52 16.66
N PRO D 38 -31.69 21.61 15.34
CA PRO D 38 -31.88 22.92 14.68
C PRO D 38 -33.29 23.47 14.86
N GLU D 39 -34.31 22.65 14.59
CA GLU D 39 -35.69 23.08 14.85
C GLU D 39 -35.86 23.50 16.30
N PHE D 40 -35.21 22.79 17.23
CA PHE D 40 -35.39 23.06 18.65
C PHE D 40 -34.96 24.48 19.01
N ILE D 41 -33.79 24.89 18.53
CA ILE D 41 -33.25 26.21 18.88
C ILE D 41 -34.02 27.32 18.16
N GLU D 42 -34.40 27.10 16.88
CA GLU D 42 -35.20 28.10 16.19
C GLU D 42 -36.53 28.33 16.90
N LYS D 43 -37.11 27.28 17.46
CA LYS D 43 -38.42 27.39 18.09
C LYS D 43 -38.35 27.95 19.51
N TYR D 44 -37.18 27.91 20.16
CA TYR D 44 -37.10 28.27 21.58
C TYR D 44 -35.97 29.21 21.95
N LYS D 45 -35.14 29.65 21.01
CA LYS D 45 -34.08 30.60 21.33
C LYS D 45 -34.63 31.90 21.90
N ASP D 46 -35.91 32.18 21.68
CA ASP D 46 -36.53 33.40 22.17
C ASP D 46 -36.78 33.38 23.67
N LEU D 47 -36.87 32.18 24.27
CA LEU D 47 -37.31 32.06 25.65
C LEU D 47 -36.40 32.83 26.60
N GLY D 48 -36.96 33.19 27.76
CA GLY D 48 -36.21 33.90 28.78
C GLY D 48 -35.42 32.97 29.68
N ASN D 49 -34.53 33.58 30.45
CA ASN D 49 -33.71 32.81 31.38
C ASN D 49 -34.57 32.14 32.44
N GLY D 50 -34.20 30.92 32.81
CA GLY D 50 -34.92 30.19 33.84
C GLY D 50 -36.34 29.83 33.50
N GLU D 51 -36.78 30.11 32.28
CA GLU D 51 -38.17 29.85 31.87
C GLU D 51 -38.30 28.40 31.41
N HIS D 52 -39.28 27.70 31.97
CA HIS D 52 -39.53 26.30 31.68
C HIS D 52 -40.88 26.15 30.98
N LEU D 53 -40.87 25.51 29.81
CA LEU D 53 -42.11 25.09 29.15
C LEU D 53 -42.39 23.62 29.47
N GLU D 54 -42.59 23.33 30.76
CA GLU D 54 -42.86 21.96 31.20
C GLU D 54 -44.19 21.43 30.69
N ASP D 55 -45.02 22.27 30.09
CA ASP D 55 -46.25 21.79 29.46
C ASP D 55 -45.96 21.09 28.14
N THR D 56 -44.84 21.41 27.48
CA THR D 56 -44.49 20.85 26.19
C THR D 56 -43.54 19.68 26.40
N ILE D 57 -44.01 18.48 26.08
CA ILE D 57 -43.15 17.31 26.09
C ILE D 57 -42.61 17.10 24.68
N LEU D 58 -41.35 16.69 24.60
CA LEU D 58 -40.64 16.55 23.33
C LEU D 58 -39.72 15.34 23.39
N ASN D 59 -39.43 14.79 22.21
CA ASN D 59 -38.48 13.71 22.05
C ASN D 59 -37.31 14.22 21.20
N ILE D 60 -36.11 14.15 21.76
CA ILE D 60 -34.93 14.79 21.17
C ILE D 60 -33.81 13.75 21.07
N THR D 61 -33.06 13.81 19.96
CA THR D 61 -31.92 12.91 19.78
C THR D 61 -30.68 13.75 19.49
N GLY D 62 -29.52 13.14 19.79
CA GLY D 62 -28.27 13.81 19.53
C GLY D 62 -27.11 12.99 20.03
N ARG D 63 -25.93 13.60 20.01
CA ARG D 63 -24.71 12.99 20.49
C ARG D 63 -24.21 13.76 21.71
N ILE D 64 -23.91 13.03 22.79
CA ILE D 64 -23.38 13.63 24.00
C ILE D 64 -21.91 13.97 23.76
N MET D 65 -21.57 15.25 23.85
CA MET D 65 -20.20 15.70 23.62
C MET D 65 -19.56 16.32 24.85
N ARG D 66 -20.25 16.37 25.99
CA ARG D 66 -19.66 16.86 27.22
C ARG D 66 -20.46 16.32 28.40
N VAL D 67 -19.75 15.88 29.43
CA VAL D 67 -20.37 15.33 30.64
C VAL D 67 -19.90 16.14 31.83
N SER D 68 -20.85 16.57 32.67
CA SER D 68 -20.52 17.32 33.88
C SER D 68 -21.65 17.17 34.88
N ALA D 69 -21.30 17.25 36.16
CA ALA D 69 -22.25 17.05 37.25
C ALA D 69 -22.10 18.16 38.28
N SER D 70 -23.19 18.43 39.00
CA SER D 70 -23.20 19.37 40.12
C SER D 70 -23.91 18.66 41.28
N GLY D 71 -23.14 17.92 42.08
CA GLY D 71 -23.72 17.01 43.03
C GLY D 71 -24.43 15.87 42.30
N GLN D 72 -25.07 15.00 43.08
CA GLN D 72 -25.79 13.88 42.47
C GLN D 72 -27.23 14.22 42.13
N LYS D 73 -27.67 15.47 42.29
CA LYS D 73 -29.03 15.84 41.89
C LYS D 73 -29.06 16.48 40.51
N LEU D 74 -27.99 17.18 40.13
CA LEU D 74 -27.91 17.88 38.85
C LEU D 74 -26.91 17.22 37.92
N ARG D 75 -27.32 17.03 36.67
CA ARG D 75 -26.47 16.50 35.60
C ARG D 75 -26.60 17.39 34.37
N PHE D 76 -25.46 17.70 33.75
CA PHE D 76 -25.43 18.55 32.57
C PHE D 76 -24.69 17.85 31.43
N PHE D 77 -25.23 17.98 30.22
CA PHE D 77 -24.60 17.41 29.04
C PHE D 77 -24.78 18.34 27.85
N ASP D 78 -23.81 18.27 26.93
CA ASP D 78 -23.91 18.95 25.64
C ASP D 78 -24.42 17.95 24.61
N LEU D 79 -25.53 18.28 23.99
CA LEU D 79 -26.15 17.43 22.97
C LEU D 79 -26.04 18.15 21.63
N VAL D 80 -25.34 17.54 20.69
CA VAL D 80 -25.10 18.15 19.38
C VAL D 80 -25.82 17.34 18.31
N GLY D 81 -26.24 18.05 17.27
CA GLY D 81 -26.94 17.44 16.15
C GLY D 81 -27.04 18.38 14.97
N ASP D 82 -26.67 17.88 13.78
CA ASP D 82 -26.64 18.68 12.55
C ASP D 82 -25.77 19.92 12.72
N GLY D 83 -24.60 19.74 13.32
CA GLY D 83 -23.67 20.84 13.53
C GLY D 83 -24.09 21.87 14.53
N GLU D 84 -25.12 21.59 15.33
CA GLU D 84 -25.63 22.54 16.31
C GLU D 84 -25.73 21.85 17.67
N LYS D 85 -25.74 22.65 18.73
CA LYS D 85 -25.65 22.12 20.10
C LYS D 85 -26.67 22.79 21.00
N ILE D 86 -27.29 21.99 21.87
CA ILE D 86 -28.02 22.48 23.02
C ILE D 86 -27.52 21.74 24.25
N GLN D 87 -27.98 22.19 25.41
CA GLN D 87 -27.59 21.61 26.69
C GLN D 87 -28.63 20.61 27.16
N VAL D 88 -28.16 19.54 27.80
CA VAL D 88 -29.01 18.63 28.54
C VAL D 88 -28.92 19.02 30.01
N LEU D 89 -30.06 19.20 30.66
CA LEU D 89 -30.12 19.55 32.08
C LEU D 89 -30.98 18.51 32.77
N ALA D 90 -30.34 17.48 33.31
CA ALA D 90 -31.03 16.39 34.00
C ALA D 90 -31.15 16.76 35.48
N ASN D 91 -32.37 17.07 35.90
CA ASN D 91 -32.66 17.41 37.29
C ASN D 91 -33.38 16.23 37.94
N TYR D 92 -32.90 15.84 39.13
CA TYR D 92 -33.56 14.79 39.90
C TYR D 92 -35.03 15.12 40.14
N SER D 93 -35.35 16.41 40.29
CA SER D 93 -36.72 16.80 40.57
C SER D 93 -37.67 16.47 39.42
N PHE D 94 -37.16 16.37 38.20
CA PHE D 94 -38.00 16.14 37.03
C PHE D 94 -37.86 14.73 36.46
N HIS D 95 -37.02 13.88 37.06
CA HIS D 95 -36.81 12.55 36.51
C HIS D 95 -38.03 11.67 36.73
N ASN D 96 -38.44 10.98 35.67
CA ASN D 96 -39.49 9.97 35.79
C ASN D 96 -38.90 8.77 36.49
N HIS D 97 -39.09 8.69 37.81
CA HIS D 97 -38.46 7.65 38.61
C HIS D 97 -39.02 6.26 38.33
N GLU D 98 -40.10 6.14 37.55
CA GLU D 98 -40.62 4.83 37.19
C GLU D 98 -39.73 4.12 36.18
N LYS D 99 -38.97 4.85 35.37
CA LYS D 99 -38.13 4.26 34.34
C LYS D 99 -36.78 3.78 34.85
N GLY D 100 -36.38 4.18 36.05
CA GLY D 100 -35.12 3.75 36.61
C GLY D 100 -34.61 4.73 37.63
N ASN D 101 -33.48 4.36 38.24
CA ASN D 101 -32.83 5.23 39.21
C ASN D 101 -32.13 6.37 38.49
N PHE D 102 -32.21 7.57 39.08
CA PHE D 102 -31.63 8.75 38.44
C PHE D 102 -30.12 8.61 38.29
N ALA D 103 -29.45 8.20 39.38
CA ALA D 103 -28.00 8.01 39.31
C ALA D 103 -27.63 6.86 38.40
N GLU D 104 -28.38 5.75 38.48
CA GLU D 104 -28.06 4.58 37.67
C GLU D 104 -28.13 4.91 36.18
N CYS D 105 -29.04 5.80 35.78
CA CYS D 105 -29.20 6.11 34.37
C CYS D 105 -28.05 6.98 33.87
N TYR D 106 -27.76 8.08 34.56
CA TYR D 106 -26.90 9.12 34.01
C TYR D 106 -25.42 8.90 34.29
N ASP D 107 -25.06 8.14 35.31
CA ASP D 107 -23.65 7.81 35.52
C ASP D 107 -23.12 6.94 34.38
N LYS D 108 -23.99 6.15 33.75
CA LYS D 108 -23.56 5.28 32.66
C LYS D 108 -23.25 6.05 31.38
N ILE D 109 -23.70 7.30 31.28
CA ILE D 109 -23.59 8.06 30.04
C ILE D 109 -22.16 8.56 29.88
N ARG D 110 -21.59 8.33 28.70
CA ARG D 110 -20.25 8.80 28.37
C ARG D 110 -20.32 9.76 27.18
N ARG D 111 -19.22 10.48 26.97
CA ARG D 111 -19.12 11.42 25.85
C ARG D 111 -19.08 10.66 24.54
N GLY D 112 -19.89 11.09 23.58
CA GLY D 112 -20.03 10.42 22.30
C GLY D 112 -21.27 9.58 22.15
N ASP D 113 -21.99 9.33 23.23
CA ASP D 113 -23.18 8.48 23.19
C ASP D 113 -24.31 9.16 22.41
N ILE D 114 -25.04 8.36 21.64
CA ILE D 114 -26.29 8.81 21.03
C ILE D 114 -27.42 8.47 21.99
N VAL D 115 -28.10 9.50 22.51
CA VAL D 115 -29.15 9.30 23.49
C VAL D 115 -30.48 9.76 22.91
N GLY D 116 -31.55 9.17 23.44
CA GLY D 116 -32.89 9.63 23.16
C GLY D 116 -33.51 10.24 24.40
N ILE D 117 -33.89 11.51 24.33
CA ILE D 117 -34.28 12.29 25.50
C ILE D 117 -35.76 12.62 25.40
N VAL D 118 -36.50 12.35 26.47
CA VAL D 118 -37.89 12.77 26.60
C VAL D 118 -37.94 13.81 27.71
N GLY D 119 -38.41 15.02 27.39
CA GLY D 119 -38.45 16.07 28.37
C GLY D 119 -38.97 17.36 27.76
N PHE D 120 -38.91 18.43 28.56
CA PHE D 120 -39.51 19.68 28.14
C PHE D 120 -38.44 20.73 27.82
N PRO D 121 -38.75 21.70 26.97
CA PRO D 121 -37.77 22.74 26.65
C PRO D 121 -37.77 23.85 27.67
N GLY D 122 -36.61 24.46 27.84
CA GLY D 122 -36.47 25.55 28.77
C GLY D 122 -35.06 26.11 28.71
N LYS D 123 -34.85 27.18 29.49
CA LYS D 123 -33.55 27.82 29.60
C LYS D 123 -33.09 27.74 31.04
N SER D 124 -31.79 27.48 31.22
CA SER D 124 -31.22 27.53 32.56
C SER D 124 -31.20 28.97 33.07
N LYS D 125 -31.03 29.11 34.39
CA LYS D 125 -30.94 30.44 34.98
C LYS D 125 -29.77 31.23 34.42
N LYS D 126 -28.74 30.55 33.92
CA LYS D 126 -27.63 31.23 33.24
C LYS D 126 -27.97 31.57 31.80
N GLY D 127 -29.11 31.13 31.29
CA GLY D 127 -29.57 31.51 29.97
C GLY D 127 -29.25 30.54 28.85
N GLU D 128 -28.92 29.29 29.16
CA GLU D 128 -28.56 28.31 28.15
C GLU D 128 -29.79 27.51 27.75
N LEU D 129 -30.08 27.49 26.44
CA LEU D 129 -31.20 26.72 25.93
C LEU D 129 -30.95 25.23 26.17
N SER D 130 -31.85 24.60 26.91
CA SER D 130 -31.63 23.24 27.37
C SER D 130 -32.88 22.40 27.19
N ILE D 131 -32.67 21.11 26.96
CA ILE D 131 -33.73 20.11 27.08
C ILE D 131 -33.70 19.54 28.49
N PHE D 132 -34.87 19.49 29.13
CA PHE D 132 -34.97 19.02 30.50
C PHE D 132 -35.55 17.61 30.53
N PRO D 133 -34.71 16.57 30.56
CA PRO D 133 -35.23 15.21 30.40
C PRO D 133 -36.01 14.74 31.63
N LYS D 134 -37.12 14.06 31.35
CA LYS D 134 -37.73 13.16 32.33
C LYS D 134 -37.21 11.74 32.19
N GLU D 135 -36.71 11.40 31.00
CA GLU D 135 -36.18 10.08 30.70
C GLU D 135 -35.13 10.23 29.61
N THR D 136 -34.04 9.45 29.74
CA THR D 136 -32.95 9.48 28.78
C THR D 136 -32.58 8.05 28.45
N ILE D 137 -32.64 7.69 27.17
CA ILE D 137 -32.42 6.33 26.71
C ILE D 137 -31.18 6.31 25.82
N LEU D 138 -30.29 5.36 26.09
CA LEU D 138 -29.13 5.15 25.23
C LEU D 138 -29.56 4.51 23.92
N LEU D 139 -29.31 5.19 22.81
CA LEU D 139 -29.66 4.69 21.48
C LEU D 139 -28.50 3.99 20.79
N SER D 140 -27.28 4.49 20.95
CA SER D 140 -26.11 3.85 20.34
C SER D 140 -24.87 4.33 21.09
N ALA D 141 -24.02 3.40 21.51
CA ALA D 141 -22.92 3.69 22.40
C ALA D 141 -21.65 4.05 21.63
N CYS D 142 -20.88 4.99 22.19
CA CYS D 142 -19.54 5.30 21.72
C CYS D 142 -18.56 4.55 22.62
N LEU D 143 -18.07 3.41 22.13
CA LEU D 143 -17.19 2.57 22.94
C LEU D 143 -15.81 3.16 23.10
N HIS D 144 -15.41 4.09 22.24
CA HIS D 144 -14.09 4.68 22.29
C HIS D 144 -14.11 6.01 23.05
N MET D 145 -12.92 6.50 23.36
CA MET D 145 -12.75 7.87 23.84
C MET D 145 -12.65 8.80 22.64
N LEU D 146 -13.44 9.86 22.67
CA LEU D 146 -13.21 10.75 21.54
C LEU D 146 -12.04 11.69 21.84
N PRO D 147 -11.31 12.13 20.81
CA PRO D 147 -10.28 13.16 21.04
C PRO D 147 -10.91 14.44 21.57
N MET D 148 -10.09 15.26 22.20
CA MET D 148 -10.54 16.56 22.66
C MET D 148 -10.68 17.50 21.46
N LYS D 149 -11.09 18.74 21.75
CA LYS D 149 -11.32 19.71 20.68
C LYS D 149 -10.06 19.93 19.84
N TYR D 150 -8.89 19.84 20.46
CA TYR D 150 -7.61 20.04 19.78
C TYR D 150 -7.45 19.15 18.56
N THR D 155 -3.12 16.59 11.52
CA THR D 155 -3.00 15.13 11.49
C THR D 155 -3.56 14.53 10.21
N GLU D 156 -3.44 13.21 10.07
CA GLU D 156 -4.03 12.49 8.96
C GLU D 156 -5.26 11.68 9.34
N ILE D 157 -5.63 11.63 10.63
CA ILE D 157 -6.79 10.86 11.03
C ILE D 157 -8.07 11.46 10.44
N ARG D 158 -8.07 12.77 10.20
CA ARG D 158 -9.24 13.40 9.58
C ARG D 158 -9.55 12.80 8.22
N TYR D 159 -8.53 12.33 7.51
CA TYR D 159 -8.75 11.69 6.21
C TYR D 159 -9.14 10.24 6.36
N ARG D 160 -8.63 9.55 7.38
CA ARG D 160 -8.95 8.15 7.57
C ARG D 160 -10.28 7.97 8.30
N GLN D 161 -10.52 8.77 9.33
CA GLN D 161 -11.80 8.78 10.03
C GLN D 161 -12.41 10.17 9.85
N ARG D 162 -13.08 10.37 8.73
CA ARG D 162 -13.76 11.64 8.47
C ARG D 162 -14.89 11.86 9.47
N TYR D 163 -15.47 10.77 10.00
CA TYR D 163 -16.57 10.90 10.94
C TYR D 163 -16.12 11.53 12.25
N LEU D 164 -14.89 11.23 12.70
CA LEU D 164 -14.36 11.94 13.86
C LEU D 164 -14.06 13.39 13.54
N ASP D 165 -13.49 13.65 12.36
CA ASP D 165 -13.20 15.01 11.94
C ASP D 165 -14.47 15.83 11.80
N LEU D 166 -15.57 15.19 11.36
CA LEU D 166 -16.83 15.90 11.19
C LEU D 166 -17.48 16.22 12.55
N LEU D 167 -17.20 15.42 13.58
CA LEU D 167 -17.85 15.60 14.87
C LEU D 167 -17.13 16.60 15.77
N ILE D 168 -15.82 16.79 15.59
CA ILE D 168 -15.04 17.61 16.49
C ILE D 168 -14.71 18.97 15.87
N ASN D 169 -14.40 19.02 14.58
CA ASN D 169 -13.95 20.24 13.92
C ASN D 169 -15.14 20.89 13.23
N GLU D 170 -15.58 22.04 13.75
CA GLU D 170 -16.67 22.80 13.15
C GLU D 170 -16.34 23.20 11.71
N SER D 171 -15.06 23.43 11.41
CA SER D 171 -14.68 23.89 10.08
C SER D 171 -14.91 22.83 9.02
N SER D 172 -14.86 21.55 9.38
CA SER D 172 -14.98 20.49 8.38
C SER D 172 -16.40 20.43 7.82
N ARG D 173 -17.40 20.44 8.70
CA ARG D 173 -18.79 20.36 8.24
C ARG D 173 -19.17 21.58 7.41
N HIS D 174 -18.61 22.75 7.72
CA HIS D 174 -18.86 23.93 6.90
C HIS D 174 -18.23 23.82 5.52
N THR D 175 -17.13 23.06 5.41
CA THR D 175 -16.41 22.97 4.15
C THR D 175 -17.16 22.11 3.14
N PHE D 176 -17.62 20.93 3.56
CA PHE D 176 -18.32 20.04 2.64
C PHE D 176 -19.73 20.52 2.36
N VAL D 177 -20.33 21.28 3.28
CA VAL D 177 -21.57 21.97 2.96
C VAL D 177 -21.35 22.95 1.82
N THR D 178 -20.27 23.74 1.90
CA THR D 178 -19.92 24.66 0.84
C THR D 178 -19.62 23.91 -0.47
N ARG D 179 -19.04 22.72 -0.37
CA ARG D 179 -18.65 21.98 -1.58
C ARG D 179 -19.88 21.61 -2.40
N THR D 180 -20.91 21.08 -1.75
CA THR D 180 -22.13 20.76 -2.49
C THR D 180 -22.87 22.02 -2.92
N LYS D 181 -22.73 23.11 -2.15
CA LYS D 181 -23.24 24.40 -2.61
C LYS D 181 -22.61 24.79 -3.94
N ILE D 182 -21.31 24.52 -4.10
CA ILE D 182 -20.64 24.82 -5.35
C ILE D 182 -21.23 23.98 -6.49
N ILE D 183 -21.41 22.69 -6.27
CA ILE D 183 -21.94 21.82 -7.30
C ILE D 183 -23.41 22.14 -7.58
N ASN D 184 -24.18 22.39 -6.53
CA ASN D 184 -25.59 22.77 -6.72
C ASN D 184 -25.70 24.01 -7.60
N PHE D 185 -24.90 25.03 -7.30
CA PHE D 185 -24.89 26.25 -8.10
C PHE D 185 -24.51 25.95 -9.55
N LEU D 186 -23.47 25.13 -9.74
CA LEU D 186 -23.01 24.81 -11.09
C LEU D 186 -24.07 24.06 -11.89
N ARG D 187 -24.81 23.16 -11.24
CA ARG D 187 -25.82 22.38 -11.95
C ARG D 187 -26.98 23.25 -12.39
N ASN D 188 -27.41 24.19 -11.55
CA ASN D 188 -28.52 25.07 -11.91
C ASN D 188 -28.06 26.16 -12.88
N PHE D 189 -26.84 26.66 -12.71
CA PHE D 189 -26.28 27.63 -13.64
C PHE D 189 -26.31 27.09 -15.07
N LEU D 190 -26.00 25.80 -15.25
CA LEU D 190 -26.05 25.20 -16.57
C LEU D 190 -27.48 24.83 -16.96
N ASN D 191 -28.27 24.32 -16.03
CA ASN D 191 -29.64 23.95 -16.33
C ASN D 191 -30.48 25.17 -16.71
N GLU D 192 -30.18 26.34 -16.14
CA GLU D 192 -30.86 27.56 -16.51
C GLU D 192 -30.46 28.08 -17.88
N ARG D 193 -29.54 27.40 -18.57
CA ARG D 193 -29.10 27.79 -19.89
C ARG D 193 -29.32 26.67 -20.91
N GLY D 194 -30.31 25.81 -20.64
CA GLY D 194 -30.68 24.77 -21.59
C GLY D 194 -29.71 23.62 -21.70
N PHE D 195 -28.88 23.39 -20.69
CA PHE D 195 -27.90 22.33 -20.74
C PHE D 195 -28.49 21.03 -20.19
N PHE D 196 -27.99 19.91 -20.70
CA PHE D 196 -28.55 18.59 -20.44
C PHE D 196 -27.50 17.73 -19.76
N GLU D 197 -27.87 17.16 -18.61
CA GLU D 197 -26.97 16.34 -17.82
C GLU D 197 -27.09 14.89 -18.23
N VAL D 198 -25.95 14.25 -18.52
CA VAL D 198 -25.89 12.88 -19.00
C VAL D 198 -24.86 12.11 -18.16
N GLU D 199 -24.76 10.81 -18.43
CA GLU D 199 -23.74 9.96 -17.81
C GLU D 199 -23.09 9.10 -18.88
N THR D 200 -21.79 9.27 -19.05
CA THR D 200 -20.97 8.56 -20.01
C THR D 200 -20.24 7.40 -19.32
N PRO D 201 -19.63 6.50 -20.08
CA PRO D 201 -18.99 5.34 -19.44
C PRO D 201 -17.78 5.73 -18.59
N MET D 202 -17.69 5.12 -17.41
CA MET D 202 -16.48 5.20 -16.61
C MET D 202 -15.41 4.25 -17.13
N MET D 203 -15.81 3.15 -17.74
CA MET D 203 -14.90 2.17 -18.30
C MET D 203 -15.04 2.15 -19.82
N ASN D 204 -13.91 2.10 -20.52
CA ASN D 204 -13.90 2.12 -21.97
C ASN D 204 -12.78 1.23 -22.49
N LEU D 205 -12.79 1.02 -23.81
CA LEU D 205 -11.71 0.29 -24.47
C LEU D 205 -10.45 1.13 -24.57
N ILE D 206 -10.60 2.45 -24.71
CA ILE D 206 -9.48 3.39 -24.72
C ILE D 206 -9.72 4.41 -23.61
N ALA D 207 -8.82 5.38 -23.48
CA ALA D 207 -8.97 6.43 -22.47
C ALA D 207 -8.46 7.74 -23.08
N GLY D 208 -9.38 8.57 -23.55
CA GLY D 208 -9.05 9.81 -24.21
C GLY D 208 -9.62 11.01 -23.48
N GLY D 209 -9.34 12.19 -24.06
CA GLY D 209 -9.81 13.44 -23.52
C GLY D 209 -8.84 14.18 -22.63
N ALA D 210 -7.71 13.57 -22.29
CA ALA D 210 -6.72 14.22 -21.45
C ALA D 210 -5.38 13.52 -21.63
N ASN D 211 -4.32 14.18 -21.16
CA ASN D 211 -2.96 13.66 -21.26
C ASN D 211 -2.53 13.13 -19.90
N ALA D 212 -2.92 11.89 -19.60
CA ALA D 212 -2.61 11.30 -18.30
C ALA D 212 -2.69 9.78 -18.39
N ARG D 213 -1.86 9.11 -17.60
CA ARG D 213 -1.84 7.65 -17.58
C ARG D 213 -3.05 7.12 -16.82
N PRO D 214 -3.79 6.15 -17.38
CA PRO D 214 -5.03 5.71 -16.74
C PRO D 214 -4.87 4.50 -15.81
N PHE D 215 -5.98 4.10 -15.18
CA PHE D 215 -6.08 2.84 -14.46
C PHE D 215 -6.58 1.74 -15.42
N ILE D 216 -6.28 0.52 -15.13
CA ILE D 216 -6.79 -0.55 -15.95
C ILE D 216 -7.57 -1.52 -15.10
N THR D 217 -8.68 -2.01 -15.56
CA THR D 217 -9.46 -3.06 -14.88
C THR D 217 -9.81 -4.12 -15.86
N HIS D 218 -10.22 -5.26 -15.35
CA HIS D 218 -10.61 -6.34 -16.19
C HIS D 218 -11.97 -6.86 -15.91
N HIS D 219 -12.86 -6.88 -16.86
CA HIS D 219 -14.16 -7.53 -16.74
C HIS D 219 -13.98 -9.03 -16.99
N ASN D 220 -14.58 -9.85 -16.14
CA ASN D 220 -14.29 -11.28 -16.17
C ASN D 220 -15.06 -11.98 -17.30
N ASP D 221 -16.37 -11.77 -17.39
CA ASP D 221 -17.17 -12.48 -18.37
C ASP D 221 -16.76 -12.11 -19.79
N LEU D 222 -16.49 -10.82 -20.04
CA LEU D 222 -16.02 -10.40 -21.34
C LEU D 222 -14.55 -10.76 -21.58
N ASP D 223 -13.84 -11.18 -20.54
CA ASP D 223 -12.39 -11.41 -20.59
C ASP D 223 -11.69 -10.26 -21.32
N LEU D 224 -12.06 -9.05 -20.92
CA LEU D 224 -11.68 -7.83 -21.64
C LEU D 224 -11.09 -6.83 -20.67
N ASP D 225 -9.99 -6.20 -21.08
CA ASP D 225 -9.36 -5.16 -20.29
C ASP D 225 -9.99 -3.82 -20.61
N LEU D 226 -10.47 -3.15 -19.57
CA LEU D 226 -11.06 -1.82 -19.68
C LEU D 226 -10.22 -0.83 -18.89
N TYR D 227 -10.25 0.42 -19.35
CA TYR D 227 -9.56 1.53 -18.71
C TYR D 227 -10.59 2.47 -18.12
N LEU D 228 -10.36 2.92 -16.90
CA LEU D 228 -11.22 3.94 -16.31
C LEU D 228 -10.96 5.29 -16.98
N ARG D 229 -12.02 6.08 -17.15
CA ARG D 229 -11.90 7.31 -17.91
C ARG D 229 -11.00 8.31 -17.19
N ILE D 230 -10.19 9.02 -17.97
CA ILE D 230 -9.45 10.17 -17.47
C ILE D 230 -10.16 11.48 -17.79
N ALA D 231 -11.20 11.43 -18.62
CA ALA D 231 -12.00 12.61 -18.96
C ALA D 231 -13.33 12.13 -19.53
N THR D 232 -14.30 13.03 -19.55
CA THR D 232 -15.58 12.79 -20.20
C THR D 232 -15.64 13.45 -21.58
N GLU D 233 -14.49 13.86 -22.12
CA GLU D 233 -14.45 14.74 -23.28
C GLU D 233 -14.99 14.07 -24.53
N LEU D 234 -14.44 12.91 -24.89
CA LEU D 234 -14.75 12.31 -26.18
C LEU D 234 -16.20 11.84 -26.29
N PRO D 235 -16.74 11.05 -25.35
CA PRO D 235 -18.14 10.61 -25.51
C PRO D 235 -19.12 11.76 -25.45
N LEU D 236 -18.84 12.80 -24.65
CA LEU D 236 -19.71 13.97 -24.62
C LEU D 236 -19.75 14.66 -25.97
N LYS D 237 -18.61 14.78 -26.64
CA LYS D 237 -18.60 15.35 -27.98
C LYS D 237 -19.32 14.45 -28.97
N MET D 238 -19.25 13.13 -28.77
CA MET D 238 -20.06 12.21 -29.57
C MET D 238 -21.55 12.41 -29.31
N LEU D 239 -21.92 12.98 -28.16
CA LEU D 239 -23.30 13.32 -27.92
C LEU D 239 -23.69 14.65 -28.57
N ILE D 240 -22.72 15.50 -28.87
CA ILE D 240 -23.02 16.73 -29.62
C ILE D 240 -23.40 16.38 -31.05
N VAL D 241 -22.63 15.50 -31.70
CA VAL D 241 -22.99 15.07 -33.04
C VAL D 241 -24.33 14.35 -33.03
N GLY D 242 -24.70 13.73 -31.91
CA GLY D 242 -26.01 13.12 -31.76
C GLY D 242 -27.16 14.09 -31.70
N GLY D 243 -26.89 15.39 -31.55
CA GLY D 243 -27.93 16.40 -31.55
C GLY D 243 -28.21 17.04 -30.20
N ILE D 244 -27.58 16.59 -29.12
CA ILE D 244 -27.74 17.23 -27.82
C ILE D 244 -26.77 18.41 -27.78
N ASP D 245 -27.25 19.58 -28.21
CA ASP D 245 -26.39 20.72 -28.49
C ASP D 245 -25.89 21.43 -27.24
N LYS D 246 -26.48 21.17 -26.08
CA LYS D 246 -26.02 21.75 -24.81
C LYS D 246 -25.98 20.61 -23.79
N VAL D 247 -24.81 19.99 -23.66
CA VAL D 247 -24.63 18.76 -22.90
C VAL D 247 -23.52 18.94 -21.89
N TYR D 248 -23.62 18.24 -20.76
CA TYR D 248 -22.58 18.31 -19.75
C TYR D 248 -22.68 17.09 -18.83
N GLU D 249 -21.66 16.94 -17.99
CA GLU D 249 -21.58 15.84 -17.04
C GLU D 249 -20.72 16.27 -15.86
N ILE D 250 -21.24 16.11 -14.65
CA ILE D 250 -20.49 16.33 -13.43
C ILE D 250 -20.26 14.96 -12.81
N GLY D 251 -19.00 14.51 -12.77
CA GLY D 251 -18.73 13.19 -12.26
C GLY D 251 -17.26 13.00 -11.95
N LYS D 252 -16.93 11.78 -11.54
CA LYS D 252 -15.57 11.43 -11.19
C LYS D 252 -14.81 10.91 -12.40
N VAL D 253 -13.55 11.33 -12.51
CA VAL D 253 -12.61 10.76 -13.48
C VAL D 253 -11.39 10.29 -12.72
N PHE D 254 -10.59 9.44 -13.37
CA PHE D 254 -9.50 8.72 -12.71
C PHE D 254 -8.22 8.93 -13.49
N ARG D 255 -7.19 9.45 -12.80
CA ARG D 255 -5.86 9.62 -13.37
C ARG D 255 -4.85 8.92 -12.48
N ASN D 256 -4.05 8.03 -13.09
CA ASN D 256 -3.12 7.18 -12.35
C ASN D 256 -1.74 7.84 -12.38
N GLU D 257 -1.55 8.80 -11.48
CA GLU D 257 -0.31 9.56 -11.42
C GLU D 257 -0.04 9.94 -9.97
N GLY D 258 0.82 10.92 -9.78
CA GLY D 258 1.29 11.25 -8.44
C GLY D 258 0.26 11.98 -7.61
N ILE D 259 0.42 11.85 -6.30
CA ILE D 259 -0.49 12.46 -5.34
C ILE D 259 0.26 13.55 -4.59
N ASP D 260 -0.38 14.71 -4.50
CA ASP D 260 0.09 15.82 -3.70
C ASP D 260 -1.16 16.61 -3.28
N ASN D 261 -0.95 17.82 -2.79
CA ASN D 261 -2.05 18.59 -2.21
C ASN D 261 -3.02 19.12 -3.25
N THR D 262 -2.74 18.98 -4.55
CA THR D 262 -3.71 19.30 -5.59
C THR D 262 -3.95 18.12 -6.53
N HIS D 263 -3.68 16.90 -6.07
CA HIS D 263 -3.87 15.71 -6.90
C HIS D 263 -4.40 14.56 -6.05
N ASN D 264 -5.65 14.17 -6.30
CA ASN D 264 -6.21 12.93 -5.81
C ASN D 264 -6.53 12.02 -7.00
N PRO D 265 -6.21 10.72 -6.91
CA PRO D 265 -6.39 9.84 -8.08
C PRO D 265 -7.78 9.88 -8.70
N GLU D 266 -8.83 9.93 -7.88
CA GLU D 266 -10.18 10.20 -8.37
C GLU D 266 -10.59 11.58 -7.90
N PHE D 267 -11.02 12.42 -8.82
CA PHE D 267 -11.42 13.78 -8.51
C PHE D 267 -12.64 14.14 -9.35
N THR D 268 -13.39 15.12 -8.88
CA THR D 268 -14.66 15.49 -9.49
C THR D 268 -14.45 16.60 -10.51
N SER D 269 -14.94 16.39 -11.72
CA SER D 269 -14.85 17.37 -12.79
C SER D 269 -16.24 17.64 -13.35
N CYS D 270 -16.35 18.75 -14.08
CA CYS D 270 -17.56 19.08 -14.83
C CYS D 270 -17.14 19.57 -16.20
N GLU D 271 -17.41 18.77 -17.22
CA GLU D 271 -17.20 19.15 -18.61
C GLU D 271 -18.55 19.44 -19.24
N PHE D 272 -18.68 20.62 -19.86
CA PHE D 272 -19.86 20.92 -20.66
C PHE D 272 -19.43 21.21 -22.09
N TYR D 273 -20.33 20.93 -23.03
CA TYR D 273 -20.07 21.16 -24.44
C TYR D 273 -21.23 21.94 -25.03
N TRP D 274 -20.89 22.98 -25.80
CA TRP D 274 -21.81 24.05 -26.17
C TRP D 274 -21.67 24.25 -27.67
N ALA D 275 -22.56 23.63 -28.45
CA ALA D 275 -22.47 23.71 -29.90
C ALA D 275 -22.66 25.14 -30.38
N TYR D 276 -21.97 25.46 -31.47
CA TYR D 276 -21.98 26.76 -32.14
C TYR D 276 -21.32 27.86 -31.31
N ALA D 277 -20.77 27.54 -30.14
CA ALA D 277 -19.95 28.47 -29.39
C ALA D 277 -18.49 28.33 -29.81
N ASP D 278 -17.64 29.19 -29.24
CA ASP D 278 -16.23 29.16 -29.58
C ASP D 278 -15.42 29.73 -28.41
N TYR D 279 -14.15 30.03 -28.68
CA TYR D 279 -13.20 30.43 -27.63
C TYR D 279 -13.70 31.63 -26.84
N ASN D 280 -14.31 32.61 -27.51
CA ASN D 280 -14.72 33.84 -26.83
C ASN D 280 -15.91 33.61 -25.91
N ASP D 281 -16.83 32.73 -26.30
CA ASP D 281 -17.98 32.44 -25.45
C ASP D 281 -17.58 31.73 -24.17
N LEU D 282 -16.55 30.88 -24.25
CA LEU D 282 -16.05 30.21 -23.05
C LEU D 282 -15.32 31.17 -22.13
N ILE D 283 -14.67 32.19 -22.70
CA ILE D 283 -14.06 33.23 -21.87
C ILE D 283 -15.12 34.01 -21.12
N LYS D 284 -16.16 34.45 -21.84
CA LYS D 284 -17.27 35.14 -21.20
C LYS D 284 -18.02 34.23 -20.22
N TRP D 285 -18.13 32.93 -20.55
CA TRP D 285 -18.79 32.00 -19.65
C TRP D 285 -18.03 31.88 -18.33
N SER D 286 -16.71 31.70 -18.41
CA SER D 286 -15.91 31.53 -17.20
C SER D 286 -15.94 32.78 -16.34
N GLU D 287 -15.88 33.95 -16.97
CA GLU D 287 -15.90 35.20 -16.21
C GLU D 287 -17.27 35.43 -15.57
N ASP D 288 -18.34 35.03 -16.25
CA ASP D 288 -19.67 35.09 -15.65
C ASP D 288 -19.79 34.14 -14.48
N PHE D 289 -19.42 32.88 -14.69
CA PHE D 289 -19.65 31.82 -13.70
C PHE D 289 -18.92 32.12 -12.39
N PHE D 290 -17.59 32.28 -12.46
CA PHE D 290 -16.81 32.43 -11.24
C PHE D 290 -17.17 33.69 -10.49
N SER D 291 -17.49 34.78 -11.21
CA SER D 291 -17.97 35.98 -10.56
C SER D 291 -19.32 35.73 -9.91
N GLN D 292 -20.24 35.12 -10.63
CA GLN D 292 -21.57 34.85 -10.08
C GLN D 292 -21.54 33.80 -8.98
N LEU D 293 -20.58 32.88 -9.02
CA LEU D 293 -20.49 31.85 -7.99
C LEU D 293 -19.89 32.40 -6.70
N VAL D 294 -18.75 33.10 -6.81
CA VAL D 294 -18.11 33.66 -5.61
C VAL D 294 -19.05 34.65 -4.93
N TYR D 295 -19.82 35.41 -5.71
CA TYR D 295 -20.77 36.35 -5.13
C TYR D 295 -21.95 35.64 -4.49
N HIS D 296 -22.36 34.49 -5.06
CA HIS D 296 -23.45 33.72 -4.46
C HIS D 296 -23.08 33.19 -3.09
N LEU D 297 -21.80 32.92 -2.86
CA LEU D 297 -21.35 32.36 -1.59
C LEU D 297 -20.96 33.41 -0.56
N PHE D 298 -20.63 34.63 -0.98
CA PHE D 298 -19.96 35.57 -0.10
C PHE D 298 -20.52 36.99 -0.09
N GLY D 299 -21.46 37.32 -0.97
CA GLY D 299 -21.93 38.70 -1.03
C GLY D 299 -20.86 39.69 -1.41
N THR D 300 -19.87 39.26 -2.18
CA THR D 300 -18.75 40.09 -2.61
C THR D 300 -18.07 39.36 -3.75
N TYR D 301 -17.16 40.08 -4.42
CA TYR D 301 -16.30 39.49 -5.44
C TYR D 301 -14.88 39.28 -4.96
N LYS D 302 -14.60 39.54 -3.68
CA LYS D 302 -13.25 39.46 -3.14
C LYS D 302 -13.25 38.54 -1.92
N ILE D 303 -12.31 37.60 -1.91
CA ILE D 303 -12.20 36.61 -0.85
C ILE D 303 -10.78 36.67 -0.28
N SER D 304 -10.60 35.98 0.84
CA SER D 304 -9.32 35.92 1.54
C SER D 304 -8.85 34.47 1.56
N TYR D 305 -7.73 34.21 0.88
CA TYR D 305 -7.18 32.87 0.76
C TYR D 305 -5.75 32.85 1.27
N ASN D 306 -5.45 31.94 2.18
CA ASN D 306 -4.09 31.72 2.63
C ASN D 306 -3.38 30.91 1.53
N LYS D 307 -2.79 31.63 0.58
CA LYS D 307 -2.00 30.96 -0.46
C LYS D 307 -0.82 30.22 0.15
N ASP D 308 -0.12 30.87 1.07
CA ASP D 308 0.82 30.19 1.94
C ASP D 308 0.02 29.58 3.10
N GLY D 309 0.70 29.02 4.09
CA GLY D 309 0.00 28.34 5.16
C GLY D 309 -0.95 29.25 5.93
N PRO D 310 -1.84 28.65 6.71
CA PRO D 310 -2.60 29.44 7.70
C PRO D 310 -1.71 30.11 8.73
N GLU D 311 -0.42 29.75 8.76
CA GLU D 311 0.58 30.37 9.60
C GLU D 311 1.24 31.56 8.92
N ASN D 312 0.71 32.05 7.80
CA ASN D 312 1.21 33.23 7.12
C ASN D 312 0.04 34.15 6.79
N GLN D 313 0.37 35.35 6.33
CA GLN D 313 -0.66 36.30 5.97
C GLN D 313 -1.47 35.77 4.79
N PRO D 314 -2.77 36.02 4.75
CA PRO D 314 -3.59 35.57 3.62
C PRO D 314 -3.42 36.52 2.43
N ILE D 315 -4.05 36.16 1.33
CA ILE D 315 -4.04 36.96 0.11
C ILE D 315 -5.48 37.30 -0.26
N GLU D 316 -5.65 38.40 -0.99
CA GLU D 316 -6.95 38.80 -1.49
C GLU D 316 -7.05 38.44 -2.97
N ILE D 317 -8.12 37.74 -3.34
CA ILE D 317 -8.33 37.29 -4.70
C ILE D 317 -9.62 37.93 -5.20
N ASP D 318 -9.49 38.81 -6.18
CA ASP D 318 -10.64 39.52 -6.75
C ASP D 318 -11.15 38.74 -7.96
N PHE D 319 -12.38 38.24 -7.85
CA PHE D 319 -13.04 37.57 -8.97
C PHE D 319 -13.87 38.53 -9.81
N THR D 320 -13.60 39.81 -9.74
CA THR D 320 -14.31 40.80 -10.55
C THR D 320 -13.92 40.61 -12.03
N PRO D 321 -14.86 40.33 -12.92
CA PRO D 321 -14.53 40.24 -14.34
C PRO D 321 -14.30 41.62 -14.93
N PRO D 322 -13.47 41.73 -15.99
CA PRO D 322 -12.81 40.62 -16.68
C PRO D 322 -11.49 40.23 -16.04
N TYR D 323 -11.04 39.01 -16.33
CA TYR D 323 -9.77 38.46 -15.90
C TYR D 323 -8.73 38.58 -17.02
N PRO D 324 -7.44 38.66 -16.71
CA PRO D 324 -6.45 38.85 -17.77
C PRO D 324 -6.14 37.56 -18.51
N LYS D 325 -5.75 37.72 -19.78
CA LYS D 325 -5.42 36.62 -20.65
C LYS D 325 -3.96 36.75 -21.08
N VAL D 326 -3.22 35.66 -21.00
CA VAL D 326 -1.79 35.65 -21.31
C VAL D 326 -1.52 34.62 -22.40
N SER D 327 -0.89 35.04 -23.48
CA SER D 327 -0.46 34.13 -24.53
C SER D 327 0.74 33.34 -24.06
N ILE D 328 0.66 32.01 -24.17
CA ILE D 328 1.59 31.14 -23.45
C ILE D 328 2.99 31.22 -24.04
N VAL D 329 3.11 31.16 -25.37
CA VAL D 329 4.44 31.21 -25.98
C VAL D 329 5.00 32.63 -25.86
N GLU D 330 4.14 33.64 -25.95
CA GLU D 330 4.61 35.03 -25.84
C GLU D 330 5.26 35.28 -24.49
N GLU D 331 4.55 34.96 -23.40
CA GLU D 331 5.08 35.23 -22.08
C GLU D 331 6.30 34.36 -21.78
N ILE D 332 6.30 33.11 -22.25
CA ILE D 332 7.49 32.27 -22.09
C ILE D 332 8.68 32.91 -22.76
N GLU D 333 8.50 33.39 -24.00
CA GLU D 333 9.59 34.03 -24.72
C GLU D 333 10.02 35.32 -24.03
N LYS D 334 9.07 36.07 -23.47
CA LYS D 334 9.40 37.36 -22.87
C LYS D 334 10.18 37.17 -21.57
N VAL D 335 9.77 36.23 -20.71
CA VAL D 335 10.39 36.08 -19.40
C VAL D 335 11.66 35.25 -19.47
N THR D 336 11.72 34.26 -20.37
CA THR D 336 12.96 33.51 -20.59
C THR D 336 13.89 34.23 -21.55
N ASN D 337 13.44 35.34 -22.14
CA ASN D 337 14.21 36.21 -23.02
C ASN D 337 14.44 35.58 -24.38
N THR D 338 14.11 34.31 -24.56
CA THR D 338 14.43 33.59 -25.78
C THR D 338 13.32 33.74 -26.81
N ILE D 339 13.45 33.02 -27.92
CA ILE D 339 12.44 32.95 -28.97
C ILE D 339 12.29 31.48 -29.35
N LEU D 340 11.08 30.95 -29.21
CA LEU D 340 10.77 29.57 -29.57
C LEU D 340 10.10 29.60 -30.95
N GLU D 341 10.88 29.29 -31.98
CA GLU D 341 10.37 29.34 -33.34
C GLU D 341 9.65 28.05 -33.70
N GLN D 342 8.67 28.17 -34.58
CA GLN D 342 7.92 27.02 -35.04
C GLN D 342 8.67 26.31 -36.16
N PRO D 343 8.54 24.97 -36.24
CA PRO D 343 7.71 24.14 -35.37
C PRO D 343 8.32 23.91 -33.98
N PHE D 344 7.47 23.90 -32.95
CA PHE D 344 7.94 23.69 -31.58
C PHE D 344 8.48 22.28 -31.37
N ASP D 345 8.13 21.34 -32.24
CA ASP D 345 8.52 19.95 -32.12
C ASP D 345 9.90 19.68 -32.70
N SER D 346 10.54 20.69 -33.28
CA SER D 346 11.80 20.52 -33.99
C SER D 346 12.94 20.29 -33.02
N ASN D 347 13.95 19.54 -33.48
CA ASN D 347 15.13 19.29 -32.67
C ASN D 347 15.76 20.59 -32.18
N GLU D 348 15.62 21.67 -32.96
CA GLU D 348 16.22 22.94 -32.57
C GLU D 348 15.49 23.56 -31.39
N THR D 349 14.17 23.70 -31.49
CA THR D 349 13.41 24.26 -30.38
C THR D 349 13.42 23.32 -29.17
N ILE D 350 13.39 22.01 -29.41
CA ILE D 350 13.47 21.06 -28.31
C ILE D 350 14.77 21.25 -27.54
N GLU D 351 15.89 21.35 -28.25
CA GLU D 351 17.18 21.54 -27.58
C GLU D 351 17.26 22.90 -26.89
N LYS D 352 16.60 23.93 -27.43
CA LYS D 352 16.63 25.24 -26.80
C LYS D 352 15.81 25.25 -25.52
N MET D 353 14.60 24.70 -25.57
CA MET D 353 13.80 24.56 -24.36
C MET D 353 14.52 23.72 -23.32
N ILE D 354 15.20 22.66 -23.76
CA ILE D 354 15.99 21.84 -22.84
C ILE D 354 17.11 22.66 -22.21
N ASN D 355 17.70 23.56 -22.99
CA ASN D 355 18.80 24.37 -22.46
C ASN D 355 18.30 25.42 -21.47
N ILE D 356 17.08 25.92 -21.65
CA ILE D 356 16.50 26.83 -20.67
C ILE D 356 16.23 26.12 -19.35
N ILE D 357 15.59 24.95 -19.44
CA ILE D 357 15.29 24.17 -18.23
C ILE D 357 16.57 23.87 -17.47
N LYS D 358 17.65 23.56 -18.18
CA LYS D 358 18.93 23.30 -17.51
C LYS D 358 19.54 24.59 -16.98
N GLU D 359 19.39 25.69 -17.71
CA GLU D 359 20.02 26.95 -17.31
C GLU D 359 19.43 27.48 -16.02
N HIS D 360 18.10 27.44 -15.88
CA HIS D 360 17.43 27.92 -14.68
C HIS D 360 17.41 26.89 -13.56
N LYS D 361 18.19 25.82 -13.69
CA LYS D 361 18.28 24.77 -12.67
C LYS D 361 16.91 24.17 -12.36
N ILE D 362 16.12 23.94 -13.41
CA ILE D 362 14.79 23.34 -13.28
C ILE D 362 14.88 21.88 -13.69
N GLU D 363 13.99 21.07 -13.14
CA GLU D 363 13.98 19.64 -13.44
C GLU D 363 13.48 19.41 -14.87
N LEU D 364 14.17 18.53 -15.60
CA LEU D 364 13.80 18.24 -16.97
C LEU D 364 12.67 17.21 -16.99
N PRO D 365 11.64 17.41 -17.83
CA PRO D 365 10.54 16.44 -17.90
C PRO D 365 11.06 15.04 -18.25
N ASN D 366 10.49 14.03 -17.60
CA ASN D 366 11.04 12.68 -17.68
C ASN D 366 11.13 12.17 -19.13
N PRO D 367 10.07 12.23 -19.94
CA PRO D 367 10.28 12.32 -21.38
C PRO D 367 10.41 13.77 -21.79
N PRO D 368 11.56 14.19 -22.32
CA PRO D 368 11.74 15.59 -22.72
C PRO D 368 11.04 15.92 -24.04
N THR D 369 9.75 15.61 -24.09
CA THR D 369 8.96 15.97 -25.25
C THR D 369 8.81 17.48 -25.36
N ALA D 370 8.45 17.94 -26.56
CA ALA D 370 8.28 19.38 -26.76
C ALA D 370 7.09 19.92 -25.97
N ALA D 371 6.09 19.08 -25.72
CA ALA D 371 4.86 19.53 -25.05
C ALA D 371 5.03 19.62 -23.54
N LYS D 372 5.82 18.73 -22.94
CA LYS D 372 6.07 18.85 -21.50
C LYS D 372 7.16 19.87 -21.22
N LEU D 373 8.13 20.04 -22.13
CA LEU D 373 9.07 21.14 -21.99
C LEU D 373 8.32 22.48 -21.99
N LEU D 374 7.40 22.66 -22.94
CA LEU D 374 6.48 23.78 -22.88
C LEU D 374 5.66 23.75 -21.59
N ASP D 375 5.19 22.57 -21.20
CA ASP D 375 4.42 22.44 -19.97
C ASP D 375 5.26 22.79 -18.75
N GLN D 376 6.53 22.36 -18.74
CA GLN D 376 7.41 22.75 -17.65
C GLN D 376 7.78 24.21 -17.71
N LEU D 377 7.95 24.76 -18.92
CA LEU D 377 8.31 26.17 -19.06
C LEU D 377 7.19 27.08 -18.57
N ALA D 378 5.96 26.81 -19.00
CA ALA D 378 4.83 27.61 -18.53
C ALA D 378 4.63 27.46 -17.03
N SER D 379 4.89 26.26 -16.51
CA SER D 379 4.68 26.01 -15.08
C SER D 379 5.60 26.86 -14.22
N HIS D 380 6.82 27.12 -14.68
CA HIS D 380 7.83 27.82 -13.89
C HIS D 380 8.00 29.28 -14.28
N PHE D 381 7.31 29.76 -15.30
CA PHE D 381 7.53 31.12 -15.78
C PHE D 381 6.27 31.94 -15.99
N ILE D 382 5.08 31.34 -16.07
CA ILE D 382 3.85 32.07 -16.26
C ILE D 382 2.84 31.81 -15.15
N GLU D 383 2.68 30.55 -14.75
CA GLU D 383 1.46 30.13 -14.05
C GLU D 383 1.26 30.79 -12.70
N ASN D 384 2.20 31.59 -12.21
CA ASN D 384 1.99 32.41 -11.03
C ASN D 384 2.17 33.90 -11.33
N LYS D 385 1.83 34.31 -12.56
CA LYS D 385 1.94 35.71 -12.92
C LYS D 385 1.00 36.57 -12.10
N TYR D 386 -0.23 36.11 -11.91
CA TYR D 386 -1.23 36.80 -11.09
C TYR D 386 -1.64 35.89 -9.95
N ASN D 387 -1.73 36.45 -8.74
CA ASN D 387 -2.30 35.76 -7.60
C ASN D 387 -3.46 36.49 -6.96
N ASP D 388 -3.57 37.81 -7.17
CA ASP D 388 -4.68 38.59 -6.64
C ASP D 388 -5.95 38.45 -7.45
N LYS D 389 -5.95 37.61 -8.48
CA LYS D 389 -7.08 37.46 -9.38
C LYS D 389 -6.88 36.19 -10.19
N PRO D 390 -7.96 35.55 -10.64
CA PRO D 390 -7.80 34.46 -11.61
C PRO D 390 -7.43 35.02 -12.97
N PHE D 391 -6.66 34.26 -13.73
CA PHE D 391 -6.19 34.75 -15.02
C PHE D 391 -6.05 33.58 -15.98
N PHE D 392 -6.06 33.91 -17.27
CA PHE D 392 -6.15 32.93 -18.33
C PHE D 392 -4.81 32.75 -19.03
N ILE D 393 -4.43 31.49 -19.25
CA ILE D 393 -3.42 31.12 -20.24
C ILE D 393 -4.17 30.77 -21.52
N VAL D 394 -3.82 31.43 -22.63
CA VAL D 394 -4.60 31.35 -23.85
C VAL D 394 -3.72 30.95 -25.03
N GLU D 395 -4.39 30.60 -26.14
CA GLU D 395 -3.81 30.22 -27.43
C GLU D 395 -2.59 29.31 -27.28
N HIS D 396 -2.84 28.11 -26.75
CA HIS D 396 -1.81 27.10 -26.63
C HIS D 396 -1.35 26.63 -28.01
N PRO D 397 -0.14 26.09 -28.11
CA PRO D 397 0.29 25.43 -29.35
C PRO D 397 -0.57 24.20 -29.64
N GLN D 398 -0.49 23.74 -30.89
CA GLN D 398 -1.25 22.56 -31.30
C GLN D 398 -0.64 21.28 -30.73
N ILE D 399 0.68 21.26 -30.52
CA ILE D 399 1.32 20.05 -30.01
C ILE D 399 0.95 19.79 -28.56
N MET D 400 0.54 20.82 -27.83
CA MET D 400 -0.01 20.63 -26.49
C MET D 400 -1.49 20.27 -26.52
N SER D 401 -2.15 20.50 -27.65
CA SER D 401 -3.62 20.44 -27.73
C SER D 401 -4.04 19.58 -28.90
N PRO D 402 -3.94 18.26 -28.78
CA PRO D 402 -4.35 17.38 -29.89
C PRO D 402 -5.84 17.41 -30.18
N LEU D 403 -6.67 17.89 -29.24
CA LEU D 403 -8.12 17.91 -29.43
C LEU D 403 -8.67 19.32 -29.61
N ALA D 404 -7.82 20.35 -29.61
CA ALA D 404 -8.28 21.73 -29.73
C ALA D 404 -8.17 22.19 -31.17
N LYS D 405 -9.20 22.92 -31.62
CA LYS D 405 -9.21 23.42 -32.98
C LYS D 405 -8.13 24.48 -33.17
N TYR D 406 -7.50 24.45 -34.34
CA TYR D 406 -6.43 25.38 -34.68
C TYR D 406 -6.89 26.83 -34.55
N HIS D 407 -5.95 27.71 -34.27
CA HIS D 407 -6.26 29.13 -34.08
C HIS D 407 -6.77 29.74 -35.39
N ARG D 408 -7.69 30.69 -35.26
CA ARG D 408 -8.30 31.33 -36.42
C ARG D 408 -7.25 31.99 -37.30
N THR D 409 -6.33 32.75 -36.72
CA THR D 409 -5.37 33.52 -37.48
C THR D 409 -3.93 33.37 -37.01
N LYS D 410 -3.68 32.63 -35.94
CA LYS D 410 -2.31 32.45 -35.43
C LYS D 410 -1.84 31.03 -35.70
N PRO D 411 -1.02 30.81 -36.74
CA PRO D 411 -0.59 29.44 -37.05
C PRO D 411 0.24 28.84 -35.92
N GLY D 412 0.15 27.52 -35.79
CA GLY D 412 0.87 26.80 -34.76
C GLY D 412 0.12 26.71 -33.44
N LEU D 413 -0.77 27.65 -33.21
CA LEU D 413 -1.50 27.75 -31.95
C LEU D 413 -2.91 27.18 -32.11
N THR D 414 -3.63 27.12 -31.00
CA THR D 414 -5.03 26.70 -30.95
C THR D 414 -5.86 27.79 -30.28
N GLU D 415 -7.18 27.60 -30.31
CA GLU D 415 -8.11 28.51 -29.66
C GLU D 415 -8.47 27.97 -28.27
N ARG D 416 -7.46 27.93 -27.42
CA ARG D 416 -7.55 27.28 -26.12
C ARG D 416 -7.41 28.31 -24.98
N LEU D 417 -7.96 27.94 -23.83
CA LEU D 417 -7.84 28.76 -22.63
C LEU D 417 -7.75 27.86 -21.41
N GLU D 418 -6.98 28.31 -20.42
CA GLU D 418 -6.83 27.62 -19.15
C GLU D 418 -6.81 28.67 -18.06
N MET D 419 -7.73 28.59 -17.10
CA MET D 419 -7.82 29.56 -16.03
C MET D 419 -7.14 29.00 -14.78
N PHE D 420 -6.45 29.89 -14.05
CA PHE D 420 -5.65 29.51 -12.90
C PHE D 420 -6.04 30.37 -11.70
N ILE D 421 -6.06 29.74 -10.52
CA ILE D 421 -6.20 30.45 -9.25
C ILE D 421 -4.99 30.09 -8.40
N CYS D 422 -4.21 31.09 -8.02
CA CYS D 422 -3.04 30.91 -7.17
C CYS D 422 -2.10 29.84 -7.75
N GLY D 423 -1.83 29.97 -9.04
CA GLY D 423 -0.94 29.04 -9.70
C GLY D 423 -1.48 27.65 -9.88
N LYS D 424 -2.79 27.47 -9.77
CA LYS D 424 -3.42 26.16 -9.83
C LYS D 424 -4.49 26.15 -10.92
N GLU D 425 -4.35 25.22 -11.86
CA GLU D 425 -5.29 25.10 -12.97
C GLU D 425 -6.62 24.53 -12.47
N VAL D 426 -7.72 25.19 -12.85
CA VAL D 426 -9.04 24.79 -12.39
C VAL D 426 -9.99 24.67 -13.58
N LEU D 427 -9.56 25.15 -14.74
CA LEU D 427 -10.43 25.23 -15.91
C LEU D 427 -9.63 24.95 -17.17
N ASN D 428 -10.16 24.07 -18.02
CA ASN D 428 -9.57 23.80 -19.34
C ASN D 428 -10.69 23.84 -20.37
N ALA D 429 -10.55 24.73 -21.34
CA ALA D 429 -11.56 24.92 -22.38
C ALA D 429 -10.89 25.30 -23.68
N TYR D 430 -11.55 24.99 -24.79
CA TYR D 430 -11.09 25.40 -26.11
C TYR D 430 -12.22 25.20 -27.11
N THR D 431 -12.06 25.85 -28.26
CA THR D 431 -12.92 25.54 -29.40
C THR D 431 -12.61 24.13 -29.88
N GLU D 432 -13.65 23.30 -29.97
CA GLU D 432 -13.45 21.89 -30.27
C GLU D 432 -13.03 21.71 -31.72
N LEU D 433 -12.04 20.86 -31.93
CA LEU D 433 -11.69 20.44 -33.28
C LEU D 433 -12.79 19.55 -33.82
N ASN D 434 -13.36 19.91 -34.97
CA ASN D 434 -14.41 19.12 -35.60
C ASN D 434 -14.00 18.58 -36.98
N ASP D 435 -12.79 18.85 -37.43
CA ASP D 435 -12.29 18.29 -38.68
C ASP D 435 -11.75 16.89 -38.41
N PRO D 436 -12.36 15.83 -38.97
CA PRO D 436 -11.84 14.49 -38.71
C PRO D 436 -10.44 14.27 -39.27
N PHE D 437 -10.14 14.83 -40.44
CA PHE D 437 -8.86 14.58 -41.07
C PHE D 437 -7.72 15.22 -40.31
N LYS D 438 -7.95 16.38 -39.68
CA LYS D 438 -6.95 16.94 -38.78
C LYS D 438 -6.97 16.22 -37.43
N GLN D 439 -8.11 15.67 -37.02
CA GLN D 439 -8.16 14.97 -35.74
C GLN D 439 -7.31 13.71 -35.77
N LYS D 440 -7.55 12.83 -36.75
CA LYS D 440 -6.73 11.63 -36.88
C LYS D 440 -5.28 11.98 -37.12
N GLU D 441 -5.01 13.07 -37.85
CA GLU D 441 -3.64 13.53 -38.03
C GLU D 441 -3.04 13.98 -36.70
N CYS D 442 -3.87 14.53 -35.80
CA CYS D 442 -3.37 14.91 -34.48
C CYS D 442 -3.12 13.68 -33.60
N PHE D 443 -3.93 12.63 -33.78
CA PHE D 443 -3.73 11.41 -33.01
C PHE D 443 -2.50 10.63 -33.45
N LYS D 444 -2.06 10.82 -34.70
CA LYS D 444 -0.80 10.21 -35.12
C LYS D 444 0.39 10.91 -34.47
N LEU D 445 0.31 12.25 -34.33
CA LEU D 445 1.41 12.98 -33.71
C LEU D 445 1.53 12.69 -32.22
N GLN D 446 0.40 12.43 -31.55
CA GLN D 446 0.45 12.06 -30.15
C GLN D 446 1.02 10.65 -29.98
N GLN D 447 0.66 9.73 -30.88
CA GLN D 447 1.22 8.39 -30.84
C GLN D 447 2.67 8.34 -31.28
N LYS D 448 3.11 9.31 -32.08
CA LYS D 448 4.54 9.45 -32.34
C LYS D 448 5.28 9.90 -31.09
N ASP D 449 4.59 10.57 -30.18
CA ASP D 449 5.15 10.89 -28.87
C ASP D 449 5.02 9.72 -27.91
N ARG D 450 3.91 8.98 -28.01
CA ARG D 450 3.73 7.80 -27.17
C ARG D 450 4.74 6.71 -27.52
N GLU D 451 5.15 6.64 -28.79
CA GLU D 451 6.19 5.71 -29.18
C GLU D 451 7.57 6.14 -28.69
N LYS D 452 7.71 7.38 -28.27
CA LYS D 452 8.97 7.88 -27.73
C LYS D 452 9.13 7.63 -26.25
N GLY D 453 8.07 7.25 -25.54
CA GLY D 453 8.15 6.96 -24.13
C GLY D 453 7.28 7.85 -23.26
N ASP D 454 6.17 8.33 -23.82
CA ASP D 454 5.25 9.24 -23.13
C ASP D 454 3.91 8.51 -22.96
N THR D 455 3.67 7.99 -21.75
CA THR D 455 2.45 7.24 -21.46
C THR D 455 1.26 8.16 -21.17
N GLU D 456 1.40 9.46 -21.36
CA GLU D 456 0.29 10.40 -21.22
C GLU D 456 -0.05 11.02 -22.57
N ALA D 457 0.06 10.24 -23.63
CA ALA D 457 -0.28 10.65 -24.99
C ALA D 457 -1.48 9.85 -25.44
N ALA D 458 -2.58 10.54 -25.74
CA ALA D 458 -3.84 9.88 -26.05
C ALA D 458 -3.71 9.00 -27.28
N GLN D 459 -4.05 7.72 -27.13
CA GLN D 459 -4.14 6.82 -28.27
C GLN D 459 -5.40 7.10 -29.08
N LEU D 460 -5.39 6.67 -30.33
CA LEU D 460 -6.47 7.01 -31.25
C LEU D 460 -7.73 6.21 -30.93
N ASP D 461 -8.79 6.92 -30.54
CA ASP D 461 -10.09 6.31 -30.30
C ASP D 461 -10.85 6.26 -31.62
N SER D 462 -10.92 5.07 -32.23
CA SER D 462 -11.47 4.93 -33.57
C SER D 462 -12.96 5.27 -33.59
N ALA D 463 -13.70 4.87 -32.56
CA ALA D 463 -15.13 5.17 -32.51
C ALA D 463 -15.37 6.68 -32.48
N PHE D 464 -14.48 7.42 -31.81
CA PHE D 464 -14.65 8.86 -31.71
C PHE D 464 -14.33 9.55 -33.03
N CYS D 465 -13.33 9.07 -33.76
CA CYS D 465 -12.99 9.66 -35.05
C CYS D 465 -14.10 9.44 -36.06
N THR D 466 -14.74 8.26 -36.01
CA THR D 466 -15.87 8.00 -36.90
C THR D 466 -17.03 8.93 -36.61
N SER D 467 -17.23 9.31 -35.35
CA SER D 467 -18.31 10.23 -35.01
C SER D 467 -18.09 11.61 -35.62
N LEU D 468 -16.83 12.06 -35.67
CA LEU D 468 -16.51 13.31 -36.33
C LEU D 468 -16.82 13.25 -37.82
N GLU D 469 -16.69 12.07 -38.43
CA GLU D 469 -17.03 11.91 -39.83
C GLU D 469 -18.51 12.12 -40.09
N TYR D 470 -19.35 11.89 -39.07
CA TYR D 470 -20.79 12.07 -39.20
C TYR D 470 -21.23 13.50 -38.93
N GLY D 471 -20.31 14.41 -38.67
CA GLY D 471 -20.60 15.83 -38.58
C GLY D 471 -20.67 16.38 -37.18
N LEU D 472 -19.59 17.00 -36.71
CA LEU D 472 -19.59 17.71 -35.44
C LEU D 472 -19.73 19.19 -35.73
N PRO D 473 -20.80 19.84 -35.27
CA PRO D 473 -20.93 21.28 -35.48
C PRO D 473 -19.80 22.01 -34.79
N PRO D 474 -19.53 23.26 -35.17
CA PRO D 474 -18.61 24.08 -34.37
C PRO D 474 -19.07 24.09 -32.92
N THR D 475 -18.13 23.82 -32.02
CA THR D 475 -18.48 23.60 -30.63
C THR D 475 -17.39 24.17 -29.73
N GLY D 476 -17.80 24.67 -28.57
CA GLY D 476 -16.87 25.08 -27.54
C GLY D 476 -17.11 24.32 -26.26
N GLY D 477 -16.11 23.57 -25.80
CA GLY D 477 -16.22 22.76 -24.60
C GLY D 477 -15.36 23.31 -23.48
N LEU D 478 -15.78 23.05 -22.24
CA LEU D 478 -15.09 23.56 -21.06
C LEU D 478 -15.11 22.51 -19.97
N GLY D 479 -14.02 22.43 -19.22
CA GLY D 479 -13.95 21.54 -18.07
C GLY D 479 -13.58 22.30 -16.83
N LEU D 480 -13.99 21.75 -15.68
CA LEU D 480 -13.76 22.37 -14.38
C LEU D 480 -13.18 21.34 -13.43
N GLY D 481 -12.32 21.83 -12.52
CA GLY D 481 -11.84 21.01 -11.43
C GLY D 481 -12.60 21.32 -10.15
N ILE D 482 -13.58 20.49 -9.81
CA ILE D 482 -14.49 20.80 -8.70
C ILE D 482 -13.73 20.88 -7.39
N ASP D 483 -12.89 19.88 -7.10
CA ASP D 483 -12.19 19.86 -5.83
C ASP D 483 -11.23 21.02 -5.69
N ARG D 484 -10.59 21.43 -6.80
CA ARG D 484 -9.64 22.54 -6.73
C ARG D 484 -10.35 23.87 -6.57
N ILE D 485 -11.49 24.05 -7.26
CA ILE D 485 -12.30 25.24 -7.03
C ILE D 485 -12.78 25.28 -5.59
N THR D 486 -13.28 24.15 -5.09
CA THR D 486 -13.75 24.07 -3.71
C THR D 486 -12.62 24.36 -2.73
N MET D 487 -11.38 24.05 -3.10
CA MET D 487 -10.23 24.36 -2.24
C MET D 487 -10.12 25.86 -1.98
N PHE D 488 -10.21 26.66 -3.05
CA PHE D 488 -9.94 28.08 -2.94
C PHE D 488 -11.11 28.86 -2.34
N LEU D 489 -12.33 28.36 -2.50
CA LEU D 489 -13.48 29.01 -1.89
C LEU D 489 -13.74 28.56 -0.46
N THR D 490 -13.11 27.48 -0.01
CA THR D 490 -13.19 27.03 1.37
C THR D 490 -11.87 27.25 2.12
N ASN D 491 -10.91 27.93 1.50
CA ASN D 491 -9.64 28.28 2.12
C ASN D 491 -8.91 27.03 2.65
N LYS D 492 -8.58 26.14 1.72
CA LYS D 492 -7.87 24.92 2.04
C LYS D 492 -6.63 24.81 1.17
N ASN D 493 -5.58 24.22 1.73
CA ASN D 493 -4.31 24.07 1.02
C ASN D 493 -4.14 22.70 0.39
N SER D 494 -4.96 21.72 0.74
CA SER D 494 -4.82 20.36 0.24
C SER D 494 -6.10 19.91 -0.46
N ILE D 495 -5.92 19.13 -1.53
CA ILE D 495 -7.04 18.47 -2.18
C ILE D 495 -7.74 17.54 -1.20
N LYS D 496 -7.01 17.01 -0.22
CA LYS D 496 -7.57 16.09 0.76
C LYS D 496 -8.53 16.78 1.72
N ASP D 497 -8.47 18.10 1.82
CA ASP D 497 -9.32 18.83 2.76
C ASP D 497 -10.73 19.07 2.23
N VAL D 498 -10.98 18.83 0.95
CA VAL D 498 -12.31 19.01 0.37
C VAL D 498 -12.75 17.71 -0.30
N ILE D 499 -12.12 16.60 0.06
CA ILE D 499 -12.51 15.28 -0.38
C ILE D 499 -12.71 14.44 0.88
N LEU D 500 -13.92 13.90 1.05
CA LEU D 500 -14.28 13.29 2.33
C LEU D 500 -13.38 12.09 2.65
N PHE D 501 -13.05 11.29 1.64
CA PHE D 501 -12.19 10.12 1.81
C PHE D 501 -11.07 10.20 0.78
N PRO D 502 -10.00 10.94 1.08
CA PRO D 502 -8.87 10.99 0.15
C PRO D 502 -8.25 9.62 -0.01
N THR D 503 -7.61 9.41 -1.15
CA THR D 503 -6.96 8.13 -1.43
C THR D 503 -5.78 7.95 -0.48
N MET D 504 -5.94 7.09 0.52
CA MET D 504 -4.94 6.86 1.54
C MET D 504 -4.36 5.45 1.43
N ARG D 505 -3.12 5.30 1.87
CA ARG D 505 -2.49 3.99 2.02
C ARG D 505 -2.97 3.37 3.33
N PRO D 506 -3.26 2.07 3.35
CA PRO D 506 -3.92 1.48 4.52
C PRO D 506 -3.03 1.47 5.75
N ALA D 507 -3.64 1.11 6.88
CA ALA D 507 -2.95 1.05 8.16
C ALA D 507 -1.94 -0.09 8.19
#